data_1THD
# 
_entry.id   1THD 
# 
_audit_conform.dict_name       mmcif_pdbx.dic 
_audit_conform.dict_version    5.386 
_audit_conform.dict_location   http://mmcif.pdb.org/dictionaries/ascii/mmcif_pdbx.dic 
# 
loop_
_database_2.database_id 
_database_2.database_code 
_database_2.pdbx_database_accession 
_database_2.pdbx_DOI 
PDB   1THD         pdb_00001thd 10.2210/pdb1thd/pdb 
RCSB  RCSB022646   ?            ?                   
WWPDB D_1000022646 ?            ?                   
# 
loop_
_pdbx_audit_revision_history.ordinal 
_pdbx_audit_revision_history.data_content_type 
_pdbx_audit_revision_history.major_revision 
_pdbx_audit_revision_history.minor_revision 
_pdbx_audit_revision_history.revision_date 
1 'Structure model' 1 0 2004-09-28 
2 'Structure model' 1 1 2008-04-30 
3 'Structure model' 1 2 2011-07-13 
4 'Structure model' 1 3 2018-07-18 
5 'Structure model' 1 4 2024-02-14 
# 
_pdbx_audit_revision_details.ordinal             1 
_pdbx_audit_revision_details.revision_ordinal    1 
_pdbx_audit_revision_details.data_content_type   'Structure model' 
_pdbx_audit_revision_details.provider            repository 
_pdbx_audit_revision_details.type                'Initial release' 
_pdbx_audit_revision_details.description         ? 
_pdbx_audit_revision_details.details             ? 
# 
loop_
_pdbx_audit_revision_group.ordinal 
_pdbx_audit_revision_group.revision_ordinal 
_pdbx_audit_revision_group.data_content_type 
_pdbx_audit_revision_group.group 
1 2 'Structure model' 'Version format compliance' 
2 3 'Structure model' 'Version format compliance' 
3 4 'Structure model' 'Data collection'           
4 5 'Structure model' 'Data collection'           
5 5 'Structure model' 'Database references'       
6 5 'Structure model' 'Derived calculations'      
7 5 'Structure model' 'Refinement description'    
# 
loop_
_pdbx_audit_revision_category.ordinal 
_pdbx_audit_revision_category.revision_ordinal 
_pdbx_audit_revision_category.data_content_type 
_pdbx_audit_revision_category.category 
1 4 'Structure model' em_image_scans                
2 4 'Structure model' em_software                   
3 5 'Structure model' chem_comp_atom                
4 5 'Structure model' chem_comp_bond                
5 5 'Structure model' database_2                    
6 5 'Structure model' em_3d_fitting_list            
7 5 'Structure model' pdbx_initial_refinement_model 
8 5 'Structure model' pdbx_struct_oper_list         
9 5 'Structure model' struct_ref_seq_dif            
# 
loop_
_pdbx_audit_revision_item.ordinal 
_pdbx_audit_revision_item.revision_ordinal 
_pdbx_audit_revision_item.data_content_type 
_pdbx_audit_revision_item.item 
1  4 'Structure model' '_em_software.image_processing_id'                
2  4 'Structure model' '_em_software.name'                               
3  5 'Structure model' '_database_2.pdbx_DOI'                            
4  5 'Structure model' '_database_2.pdbx_database_accession'             
5  5 'Structure model' '_em_3d_fitting_list.accession_code'              
6  5 'Structure model' '_em_3d_fitting_list.initial_refinement_model_id' 
7  5 'Structure model' '_em_3d_fitting_list.source_name'                 
8  5 'Structure model' '_em_3d_fitting_list.type'                        
9  5 'Structure model' '_pdbx_struct_oper_list.name'                     
10 5 'Structure model' '_pdbx_struct_oper_list.symmetry_operation'       
11 5 'Structure model' '_pdbx_struct_oper_list.type'                     
12 5 'Structure model' '_struct_ref_seq_dif.details'                     
# 
_pdbx_database_status.status_code                     REL 
_pdbx_database_status.entry_id                        1THD 
_pdbx_database_status.recvd_initial_deposition_date   2004-06-01 
_pdbx_database_status.deposit_site                    RCSB 
_pdbx_database_status.process_site                    RCSB 
_pdbx_database_status.SG_entry                        . 
_pdbx_database_status.status_code_sf                  ? 
_pdbx_database_status.status_code_mr                  ? 
_pdbx_database_status.pdb_format_compatible           Y 
_pdbx_database_status.status_code_cs                  ? 
_pdbx_database_status.methods_development_category    ? 
_pdbx_database_status.status_code_nmr_data            ? 
# 
loop_
_pdbx_database_related.db_name 
_pdbx_database_related.db_id 
_pdbx_database_related.details 
_pdbx_database_related.content_type 
PDB 1TG8 'CRYSTAL STRUCTURE OF DENGUE VIRUS E GLYCOPROTEIN' unspecified 
PDB 1P58 
;PREVIOUSLY DEPOSITED FITTING MODEL OF THE MAJOR MEMBRANE PROTEIN E BASED ON THE SAME 9.5 ANGSTROM CRYO-EM RECONSTRUCTION OF DENGUE VIRUS
;
unspecified 
# 
loop_
_audit_author.name 
_audit_author.pdbx_ordinal 
'Zhang, Y.'      1 
'Zhang, W.'      2 
'Ogata, S.'      3 
'Clements, D.'   4 
'Strauss, J.H.'  5 
'Baker, T.S.'    6 
'Kuhn, R.J.'     7 
'Rossmann, M.G.' 8 
# 
loop_
_citation.id 
_citation.title 
_citation.journal_abbrev 
_citation.journal_volume 
_citation.page_first 
_citation.page_last 
_citation.year 
_citation.journal_id_ASTM 
_citation.country 
_citation.journal_id_ISSN 
_citation.journal_id_CSD 
_citation.book_publisher 
_citation.pdbx_database_id_PubMed 
_citation.pdbx_database_id_DOI 
primary 'Conformational changes of the flavivirus e glycoprotein'                               Structure        12 1607 1618 2004 
STRUE6 UK 0969-2126 2005 ? 15341726 10.1016/j.str.2004.06.019 
1       'Visualization of membrane protein domains by cryo-electron microscopy of dengue virus' Nat.Struct.Biol. 10 907  912  2003 
NSBIEW US 1072-8368 2024 ? 14528291 10.1038/nsb990            
# 
loop_
_citation_author.citation_id 
_citation_author.name 
_citation_author.ordinal 
_citation_author.identifier_ORCID 
primary 'Zhang, Y.'        1  ? 
primary 'Zhang, W.'        2  ? 
primary 'Ogata, S.'        3  ? 
primary 'Clements, D.'     4  ? 
primary 'Strauss, J.H.'    5  ? 
primary 'Baker, T.S.'      6  ? 
primary 'Kuhn, R.J.'       7  ? 
primary 'Rossmann, M.G.'   8  ? 
1       'ZHANG, W.'        9  ? 
1       'CHIPMAN, P.R.'    10 ? 
1       'CORVER, J.'       11 ? 
1       'JOHNSON, P.R.'    12 ? 
1       'ZHANG, Y.'        13 ? 
1       'MUKHOPADHYAY, S.' 14 ? 
1       'BAKER, T.S.'      15 ? 
1       'STRAUSS, J.H.'    16 ? 
1       'ROSSMANN, M.G.'   17 ? 
1       'KUHN, R.J.'       18 ? 
# 
_entity.id                         1 
_entity.type                       polymer 
_entity.src_method                 nat 
_entity.pdbx_description           'Major envelope protein E' 
_entity.formula_weight             43863.398 
_entity.pdbx_number_of_molecules   3 
_entity.pdbx_ec                    ? 
_entity.pdbx_mutation              ? 
_entity.pdbx_fragment              ? 
_entity.details                    ? 
# 
_entity_poly.entity_id                      1 
_entity_poly.type                           'polypeptide(L)' 
_entity_poly.nstd_linkage                   no 
_entity_poly.nstd_monomer                   no 
_entity_poly.pdbx_seq_one_letter_code       
;MRCIGISNRDFVEGVSGGSWVDIVLEHGSCVTTMAKNKPTLDFELIKTEAKQPATLRKYCIEAKLTNTTTDSRCPTQGEP
TLNEEQDKRFVCKHSMVDRGWGNGCGLFGKGGIVTCAMFTCKKNMEGKIVQPENLEYTVVITPHSGEEHAVGNDTGKHGK
EVKITPQSSITEAELTGYGTVTMECSPRTGLDFNEMVLLQMKDKAWLVHRQWFLDLPLPWLPGADTQGSNWIQKETLVTF
KNPHAKKQDVVVLGSQEGAMHTALTGATEIQMSSGNLLFTGHLKCRLRMDKLQLKGMSYSMCTGKFKVVKEIAETQHGTI
VIRVQYEGDGSPCKIPFEIMDLEKRHVLGRLITVNPIVTEKDSPVNIEAEPPFGDSYIIIGVEPGQLKLDWFKKG
;
_entity_poly.pdbx_seq_one_letter_code_can   
;MRCIGISNRDFVEGVSGGSWVDIVLEHGSCVTTMAKNKPTLDFELIKTEAKQPATLRKYCIEAKLTNTTTDSRCPTQGEP
TLNEEQDKRFVCKHSMVDRGWGNGCGLFGKGGIVTCAMFTCKKNMEGKIVQPENLEYTVVITPHSGEEHAVGNDTGKHGK
EVKITPQSSITEAELTGYGTVTMECSPRTGLDFNEMVLLQMKDKAWLVHRQWFLDLPLPWLPGADTQGSNWIQKETLVTF
KNPHAKKQDVVVLGSQEGAMHTALTGATEIQMSSGNLLFTGHLKCRLRMDKLQLKGMSYSMCTGKFKVVKEIAETQHGTI
VIRVQYEGDGSPCKIPFEIMDLEKRHVLGRLITVNPIVTEKDSPVNIEAEPPFGDSYIIIGVEPGQLKLDWFKKG
;
_entity_poly.pdbx_strand_id                 A,B,C 
_entity_poly.pdbx_target_identifier         ? 
# 
loop_
_entity_poly_seq.entity_id 
_entity_poly_seq.num 
_entity_poly_seq.mon_id 
_entity_poly_seq.hetero 
1 1   MET n 
1 2   ARG n 
1 3   CYS n 
1 4   ILE n 
1 5   GLY n 
1 6   ILE n 
1 7   SER n 
1 8   ASN n 
1 9   ARG n 
1 10  ASP n 
1 11  PHE n 
1 12  VAL n 
1 13  GLU n 
1 14  GLY n 
1 15  VAL n 
1 16  SER n 
1 17  GLY n 
1 18  GLY n 
1 19  SER n 
1 20  TRP n 
1 21  VAL n 
1 22  ASP n 
1 23  ILE n 
1 24  VAL n 
1 25  LEU n 
1 26  GLU n 
1 27  HIS n 
1 28  GLY n 
1 29  SER n 
1 30  CYS n 
1 31  VAL n 
1 32  THR n 
1 33  THR n 
1 34  MET n 
1 35  ALA n 
1 36  LYS n 
1 37  ASN n 
1 38  LYS n 
1 39  PRO n 
1 40  THR n 
1 41  LEU n 
1 42  ASP n 
1 43  PHE n 
1 44  GLU n 
1 45  LEU n 
1 46  ILE n 
1 47  LYS n 
1 48  THR n 
1 49  GLU n 
1 50  ALA n 
1 51  LYS n 
1 52  GLN n 
1 53  PRO n 
1 54  ALA n 
1 55  THR n 
1 56  LEU n 
1 57  ARG n 
1 58  LYS n 
1 59  TYR n 
1 60  CYS n 
1 61  ILE n 
1 62  GLU n 
1 63  ALA n 
1 64  LYS n 
1 65  LEU n 
1 66  THR n 
1 67  ASN n 
1 68  THR n 
1 69  THR n 
1 70  THR n 
1 71  ASP n 
1 72  SER n 
1 73  ARG n 
1 74  CYS n 
1 75  PRO n 
1 76  THR n 
1 77  GLN n 
1 78  GLY n 
1 79  GLU n 
1 80  PRO n 
1 81  THR n 
1 82  LEU n 
1 83  ASN n 
1 84  GLU n 
1 85  GLU n 
1 86  GLN n 
1 87  ASP n 
1 88  LYS n 
1 89  ARG n 
1 90  PHE n 
1 91  VAL n 
1 92  CYS n 
1 93  LYS n 
1 94  HIS n 
1 95  SER n 
1 96  MET n 
1 97  VAL n 
1 98  ASP n 
1 99  ARG n 
1 100 GLY n 
1 101 TRP n 
1 102 GLY n 
1 103 ASN n 
1 104 GLY n 
1 105 CYS n 
1 106 GLY n 
1 107 LEU n 
1 108 PHE n 
1 109 GLY n 
1 110 LYS n 
1 111 GLY n 
1 112 GLY n 
1 113 ILE n 
1 114 VAL n 
1 115 THR n 
1 116 CYS n 
1 117 ALA n 
1 118 MET n 
1 119 PHE n 
1 120 THR n 
1 121 CYS n 
1 122 LYS n 
1 123 LYS n 
1 124 ASN n 
1 125 MET n 
1 126 GLU n 
1 127 GLY n 
1 128 LYS n 
1 129 ILE n 
1 130 VAL n 
1 131 GLN n 
1 132 PRO n 
1 133 GLU n 
1 134 ASN n 
1 135 LEU n 
1 136 GLU n 
1 137 TYR n 
1 138 THR n 
1 139 VAL n 
1 140 VAL n 
1 141 ILE n 
1 142 THR n 
1 143 PRO n 
1 144 HIS n 
1 145 SER n 
1 146 GLY n 
1 147 GLU n 
1 148 GLU n 
1 149 HIS n 
1 150 ALA n 
1 151 VAL n 
1 152 GLY n 
1 153 ASN n 
1 154 ASP n 
1 155 THR n 
1 156 GLY n 
1 157 LYS n 
1 158 HIS n 
1 159 GLY n 
1 160 LYS n 
1 161 GLU n 
1 162 VAL n 
1 163 LYS n 
1 164 ILE n 
1 165 THR n 
1 166 PRO n 
1 167 GLN n 
1 168 SER n 
1 169 SER n 
1 170 ILE n 
1 171 THR n 
1 172 GLU n 
1 173 ALA n 
1 174 GLU n 
1 175 LEU n 
1 176 THR n 
1 177 GLY n 
1 178 TYR n 
1 179 GLY n 
1 180 THR n 
1 181 VAL n 
1 182 THR n 
1 183 MET n 
1 184 GLU n 
1 185 CYS n 
1 186 SER n 
1 187 PRO n 
1 188 ARG n 
1 189 THR n 
1 190 GLY n 
1 191 LEU n 
1 192 ASP n 
1 193 PHE n 
1 194 ASN n 
1 195 GLU n 
1 196 MET n 
1 197 VAL n 
1 198 LEU n 
1 199 LEU n 
1 200 GLN n 
1 201 MET n 
1 202 LYS n 
1 203 ASP n 
1 204 LYS n 
1 205 ALA n 
1 206 TRP n 
1 207 LEU n 
1 208 VAL n 
1 209 HIS n 
1 210 ARG n 
1 211 GLN n 
1 212 TRP n 
1 213 PHE n 
1 214 LEU n 
1 215 ASP n 
1 216 LEU n 
1 217 PRO n 
1 218 LEU n 
1 219 PRO n 
1 220 TRP n 
1 221 LEU n 
1 222 PRO n 
1 223 GLY n 
1 224 ALA n 
1 225 ASP n 
1 226 THR n 
1 227 GLN n 
1 228 GLY n 
1 229 SER n 
1 230 ASN n 
1 231 TRP n 
1 232 ILE n 
1 233 GLN n 
1 234 LYS n 
1 235 GLU n 
1 236 THR n 
1 237 LEU n 
1 238 VAL n 
1 239 THR n 
1 240 PHE n 
1 241 LYS n 
1 242 ASN n 
1 243 PRO n 
1 244 HIS n 
1 245 ALA n 
1 246 LYS n 
1 247 LYS n 
1 248 GLN n 
1 249 ASP n 
1 250 VAL n 
1 251 VAL n 
1 252 VAL n 
1 253 LEU n 
1 254 GLY n 
1 255 SER n 
1 256 GLN n 
1 257 GLU n 
1 258 GLY n 
1 259 ALA n 
1 260 MET n 
1 261 HIS n 
1 262 THR n 
1 263 ALA n 
1 264 LEU n 
1 265 THR n 
1 266 GLY n 
1 267 ALA n 
1 268 THR n 
1 269 GLU n 
1 270 ILE n 
1 271 GLN n 
1 272 MET n 
1 273 SER n 
1 274 SER n 
1 275 GLY n 
1 276 ASN n 
1 277 LEU n 
1 278 LEU n 
1 279 PHE n 
1 280 THR n 
1 281 GLY n 
1 282 HIS n 
1 283 LEU n 
1 284 LYS n 
1 285 CYS n 
1 286 ARG n 
1 287 LEU n 
1 288 ARG n 
1 289 MET n 
1 290 ASP n 
1 291 LYS n 
1 292 LEU n 
1 293 GLN n 
1 294 LEU n 
1 295 LYS n 
1 296 GLY n 
1 297 MET n 
1 298 SER n 
1 299 TYR n 
1 300 SER n 
1 301 MET n 
1 302 CYS n 
1 303 THR n 
1 304 GLY n 
1 305 LYS n 
1 306 PHE n 
1 307 LYS n 
1 308 VAL n 
1 309 VAL n 
1 310 LYS n 
1 311 GLU n 
1 312 ILE n 
1 313 ALA n 
1 314 GLU n 
1 315 THR n 
1 316 GLN n 
1 317 HIS n 
1 318 GLY n 
1 319 THR n 
1 320 ILE n 
1 321 VAL n 
1 322 ILE n 
1 323 ARG n 
1 324 VAL n 
1 325 GLN n 
1 326 TYR n 
1 327 GLU n 
1 328 GLY n 
1 329 ASP n 
1 330 GLY n 
1 331 SER n 
1 332 PRO n 
1 333 CYS n 
1 334 LYS n 
1 335 ILE n 
1 336 PRO n 
1 337 PHE n 
1 338 GLU n 
1 339 ILE n 
1 340 MET n 
1 341 ASP n 
1 342 LEU n 
1 343 GLU n 
1 344 LYS n 
1 345 ARG n 
1 346 HIS n 
1 347 VAL n 
1 348 LEU n 
1 349 GLY n 
1 350 ARG n 
1 351 LEU n 
1 352 ILE n 
1 353 THR n 
1 354 VAL n 
1 355 ASN n 
1 356 PRO n 
1 357 ILE n 
1 358 VAL n 
1 359 THR n 
1 360 GLU n 
1 361 LYS n 
1 362 ASP n 
1 363 SER n 
1 364 PRO n 
1 365 VAL n 
1 366 ASN n 
1 367 ILE n 
1 368 GLU n 
1 369 ALA n 
1 370 GLU n 
1 371 PRO n 
1 372 PRO n 
1 373 PHE n 
1 374 GLY n 
1 375 ASP n 
1 376 SER n 
1 377 TYR n 
1 378 ILE n 
1 379 ILE n 
1 380 ILE n 
1 381 GLY n 
1 382 VAL n 
1 383 GLU n 
1 384 PRO n 
1 385 GLY n 
1 386 GLN n 
1 387 LEU n 
1 388 LYS n 
1 389 LEU n 
1 390 ASP n 
1 391 TRP n 
1 392 PHE n 
1 393 LYS n 
1 394 LYS n 
1 395 GLY n 
# 
_entity_src_nat.entity_id                  1 
_entity_src_nat.pdbx_src_id                1 
_entity_src_nat.pdbx_alt_source_flag       sample 
_entity_src_nat.pdbx_beg_seq_num           ? 
_entity_src_nat.pdbx_end_seq_num           ? 
_entity_src_nat.common_name                ? 
_entity_src_nat.pdbx_organism_scientific   'Dengue virus 2 Puerto Rico/PR159-S1/1969' 
_entity_src_nat.pdbx_ncbi_taxonomy_id      11066 
_entity_src_nat.genus                      Flavivirus 
_entity_src_nat.species                    'Dengue virus' 
_entity_src_nat.strain                     PR159-S1 
_entity_src_nat.tissue                     ? 
_entity_src_nat.tissue_fraction            ? 
_entity_src_nat.pdbx_secretion             ? 
_entity_src_nat.pdbx_fragment              ? 
_entity_src_nat.pdbx_variant               ? 
_entity_src_nat.pdbx_cell_line             ? 
_entity_src_nat.pdbx_atcc                  ? 
_entity_src_nat.pdbx_cellular_location     ? 
_entity_src_nat.pdbx_organ                 ? 
_entity_src_nat.pdbx_organelle             ? 
_entity_src_nat.pdbx_cell                  ? 
_entity_src_nat.pdbx_plasmid_name          ? 
_entity_src_nat.pdbx_plasmid_details       ? 
_entity_src_nat.details                    ? 
# 
loop_
_chem_comp.id 
_chem_comp.type 
_chem_comp.mon_nstd_flag 
_chem_comp.name 
_chem_comp.pdbx_synonyms 
_chem_comp.formula 
_chem_comp.formula_weight 
ALA 'L-peptide linking' y ALANINE         ? 'C3 H7 N O2'     89.093  
ARG 'L-peptide linking' y ARGININE        ? 'C6 H15 N4 O2 1' 175.209 
ASN 'L-peptide linking' y ASPARAGINE      ? 'C4 H8 N2 O3'    132.118 
ASP 'L-peptide linking' y 'ASPARTIC ACID' ? 'C4 H7 N O4'     133.103 
CYS 'L-peptide linking' y CYSTEINE        ? 'C3 H7 N O2 S'   121.158 
GLN 'L-peptide linking' y GLUTAMINE       ? 'C5 H10 N2 O3'   146.144 
GLU 'L-peptide linking' y 'GLUTAMIC ACID' ? 'C5 H9 N O4'     147.129 
GLY 'peptide linking'   y GLYCINE         ? 'C2 H5 N O2'     75.067  
HIS 'L-peptide linking' y HISTIDINE       ? 'C6 H10 N3 O2 1' 156.162 
ILE 'L-peptide linking' y ISOLEUCINE      ? 'C6 H13 N O2'    131.173 
LEU 'L-peptide linking' y LEUCINE         ? 'C6 H13 N O2'    131.173 
LYS 'L-peptide linking' y LYSINE          ? 'C6 H15 N2 O2 1' 147.195 
MET 'L-peptide linking' y METHIONINE      ? 'C5 H11 N O2 S'  149.211 
PHE 'L-peptide linking' y PHENYLALANINE   ? 'C9 H11 N O2'    165.189 
PRO 'L-peptide linking' y PROLINE         ? 'C5 H9 N O2'     115.130 
SER 'L-peptide linking' y SERINE          ? 'C3 H7 N O3'     105.093 
THR 'L-peptide linking' y THREONINE       ? 'C4 H9 N O3'     119.119 
TRP 'L-peptide linking' y TRYPTOPHAN      ? 'C11 H12 N2 O2'  204.225 
TYR 'L-peptide linking' y TYROSINE        ? 'C9 H11 N O3'    181.189 
VAL 'L-peptide linking' y VALINE          ? 'C5 H11 N O2'    117.146 
# 
loop_
_pdbx_poly_seq_scheme.asym_id 
_pdbx_poly_seq_scheme.entity_id 
_pdbx_poly_seq_scheme.seq_id 
_pdbx_poly_seq_scheme.mon_id 
_pdbx_poly_seq_scheme.ndb_seq_num 
_pdbx_poly_seq_scheme.pdb_seq_num 
_pdbx_poly_seq_scheme.auth_seq_num 
_pdbx_poly_seq_scheme.pdb_mon_id 
_pdbx_poly_seq_scheme.auth_mon_id 
_pdbx_poly_seq_scheme.pdb_strand_id 
_pdbx_poly_seq_scheme.pdb_ins_code 
_pdbx_poly_seq_scheme.hetero 
A 1 1   MET 1   1   1   MET MET A . n 
A 1 2   ARG 2   2   2   ARG ARG A . n 
A 1 3   CYS 3   3   3   CYS CYS A . n 
A 1 4   ILE 4   4   4   ILE ILE A . n 
A 1 5   GLY 5   5   5   GLY GLY A . n 
A 1 6   ILE 6   6   6   ILE ILE A . n 
A 1 7   SER 7   7   7   SER SER A . n 
A 1 8   ASN 8   8   8   ASN ASN A . n 
A 1 9   ARG 9   9   9   ARG ARG A . n 
A 1 10  ASP 10  10  10  ASP ASP A . n 
A 1 11  PHE 11  11  11  PHE PHE A . n 
A 1 12  VAL 12  12  12  VAL VAL A . n 
A 1 13  GLU 13  13  13  GLU GLU A . n 
A 1 14  GLY 14  14  14  GLY GLY A . n 
A 1 15  VAL 15  15  15  VAL VAL A . n 
A 1 16  SER 16  16  16  SER SER A . n 
A 1 17  GLY 17  17  ?   ?   ?   A . n 
A 1 18  GLY 18  18  ?   ?   ?   A . n 
A 1 19  SER 19  19  19  SER SER A . n 
A 1 20  TRP 20  20  20  TRP TRP A . n 
A 1 21  VAL 21  21  21  VAL VAL A . n 
A 1 22  ASP 22  22  22  ASP ASP A . n 
A 1 23  ILE 23  23  23  ILE ILE A . n 
A 1 24  VAL 24  24  24  VAL VAL A . n 
A 1 25  LEU 25  25  25  LEU LEU A . n 
A 1 26  GLU 26  26  26  GLU GLU A . n 
A 1 27  HIS 27  27  27  HIS HIS A . n 
A 1 28  GLY 28  28  28  GLY GLY A . n 
A 1 29  SER 29  29  29  SER SER A . n 
A 1 30  CYS 30  30  30  CYS CYS A . n 
A 1 31  VAL 31  31  31  VAL VAL A . n 
A 1 32  THR 32  32  32  THR THR A . n 
A 1 33  THR 33  33  33  THR THR A . n 
A 1 34  MET 34  34  34  MET MET A . n 
A 1 35  ALA 35  35  35  ALA ALA A . n 
A 1 36  LYS 36  36  36  LYS LYS A . n 
A 1 37  ASN 37  37  37  ASN ASN A . n 
A 1 38  LYS 38  38  38  LYS LYS A . n 
A 1 39  PRO 39  39  39  PRO PRO A . n 
A 1 40  THR 40  40  40  THR THR A . n 
A 1 41  LEU 41  41  41  LEU LEU A . n 
A 1 42  ASP 42  42  42  ASP ASP A . n 
A 1 43  PHE 43  43  43  PHE PHE A . n 
A 1 44  GLU 44  44  44  GLU GLU A . n 
A 1 45  LEU 45  45  45  LEU LEU A . n 
A 1 46  ILE 46  46  46  ILE ILE A . n 
A 1 47  LYS 47  47  47  LYS LYS A . n 
A 1 48  THR 48  48  48  THR THR A . n 
A 1 49  GLU 49  49  49  GLU GLU A . n 
A 1 50  ALA 50  50  50  ALA ALA A . n 
A 1 51  LYS 51  51  51  LYS LYS A . n 
A 1 52  GLN 52  52  52  GLN GLN A . n 
A 1 53  PRO 53  53  53  PRO PRO A . n 
A 1 54  ALA 54  54  54  ALA ALA A . n 
A 1 55  THR 55  55  55  THR THR A . n 
A 1 56  LEU 56  56  56  LEU LEU A . n 
A 1 57  ARG 57  57  57  ARG ARG A . n 
A 1 58  LYS 58  58  58  LYS LYS A . n 
A 1 59  TYR 59  59  59  TYR TYR A . n 
A 1 60  CYS 60  60  60  CYS CYS A . n 
A 1 61  ILE 61  61  61  ILE ILE A . n 
A 1 62  GLU 62  62  62  GLU GLU A . n 
A 1 63  ALA 63  63  63  ALA ALA A . n 
A 1 64  LYS 64  64  64  LYS LYS A . n 
A 1 65  LEU 65  65  65  LEU LEU A . n 
A 1 66  THR 66  66  66  THR THR A . n 
A 1 67  ASN 67  67  67  ASN ASN A . n 
A 1 68  THR 68  68  68  THR THR A . n 
A 1 69  THR 69  69  69  THR THR A . n 
A 1 70  THR 70  70  70  THR THR A . n 
A 1 71  ASP 71  71  71  ASP ASP A . n 
A 1 72  SER 72  72  72  SER SER A . n 
A 1 73  ARG 73  73  73  ARG ARG A . n 
A 1 74  CYS 74  74  74  CYS CYS A . n 
A 1 75  PRO 75  75  75  PRO PRO A . n 
A 1 76  THR 76  76  76  THR THR A . n 
A 1 77  GLN 77  77  77  GLN GLN A . n 
A 1 78  GLY 78  78  78  GLY GLY A . n 
A 1 79  GLU 79  79  79  GLU GLU A . n 
A 1 80  PRO 80  80  80  PRO PRO A . n 
A 1 81  THR 81  81  81  THR THR A . n 
A 1 82  LEU 82  82  82  LEU LEU A . n 
A 1 83  ASN 83  83  83  ASN ASN A . n 
A 1 84  GLU 84  84  84  GLU GLU A . n 
A 1 85  GLU 85  85  85  GLU GLU A . n 
A 1 86  GLN 86  86  86  GLN GLN A . n 
A 1 87  ASP 87  87  87  ASP ASP A . n 
A 1 88  LYS 88  88  88  LYS LYS A . n 
A 1 89  ARG 89  89  89  ARG ARG A . n 
A 1 90  PHE 90  90  90  PHE PHE A . n 
A 1 91  VAL 91  91  91  VAL VAL A . n 
A 1 92  CYS 92  92  92  CYS CYS A . n 
A 1 93  LYS 93  93  93  LYS LYS A . n 
A 1 94  HIS 94  94  94  HIS HIS A . n 
A 1 95  SER 95  95  95  SER SER A . n 
A 1 96  MET 96  96  96  MET MET A . n 
A 1 97  VAL 97  97  97  VAL VAL A . n 
A 1 98  ASP 98  98  98  ASP ASP A . n 
A 1 99  ARG 99  99  99  ARG ARG A . n 
A 1 100 GLY 100 100 100 GLY GLY A . n 
A 1 101 TRP 101 101 101 TRP TRP A . n 
A 1 102 GLY 102 102 102 GLY GLY A . n 
A 1 103 ASN 103 103 103 ASN ASN A . n 
A 1 104 GLY 104 104 104 GLY GLY A . n 
A 1 105 CYS 105 105 105 CYS CYS A . n 
A 1 106 GLY 106 106 106 GLY GLY A . n 
A 1 107 LEU 107 107 107 LEU LEU A . n 
A 1 108 PHE 108 108 108 PHE PHE A . n 
A 1 109 GLY 109 109 109 GLY GLY A . n 
A 1 110 LYS 110 110 110 LYS LYS A . n 
A 1 111 GLY 111 111 111 GLY GLY A . n 
A 1 112 GLY 112 112 112 GLY GLY A . n 
A 1 113 ILE 113 113 113 ILE ILE A . n 
A 1 114 VAL 114 114 114 VAL VAL A . n 
A 1 115 THR 115 115 115 THR THR A . n 
A 1 116 CYS 116 116 116 CYS CYS A . n 
A 1 117 ALA 117 117 117 ALA ALA A . n 
A 1 118 MET 118 118 118 MET MET A . n 
A 1 119 PHE 119 119 119 PHE PHE A . n 
A 1 120 THR 120 120 120 THR THR A . n 
A 1 121 CYS 121 121 121 CYS CYS A . n 
A 1 122 LYS 122 122 122 LYS LYS A . n 
A 1 123 LYS 123 123 123 LYS LYS A . n 
A 1 124 ASN 124 124 124 ASN ASN A . n 
A 1 125 MET 125 125 125 MET MET A . n 
A 1 126 GLU 126 126 126 GLU GLU A . n 
A 1 127 GLY 127 127 127 GLY GLY A . n 
A 1 128 LYS 128 128 128 LYS LYS A . n 
A 1 129 ILE 129 129 129 ILE ILE A . n 
A 1 130 VAL 130 130 130 VAL VAL A . n 
A 1 131 GLN 131 131 131 GLN GLN A . n 
A 1 132 PRO 132 132 132 PRO PRO A . n 
A 1 133 GLU 133 133 133 GLU GLU A . n 
A 1 134 ASN 134 134 134 ASN ASN A . n 
A 1 135 LEU 135 135 135 LEU LEU A . n 
A 1 136 GLU 136 136 136 GLU GLU A . n 
A 1 137 TYR 137 137 137 TYR TYR A . n 
A 1 138 THR 138 138 138 THR THR A . n 
A 1 139 VAL 139 139 139 VAL VAL A . n 
A 1 140 VAL 140 140 140 VAL VAL A . n 
A 1 141 ILE 141 141 141 ILE ILE A . n 
A 1 142 THR 142 142 142 THR THR A . n 
A 1 143 PRO 143 143 143 PRO PRO A . n 
A 1 144 HIS 144 144 144 HIS HIS A . n 
A 1 145 SER 145 145 145 SER SER A . n 
A 1 146 GLY 146 146 146 GLY GLY A . n 
A 1 147 GLU 147 147 147 GLU GLU A . n 
A 1 148 GLU 148 148 148 GLU GLU A . n 
A 1 149 HIS 149 149 149 HIS HIS A . n 
A 1 150 ALA 150 150 150 ALA ALA A . n 
A 1 151 VAL 151 151 151 VAL VAL A . n 
A 1 152 GLY 152 152 152 GLY GLY A . n 
A 1 153 ASN 153 153 153 ASN ASN A . n 
A 1 154 ASP 154 154 154 ASP ASP A . n 
A 1 155 THR 155 155 155 THR THR A . n 
A 1 156 GLY 156 156 156 GLY GLY A . n 
A 1 157 LYS 157 157 157 LYS LYS A . n 
A 1 158 HIS 158 158 158 HIS HIS A . n 
A 1 159 GLY 159 159 159 GLY GLY A . n 
A 1 160 LYS 160 160 160 LYS LYS A . n 
A 1 161 GLU 161 161 161 GLU GLU A . n 
A 1 162 VAL 162 162 162 VAL VAL A . n 
A 1 163 LYS 163 163 163 LYS LYS A . n 
A 1 164 ILE 164 164 164 ILE ILE A . n 
A 1 165 THR 165 165 165 THR THR A . n 
A 1 166 PRO 166 166 166 PRO PRO A . n 
A 1 167 GLN 167 167 167 GLN GLN A . n 
A 1 168 SER 168 168 168 SER SER A . n 
A 1 169 SER 169 169 169 SER SER A . n 
A 1 170 ILE 170 170 170 ILE ILE A . n 
A 1 171 THR 171 171 171 THR THR A . n 
A 1 172 GLU 172 172 172 GLU GLU A . n 
A 1 173 ALA 173 173 173 ALA ALA A . n 
A 1 174 GLU 174 174 174 GLU GLU A . n 
A 1 175 LEU 175 175 175 LEU LEU A . n 
A 1 176 THR 176 176 176 THR THR A . n 
A 1 177 GLY 177 177 177 GLY GLY A . n 
A 1 178 TYR 178 178 178 TYR TYR A . n 
A 1 179 GLY 179 179 179 GLY GLY A . n 
A 1 180 THR 180 180 180 THR THR A . n 
A 1 181 VAL 181 181 181 VAL VAL A . n 
A 1 182 THR 182 182 182 THR THR A . n 
A 1 183 MET 183 183 183 MET MET A . n 
A 1 184 GLU 184 184 184 GLU GLU A . n 
A 1 185 CYS 185 185 185 CYS CYS A . n 
A 1 186 SER 186 186 186 SER SER A . n 
A 1 187 PRO 187 187 187 PRO PRO A . n 
A 1 188 ARG 188 188 188 ARG ARG A . n 
A 1 189 THR 189 189 189 THR THR A . n 
A 1 190 GLY 190 190 190 GLY GLY A . n 
A 1 191 LEU 191 191 191 LEU LEU A . n 
A 1 192 ASP 192 192 192 ASP ASP A . n 
A 1 193 PHE 193 193 193 PHE PHE A . n 
A 1 194 ASN 194 194 194 ASN ASN A . n 
A 1 195 GLU 195 195 195 GLU GLU A . n 
A 1 196 MET 196 196 196 MET MET A . n 
A 1 197 VAL 197 197 197 VAL VAL A . n 
A 1 198 LEU 198 198 198 LEU LEU A . n 
A 1 199 LEU 199 199 199 LEU LEU A . n 
A 1 200 GLN 200 200 200 GLN GLN A . n 
A 1 201 MET 201 201 201 MET MET A . n 
A 1 202 LYS 202 202 202 LYS LYS A . n 
A 1 203 ASP 203 203 203 ASP ASP A . n 
A 1 204 LYS 204 204 204 LYS LYS A . n 
A 1 205 ALA 205 205 205 ALA ALA A . n 
A 1 206 TRP 206 206 206 TRP TRP A . n 
A 1 207 LEU 207 207 207 LEU LEU A . n 
A 1 208 VAL 208 208 208 VAL VAL A . n 
A 1 209 HIS 209 209 209 HIS HIS A . n 
A 1 210 ARG 210 210 210 ARG ARG A . n 
A 1 211 GLN 211 211 211 GLN GLN A . n 
A 1 212 TRP 212 212 212 TRP TRP A . n 
A 1 213 PHE 213 213 213 PHE PHE A . n 
A 1 214 LEU 214 214 214 LEU LEU A . n 
A 1 215 ASP 215 215 215 ASP ASP A . n 
A 1 216 LEU 216 216 216 LEU LEU A . n 
A 1 217 PRO 217 217 217 PRO PRO A . n 
A 1 218 LEU 218 218 218 LEU LEU A . n 
A 1 219 PRO 219 219 219 PRO PRO A . n 
A 1 220 TRP 220 220 220 TRP TRP A . n 
A 1 221 LEU 221 221 221 LEU LEU A . n 
A 1 222 PRO 222 222 222 PRO PRO A . n 
A 1 223 GLY 223 223 223 GLY GLY A . n 
A 1 224 ALA 224 224 224 ALA ALA A . n 
A 1 225 ASP 225 225 ?   ?   ?   A . n 
A 1 226 THR 226 226 ?   ?   ?   A . n 
A 1 227 GLN 227 227 ?   ?   ?   A . n 
A 1 228 GLY 228 228 228 GLY GLY A . n 
A 1 229 SER 229 229 229 SER SER A . n 
A 1 230 ASN 230 230 230 ASN ASN A . n 
A 1 231 TRP 231 231 231 TRP TRP A . n 
A 1 232 ILE 232 232 232 ILE ILE A . n 
A 1 233 GLN 233 233 233 GLN GLN A . n 
A 1 234 LYS 234 234 234 LYS LYS A . n 
A 1 235 GLU 235 235 235 GLU GLU A . n 
A 1 236 THR 236 236 236 THR THR A . n 
A 1 237 LEU 237 237 237 LEU LEU A . n 
A 1 238 VAL 238 238 238 VAL VAL A . n 
A 1 239 THR 239 239 239 THR THR A . n 
A 1 240 PHE 240 240 240 PHE PHE A . n 
A 1 241 LYS 241 241 241 LYS LYS A . n 
A 1 242 ASN 242 242 242 ASN ASN A . n 
A 1 243 PRO 243 243 243 PRO PRO A . n 
A 1 244 HIS 244 244 244 HIS HIS A . n 
A 1 245 ALA 245 245 245 ALA ALA A . n 
A 1 246 LYS 246 246 246 LYS LYS A . n 
A 1 247 LYS 247 247 247 LYS LYS A . n 
A 1 248 GLN 248 248 248 GLN GLN A . n 
A 1 249 ASP 249 249 249 ASP ASP A . n 
A 1 250 VAL 250 250 250 VAL VAL A . n 
A 1 251 VAL 251 251 251 VAL VAL A . n 
A 1 252 VAL 252 252 252 VAL VAL A . n 
A 1 253 LEU 253 253 253 LEU LEU A . n 
A 1 254 GLY 254 254 254 GLY GLY A . n 
A 1 255 SER 255 255 255 SER SER A . n 
A 1 256 GLN 256 256 256 GLN GLN A . n 
A 1 257 GLU 257 257 257 GLU GLU A . n 
A 1 258 GLY 258 258 258 GLY GLY A . n 
A 1 259 ALA 259 259 259 ALA ALA A . n 
A 1 260 MET 260 260 260 MET MET A . n 
A 1 261 HIS 261 261 261 HIS HIS A . n 
A 1 262 THR 262 262 262 THR THR A . n 
A 1 263 ALA 263 263 263 ALA ALA A . n 
A 1 264 LEU 264 264 264 LEU LEU A . n 
A 1 265 THR 265 265 265 THR THR A . n 
A 1 266 GLY 266 266 266 GLY GLY A . n 
A 1 267 ALA 267 267 267 ALA ALA A . n 
A 1 268 THR 268 268 268 THR THR A . n 
A 1 269 GLU 269 269 269 GLU GLU A . n 
A 1 270 ILE 270 270 270 ILE ILE A . n 
A 1 271 GLN 271 271 271 GLN GLN A . n 
A 1 272 MET 272 272 272 MET MET A . n 
A 1 273 SER 273 273 273 SER SER A . n 
A 1 274 SER 274 274 274 SER SER A . n 
A 1 275 GLY 275 275 275 GLY GLY A . n 
A 1 276 ASN 276 276 276 ASN ASN A . n 
A 1 277 LEU 277 277 277 LEU LEU A . n 
A 1 278 LEU 278 278 278 LEU LEU A . n 
A 1 279 PHE 279 279 279 PHE PHE A . n 
A 1 280 THR 280 280 280 THR THR A . n 
A 1 281 GLY 281 281 281 GLY GLY A . n 
A 1 282 HIS 282 282 282 HIS HIS A . n 
A 1 283 LEU 283 283 283 LEU LEU A . n 
A 1 284 LYS 284 284 284 LYS LYS A . n 
A 1 285 CYS 285 285 285 CYS CYS A . n 
A 1 286 ARG 286 286 286 ARG ARG A . n 
A 1 287 LEU 287 287 287 LEU LEU A . n 
A 1 288 ARG 288 288 288 ARG ARG A . n 
A 1 289 MET 289 289 289 MET MET A . n 
A 1 290 ASP 290 290 290 ASP ASP A . n 
A 1 291 LYS 291 291 291 LYS LYS A . n 
A 1 292 LEU 292 292 292 LEU LEU A . n 
A 1 293 GLN 293 293 293 GLN GLN A . n 
A 1 294 LEU 294 294 294 LEU LEU A . n 
A 1 295 LYS 295 295 295 LYS LYS A . n 
A 1 296 GLY 296 296 296 GLY GLY A . n 
A 1 297 MET 297 297 297 MET MET A . n 
A 1 298 SER 298 298 298 SER SER A . n 
A 1 299 TYR 299 299 299 TYR TYR A . n 
A 1 300 SER 300 300 300 SER SER A . n 
A 1 301 MET 301 301 301 MET MET A . n 
A 1 302 CYS 302 302 302 CYS CYS A . n 
A 1 303 THR 303 303 303 THR THR A . n 
A 1 304 GLY 304 304 304 GLY GLY A . n 
A 1 305 LYS 305 305 305 LYS LYS A . n 
A 1 306 PHE 306 306 306 PHE PHE A . n 
A 1 307 LYS 307 307 307 LYS LYS A . n 
A 1 308 VAL 308 308 308 VAL VAL A . n 
A 1 309 VAL 309 309 309 VAL VAL A . n 
A 1 310 LYS 310 310 310 LYS LYS A . n 
A 1 311 GLU 311 311 311 GLU GLU A . n 
A 1 312 ILE 312 312 312 ILE ILE A . n 
A 1 313 ALA 313 313 313 ALA ALA A . n 
A 1 314 GLU 314 314 314 GLU GLU A . n 
A 1 315 THR 315 315 315 THR THR A . n 
A 1 316 GLN 316 316 316 GLN GLN A . n 
A 1 317 HIS 317 317 317 HIS HIS A . n 
A 1 318 GLY 318 318 318 GLY GLY A . n 
A 1 319 THR 319 319 319 THR THR A . n 
A 1 320 ILE 320 320 320 ILE ILE A . n 
A 1 321 VAL 321 321 321 VAL VAL A . n 
A 1 322 ILE 322 322 322 ILE ILE A . n 
A 1 323 ARG 323 323 323 ARG ARG A . n 
A 1 324 VAL 324 324 324 VAL VAL A . n 
A 1 325 GLN 325 325 325 GLN GLN A . n 
A 1 326 TYR 326 326 326 TYR TYR A . n 
A 1 327 GLU 327 327 327 GLU GLU A . n 
A 1 328 GLY 328 328 328 GLY GLY A . n 
A 1 329 ASP 329 329 329 ASP ASP A . n 
A 1 330 GLY 330 330 330 GLY GLY A . n 
A 1 331 SER 331 331 331 SER SER A . n 
A 1 332 PRO 332 332 332 PRO PRO A . n 
A 1 333 CYS 333 333 333 CYS CYS A . n 
A 1 334 LYS 334 334 334 LYS LYS A . n 
A 1 335 ILE 335 335 335 ILE ILE A . n 
A 1 336 PRO 336 336 336 PRO PRO A . n 
A 1 337 PHE 337 337 337 PHE PHE A . n 
A 1 338 GLU 338 338 338 GLU GLU A . n 
A 1 339 ILE 339 339 339 ILE ILE A . n 
A 1 340 MET 340 340 340 MET MET A . n 
A 1 341 ASP 341 341 341 ASP ASP A . n 
A 1 342 LEU 342 342 342 LEU LEU A . n 
A 1 343 GLU 343 343 343 GLU GLU A . n 
A 1 344 LYS 344 344 344 LYS LYS A . n 
A 1 345 ARG 345 345 345 ARG ARG A . n 
A 1 346 HIS 346 346 346 HIS HIS A . n 
A 1 347 VAL 347 347 347 VAL VAL A . n 
A 1 348 LEU 348 348 348 LEU LEU A . n 
A 1 349 GLY 349 349 349 GLY GLY A . n 
A 1 350 ARG 350 350 350 ARG ARG A . n 
A 1 351 LEU 351 351 351 LEU LEU A . n 
A 1 352 ILE 352 352 352 ILE ILE A . n 
A 1 353 THR 353 353 353 THR THR A . n 
A 1 354 VAL 354 354 354 VAL VAL A . n 
A 1 355 ASN 355 355 355 ASN ASN A . n 
A 1 356 PRO 356 356 356 PRO PRO A . n 
A 1 357 ILE 357 357 357 ILE ILE A . n 
A 1 358 VAL 358 358 358 VAL VAL A . n 
A 1 359 THR 359 359 359 THR THR A . n 
A 1 360 GLU 360 360 360 GLU GLU A . n 
A 1 361 LYS 361 361 361 LYS LYS A . n 
A 1 362 ASP 362 362 362 ASP ASP A . n 
A 1 363 SER 363 363 363 SER SER A . n 
A 1 364 PRO 364 364 364 PRO PRO A . n 
A 1 365 VAL 365 365 365 VAL VAL A . n 
A 1 366 ASN 366 366 366 ASN ASN A . n 
A 1 367 ILE 367 367 367 ILE ILE A . n 
A 1 368 GLU 368 368 368 GLU GLU A . n 
A 1 369 ALA 369 369 369 ALA ALA A . n 
A 1 370 GLU 370 370 370 GLU GLU A . n 
A 1 371 PRO 371 371 371 PRO PRO A . n 
A 1 372 PRO 372 372 372 PRO PRO A . n 
A 1 373 PHE 373 373 373 PHE PHE A . n 
A 1 374 GLY 374 374 374 GLY GLY A . n 
A 1 375 ASP 375 375 375 ASP ASP A . n 
A 1 376 SER 376 376 376 SER SER A . n 
A 1 377 TYR 377 377 377 TYR TYR A . n 
A 1 378 ILE 378 378 378 ILE ILE A . n 
A 1 379 ILE 379 379 379 ILE ILE A . n 
A 1 380 ILE 380 380 380 ILE ILE A . n 
A 1 381 GLY 381 381 381 GLY GLY A . n 
A 1 382 VAL 382 382 382 VAL VAL A . n 
A 1 383 GLU 383 383 383 GLU GLU A . n 
A 1 384 PRO 384 384 384 PRO PRO A . n 
A 1 385 GLY 385 385 385 GLY GLY A . n 
A 1 386 GLN 386 386 386 GLN GLN A . n 
A 1 387 LEU 387 387 387 LEU LEU A . n 
A 1 388 LYS 388 388 388 LYS LYS A . n 
A 1 389 LEU 389 389 389 LEU LEU A . n 
A 1 390 ASP 390 390 390 ASP ASP A . n 
A 1 391 TRP 391 391 391 TRP TRP A . n 
A 1 392 PHE 392 392 392 PHE PHE A . n 
A 1 393 LYS 393 393 393 LYS LYS A . n 
A 1 394 LYS 394 394 394 LYS LYS A . n 
A 1 395 GLY 395 395 395 GLY GLY A . n 
B 1 1   MET 1   1   1   MET MET B . n 
B 1 2   ARG 2   2   2   ARG ARG B . n 
B 1 3   CYS 3   3   3   CYS CYS B . n 
B 1 4   ILE 4   4   4   ILE ILE B . n 
B 1 5   GLY 5   5   5   GLY GLY B . n 
B 1 6   ILE 6   6   6   ILE ILE B . n 
B 1 7   SER 7   7   7   SER SER B . n 
B 1 8   ASN 8   8   8   ASN ASN B . n 
B 1 9   ARG 9   9   9   ARG ARG B . n 
B 1 10  ASP 10  10  10  ASP ASP B . n 
B 1 11  PHE 11  11  11  PHE PHE B . n 
B 1 12  VAL 12  12  12  VAL VAL B . n 
B 1 13  GLU 13  13  13  GLU GLU B . n 
B 1 14  GLY 14  14  14  GLY GLY B . n 
B 1 15  VAL 15  15  15  VAL VAL B . n 
B 1 16  SER 16  16  16  SER SER B . n 
B 1 17  GLY 17  17  ?   ?   ?   B . n 
B 1 18  GLY 18  18  ?   ?   ?   B . n 
B 1 19  SER 19  19  19  SER SER B . n 
B 1 20  TRP 20  20  20  TRP TRP B . n 
B 1 21  VAL 21  21  21  VAL VAL B . n 
B 1 22  ASP 22  22  22  ASP ASP B . n 
B 1 23  ILE 23  23  23  ILE ILE B . n 
B 1 24  VAL 24  24  24  VAL VAL B . n 
B 1 25  LEU 25  25  25  LEU LEU B . n 
B 1 26  GLU 26  26  26  GLU GLU B . n 
B 1 27  HIS 27  27  27  HIS HIS B . n 
B 1 28  GLY 28  28  28  GLY GLY B . n 
B 1 29  SER 29  29  29  SER SER B . n 
B 1 30  CYS 30  30  30  CYS CYS B . n 
B 1 31  VAL 31  31  31  VAL VAL B . n 
B 1 32  THR 32  32  32  THR THR B . n 
B 1 33  THR 33  33  33  THR THR B . n 
B 1 34  MET 34  34  34  MET MET B . n 
B 1 35  ALA 35  35  35  ALA ALA B . n 
B 1 36  LYS 36  36  36  LYS LYS B . n 
B 1 37  ASN 37  37  37  ASN ASN B . n 
B 1 38  LYS 38  38  38  LYS LYS B . n 
B 1 39  PRO 39  39  39  PRO PRO B . n 
B 1 40  THR 40  40  40  THR THR B . n 
B 1 41  LEU 41  41  41  LEU LEU B . n 
B 1 42  ASP 42  42  42  ASP ASP B . n 
B 1 43  PHE 43  43  43  PHE PHE B . n 
B 1 44  GLU 44  44  44  GLU GLU B . n 
B 1 45  LEU 45  45  45  LEU LEU B . n 
B 1 46  ILE 46  46  46  ILE ILE B . n 
B 1 47  LYS 47  47  47  LYS LYS B . n 
B 1 48  THR 48  48  48  THR THR B . n 
B 1 49  GLU 49  49  49  GLU GLU B . n 
B 1 50  ALA 50  50  50  ALA ALA B . n 
B 1 51  LYS 51  51  51  LYS LYS B . n 
B 1 52  GLN 52  52  52  GLN GLN B . n 
B 1 53  PRO 53  53  53  PRO PRO B . n 
B 1 54  ALA 54  54  54  ALA ALA B . n 
B 1 55  THR 55  55  55  THR THR B . n 
B 1 56  LEU 56  56  56  LEU LEU B . n 
B 1 57  ARG 57  57  57  ARG ARG B . n 
B 1 58  LYS 58  58  58  LYS LYS B . n 
B 1 59  TYR 59  59  59  TYR TYR B . n 
B 1 60  CYS 60  60  60  CYS CYS B . n 
B 1 61  ILE 61  61  61  ILE ILE B . n 
B 1 62  GLU 62  62  62  GLU GLU B . n 
B 1 63  ALA 63  63  63  ALA ALA B . n 
B 1 64  LYS 64  64  64  LYS LYS B . n 
B 1 65  LEU 65  65  65  LEU LEU B . n 
B 1 66  THR 66  66  66  THR THR B . n 
B 1 67  ASN 67  67  67  ASN ASN B . n 
B 1 68  THR 68  68  68  THR THR B . n 
B 1 69  THR 69  69  69  THR THR B . n 
B 1 70  THR 70  70  70  THR THR B . n 
B 1 71  ASP 71  71  71  ASP ASP B . n 
B 1 72  SER 72  72  72  SER SER B . n 
B 1 73  ARG 73  73  73  ARG ARG B . n 
B 1 74  CYS 74  74  74  CYS CYS B . n 
B 1 75  PRO 75  75  75  PRO PRO B . n 
B 1 76  THR 76  76  76  THR THR B . n 
B 1 77  GLN 77  77  77  GLN GLN B . n 
B 1 78  GLY 78  78  78  GLY GLY B . n 
B 1 79  GLU 79  79  79  GLU GLU B . n 
B 1 80  PRO 80  80  80  PRO PRO B . n 
B 1 81  THR 81  81  81  THR THR B . n 
B 1 82  LEU 82  82  82  LEU LEU B . n 
B 1 83  ASN 83  83  83  ASN ASN B . n 
B 1 84  GLU 84  84  84  GLU GLU B . n 
B 1 85  GLU 85  85  85  GLU GLU B . n 
B 1 86  GLN 86  86  86  GLN GLN B . n 
B 1 87  ASP 87  87  87  ASP ASP B . n 
B 1 88  LYS 88  88  88  LYS LYS B . n 
B 1 89  ARG 89  89  89  ARG ARG B . n 
B 1 90  PHE 90  90  90  PHE PHE B . n 
B 1 91  VAL 91  91  91  VAL VAL B . n 
B 1 92  CYS 92  92  92  CYS CYS B . n 
B 1 93  LYS 93  93  93  LYS LYS B . n 
B 1 94  HIS 94  94  94  HIS HIS B . n 
B 1 95  SER 95  95  95  SER SER B . n 
B 1 96  MET 96  96  96  MET MET B . n 
B 1 97  VAL 97  97  97  VAL VAL B . n 
B 1 98  ASP 98  98  98  ASP ASP B . n 
B 1 99  ARG 99  99  99  ARG ARG B . n 
B 1 100 GLY 100 100 100 GLY GLY B . n 
B 1 101 TRP 101 101 101 TRP TRP B . n 
B 1 102 GLY 102 102 102 GLY GLY B . n 
B 1 103 ASN 103 103 103 ASN ASN B . n 
B 1 104 GLY 104 104 104 GLY GLY B . n 
B 1 105 CYS 105 105 105 CYS CYS B . n 
B 1 106 GLY 106 106 106 GLY GLY B . n 
B 1 107 LEU 107 107 107 LEU LEU B . n 
B 1 108 PHE 108 108 108 PHE PHE B . n 
B 1 109 GLY 109 109 109 GLY GLY B . n 
B 1 110 LYS 110 110 110 LYS LYS B . n 
B 1 111 GLY 111 111 111 GLY GLY B . n 
B 1 112 GLY 112 112 112 GLY GLY B . n 
B 1 113 ILE 113 113 113 ILE ILE B . n 
B 1 114 VAL 114 114 114 VAL VAL B . n 
B 1 115 THR 115 115 115 THR THR B . n 
B 1 116 CYS 116 116 116 CYS CYS B . n 
B 1 117 ALA 117 117 117 ALA ALA B . n 
B 1 118 MET 118 118 118 MET MET B . n 
B 1 119 PHE 119 119 119 PHE PHE B . n 
B 1 120 THR 120 120 120 THR THR B . n 
B 1 121 CYS 121 121 121 CYS CYS B . n 
B 1 122 LYS 122 122 122 LYS LYS B . n 
B 1 123 LYS 123 123 123 LYS LYS B . n 
B 1 124 ASN 124 124 124 ASN ASN B . n 
B 1 125 MET 125 125 125 MET MET B . n 
B 1 126 GLU 126 126 126 GLU GLU B . n 
B 1 127 GLY 127 127 127 GLY GLY B . n 
B 1 128 LYS 128 128 128 LYS LYS B . n 
B 1 129 ILE 129 129 129 ILE ILE B . n 
B 1 130 VAL 130 130 130 VAL VAL B . n 
B 1 131 GLN 131 131 131 GLN GLN B . n 
B 1 132 PRO 132 132 132 PRO PRO B . n 
B 1 133 GLU 133 133 133 GLU GLU B . n 
B 1 134 ASN 134 134 134 ASN ASN B . n 
B 1 135 LEU 135 135 135 LEU LEU B . n 
B 1 136 GLU 136 136 136 GLU GLU B . n 
B 1 137 TYR 137 137 137 TYR TYR B . n 
B 1 138 THR 138 138 138 THR THR B . n 
B 1 139 VAL 139 139 139 VAL VAL B . n 
B 1 140 VAL 140 140 140 VAL VAL B . n 
B 1 141 ILE 141 141 141 ILE ILE B . n 
B 1 142 THR 142 142 142 THR THR B . n 
B 1 143 PRO 143 143 143 PRO PRO B . n 
B 1 144 HIS 144 144 144 HIS HIS B . n 
B 1 145 SER 145 145 145 SER SER B . n 
B 1 146 GLY 146 146 146 GLY GLY B . n 
B 1 147 GLU 147 147 147 GLU GLU B . n 
B 1 148 GLU 148 148 148 GLU GLU B . n 
B 1 149 HIS 149 149 149 HIS HIS B . n 
B 1 150 ALA 150 150 150 ALA ALA B . n 
B 1 151 VAL 151 151 151 VAL VAL B . n 
B 1 152 GLY 152 152 152 GLY GLY B . n 
B 1 153 ASN 153 153 153 ASN ASN B . n 
B 1 154 ASP 154 154 154 ASP ASP B . n 
B 1 155 THR 155 155 155 THR THR B . n 
B 1 156 GLY 156 156 156 GLY GLY B . n 
B 1 157 LYS 157 157 157 LYS LYS B . n 
B 1 158 HIS 158 158 158 HIS HIS B . n 
B 1 159 GLY 159 159 159 GLY GLY B . n 
B 1 160 LYS 160 160 160 LYS LYS B . n 
B 1 161 GLU 161 161 161 GLU GLU B . n 
B 1 162 VAL 162 162 162 VAL VAL B . n 
B 1 163 LYS 163 163 163 LYS LYS B . n 
B 1 164 ILE 164 164 164 ILE ILE B . n 
B 1 165 THR 165 165 165 THR THR B . n 
B 1 166 PRO 166 166 166 PRO PRO B . n 
B 1 167 GLN 167 167 167 GLN GLN B . n 
B 1 168 SER 168 168 168 SER SER B . n 
B 1 169 SER 169 169 169 SER SER B . n 
B 1 170 ILE 170 170 170 ILE ILE B . n 
B 1 171 THR 171 171 171 THR THR B . n 
B 1 172 GLU 172 172 172 GLU GLU B . n 
B 1 173 ALA 173 173 173 ALA ALA B . n 
B 1 174 GLU 174 174 174 GLU GLU B . n 
B 1 175 LEU 175 175 175 LEU LEU B . n 
B 1 176 THR 176 176 176 THR THR B . n 
B 1 177 GLY 177 177 177 GLY GLY B . n 
B 1 178 TYR 178 178 178 TYR TYR B . n 
B 1 179 GLY 179 179 179 GLY GLY B . n 
B 1 180 THR 180 180 180 THR THR B . n 
B 1 181 VAL 181 181 181 VAL VAL B . n 
B 1 182 THR 182 182 182 THR THR B . n 
B 1 183 MET 183 183 183 MET MET B . n 
B 1 184 GLU 184 184 184 GLU GLU B . n 
B 1 185 CYS 185 185 185 CYS CYS B . n 
B 1 186 SER 186 186 186 SER SER B . n 
B 1 187 PRO 187 187 187 PRO PRO B . n 
B 1 188 ARG 188 188 188 ARG ARG B . n 
B 1 189 THR 189 189 189 THR THR B . n 
B 1 190 GLY 190 190 190 GLY GLY B . n 
B 1 191 LEU 191 191 191 LEU LEU B . n 
B 1 192 ASP 192 192 192 ASP ASP B . n 
B 1 193 PHE 193 193 193 PHE PHE B . n 
B 1 194 ASN 194 194 194 ASN ASN B . n 
B 1 195 GLU 195 195 195 GLU GLU B . n 
B 1 196 MET 196 196 196 MET MET B . n 
B 1 197 VAL 197 197 197 VAL VAL B . n 
B 1 198 LEU 198 198 198 LEU LEU B . n 
B 1 199 LEU 199 199 199 LEU LEU B . n 
B 1 200 GLN 200 200 200 GLN GLN B . n 
B 1 201 MET 201 201 201 MET MET B . n 
B 1 202 LYS 202 202 202 LYS LYS B . n 
B 1 203 ASP 203 203 203 ASP ASP B . n 
B 1 204 LYS 204 204 204 LYS LYS B . n 
B 1 205 ALA 205 205 205 ALA ALA B . n 
B 1 206 TRP 206 206 206 TRP TRP B . n 
B 1 207 LEU 207 207 207 LEU LEU B . n 
B 1 208 VAL 208 208 208 VAL VAL B . n 
B 1 209 HIS 209 209 209 HIS HIS B . n 
B 1 210 ARG 210 210 210 ARG ARG B . n 
B 1 211 GLN 211 211 211 GLN GLN B . n 
B 1 212 TRP 212 212 212 TRP TRP B . n 
B 1 213 PHE 213 213 213 PHE PHE B . n 
B 1 214 LEU 214 214 214 LEU LEU B . n 
B 1 215 ASP 215 215 215 ASP ASP B . n 
B 1 216 LEU 216 216 216 LEU LEU B . n 
B 1 217 PRO 217 217 217 PRO PRO B . n 
B 1 218 LEU 218 218 218 LEU LEU B . n 
B 1 219 PRO 219 219 219 PRO PRO B . n 
B 1 220 TRP 220 220 220 TRP TRP B . n 
B 1 221 LEU 221 221 221 LEU LEU B . n 
B 1 222 PRO 222 222 222 PRO PRO B . n 
B 1 223 GLY 223 223 223 GLY GLY B . n 
B 1 224 ALA 224 224 224 ALA ALA B . n 
B 1 225 ASP 225 225 ?   ?   ?   B . n 
B 1 226 THR 226 226 ?   ?   ?   B . n 
B 1 227 GLN 227 227 ?   ?   ?   B . n 
B 1 228 GLY 228 228 228 GLY GLY B . n 
B 1 229 SER 229 229 229 SER SER B . n 
B 1 230 ASN 230 230 230 ASN ASN B . n 
B 1 231 TRP 231 231 231 TRP TRP B . n 
B 1 232 ILE 232 232 232 ILE ILE B . n 
B 1 233 GLN 233 233 233 GLN GLN B . n 
B 1 234 LYS 234 234 234 LYS LYS B . n 
B 1 235 GLU 235 235 235 GLU GLU B . n 
B 1 236 THR 236 236 236 THR THR B . n 
B 1 237 LEU 237 237 237 LEU LEU B . n 
B 1 238 VAL 238 238 238 VAL VAL B . n 
B 1 239 THR 239 239 239 THR THR B . n 
B 1 240 PHE 240 240 240 PHE PHE B . n 
B 1 241 LYS 241 241 241 LYS LYS B . n 
B 1 242 ASN 242 242 242 ASN ASN B . n 
B 1 243 PRO 243 243 243 PRO PRO B . n 
B 1 244 HIS 244 244 244 HIS HIS B . n 
B 1 245 ALA 245 245 245 ALA ALA B . n 
B 1 246 LYS 246 246 246 LYS LYS B . n 
B 1 247 LYS 247 247 247 LYS LYS B . n 
B 1 248 GLN 248 248 248 GLN GLN B . n 
B 1 249 ASP 249 249 249 ASP ASP B . n 
B 1 250 VAL 250 250 250 VAL VAL B . n 
B 1 251 VAL 251 251 251 VAL VAL B . n 
B 1 252 VAL 252 252 252 VAL VAL B . n 
B 1 253 LEU 253 253 253 LEU LEU B . n 
B 1 254 GLY 254 254 254 GLY GLY B . n 
B 1 255 SER 255 255 255 SER SER B . n 
B 1 256 GLN 256 256 256 GLN GLN B . n 
B 1 257 GLU 257 257 257 GLU GLU B . n 
B 1 258 GLY 258 258 258 GLY GLY B . n 
B 1 259 ALA 259 259 259 ALA ALA B . n 
B 1 260 MET 260 260 260 MET MET B . n 
B 1 261 HIS 261 261 261 HIS HIS B . n 
B 1 262 THR 262 262 262 THR THR B . n 
B 1 263 ALA 263 263 263 ALA ALA B . n 
B 1 264 LEU 264 264 264 LEU LEU B . n 
B 1 265 THR 265 265 265 THR THR B . n 
B 1 266 GLY 266 266 266 GLY GLY B . n 
B 1 267 ALA 267 267 267 ALA ALA B . n 
B 1 268 THR 268 268 268 THR THR B . n 
B 1 269 GLU 269 269 269 GLU GLU B . n 
B 1 270 ILE 270 270 270 ILE ILE B . n 
B 1 271 GLN 271 271 271 GLN GLN B . n 
B 1 272 MET 272 272 272 MET MET B . n 
B 1 273 SER 273 273 273 SER SER B . n 
B 1 274 SER 274 274 274 SER SER B . n 
B 1 275 GLY 275 275 275 GLY GLY B . n 
B 1 276 ASN 276 276 276 ASN ASN B . n 
B 1 277 LEU 277 277 277 LEU LEU B . n 
B 1 278 LEU 278 278 278 LEU LEU B . n 
B 1 279 PHE 279 279 279 PHE PHE B . n 
B 1 280 THR 280 280 280 THR THR B . n 
B 1 281 GLY 281 281 281 GLY GLY B . n 
B 1 282 HIS 282 282 282 HIS HIS B . n 
B 1 283 LEU 283 283 283 LEU LEU B . n 
B 1 284 LYS 284 284 284 LYS LYS B . n 
B 1 285 CYS 285 285 285 CYS CYS B . n 
B 1 286 ARG 286 286 286 ARG ARG B . n 
B 1 287 LEU 287 287 287 LEU LEU B . n 
B 1 288 ARG 288 288 288 ARG ARG B . n 
B 1 289 MET 289 289 289 MET MET B . n 
B 1 290 ASP 290 290 290 ASP ASP B . n 
B 1 291 LYS 291 291 291 LYS LYS B . n 
B 1 292 LEU 292 292 292 LEU LEU B . n 
B 1 293 GLN 293 293 293 GLN GLN B . n 
B 1 294 LEU 294 294 294 LEU LEU B . n 
B 1 295 LYS 295 295 295 LYS LYS B . n 
B 1 296 GLY 296 296 296 GLY GLY B . n 
B 1 297 MET 297 297 297 MET MET B . n 
B 1 298 SER 298 298 298 SER SER B . n 
B 1 299 TYR 299 299 299 TYR TYR B . n 
B 1 300 SER 300 300 300 SER SER B . n 
B 1 301 MET 301 301 301 MET MET B . n 
B 1 302 CYS 302 302 302 CYS CYS B . n 
B 1 303 THR 303 303 303 THR THR B . n 
B 1 304 GLY 304 304 304 GLY GLY B . n 
B 1 305 LYS 305 305 305 LYS LYS B . n 
B 1 306 PHE 306 306 306 PHE PHE B . n 
B 1 307 LYS 307 307 307 LYS LYS B . n 
B 1 308 VAL 308 308 308 VAL VAL B . n 
B 1 309 VAL 309 309 309 VAL VAL B . n 
B 1 310 LYS 310 310 310 LYS LYS B . n 
B 1 311 GLU 311 311 311 GLU GLU B . n 
B 1 312 ILE 312 312 312 ILE ILE B . n 
B 1 313 ALA 313 313 313 ALA ALA B . n 
B 1 314 GLU 314 314 314 GLU GLU B . n 
B 1 315 THR 315 315 315 THR THR B . n 
B 1 316 GLN 316 316 316 GLN GLN B . n 
B 1 317 HIS 317 317 317 HIS HIS B . n 
B 1 318 GLY 318 318 318 GLY GLY B . n 
B 1 319 THR 319 319 319 THR THR B . n 
B 1 320 ILE 320 320 320 ILE ILE B . n 
B 1 321 VAL 321 321 321 VAL VAL B . n 
B 1 322 ILE 322 322 322 ILE ILE B . n 
B 1 323 ARG 323 323 323 ARG ARG B . n 
B 1 324 VAL 324 324 324 VAL VAL B . n 
B 1 325 GLN 325 325 325 GLN GLN B . n 
B 1 326 TYR 326 326 326 TYR TYR B . n 
B 1 327 GLU 327 327 327 GLU GLU B . n 
B 1 328 GLY 328 328 328 GLY GLY B . n 
B 1 329 ASP 329 329 329 ASP ASP B . n 
B 1 330 GLY 330 330 330 GLY GLY B . n 
B 1 331 SER 331 331 331 SER SER B . n 
B 1 332 PRO 332 332 332 PRO PRO B . n 
B 1 333 CYS 333 333 333 CYS CYS B . n 
B 1 334 LYS 334 334 334 LYS LYS B . n 
B 1 335 ILE 335 335 335 ILE ILE B . n 
B 1 336 PRO 336 336 336 PRO PRO B . n 
B 1 337 PHE 337 337 337 PHE PHE B . n 
B 1 338 GLU 338 338 338 GLU GLU B . n 
B 1 339 ILE 339 339 339 ILE ILE B . n 
B 1 340 MET 340 340 340 MET MET B . n 
B 1 341 ASP 341 341 341 ASP ASP B . n 
B 1 342 LEU 342 342 342 LEU LEU B . n 
B 1 343 GLU 343 343 343 GLU GLU B . n 
B 1 344 LYS 344 344 344 LYS LYS B . n 
B 1 345 ARG 345 345 345 ARG ARG B . n 
B 1 346 HIS 346 346 346 HIS HIS B . n 
B 1 347 VAL 347 347 347 VAL VAL B . n 
B 1 348 LEU 348 348 348 LEU LEU B . n 
B 1 349 GLY 349 349 349 GLY GLY B . n 
B 1 350 ARG 350 350 350 ARG ARG B . n 
B 1 351 LEU 351 351 351 LEU LEU B . n 
B 1 352 ILE 352 352 352 ILE ILE B . n 
B 1 353 THR 353 353 353 THR THR B . n 
B 1 354 VAL 354 354 354 VAL VAL B . n 
B 1 355 ASN 355 355 355 ASN ASN B . n 
B 1 356 PRO 356 356 356 PRO PRO B . n 
B 1 357 ILE 357 357 357 ILE ILE B . n 
B 1 358 VAL 358 358 358 VAL VAL B . n 
B 1 359 THR 359 359 359 THR THR B . n 
B 1 360 GLU 360 360 360 GLU GLU B . n 
B 1 361 LYS 361 361 361 LYS LYS B . n 
B 1 362 ASP 362 362 362 ASP ASP B . n 
B 1 363 SER 363 363 363 SER SER B . n 
B 1 364 PRO 364 364 364 PRO PRO B . n 
B 1 365 VAL 365 365 365 VAL VAL B . n 
B 1 366 ASN 366 366 366 ASN ASN B . n 
B 1 367 ILE 367 367 367 ILE ILE B . n 
B 1 368 GLU 368 368 368 GLU GLU B . n 
B 1 369 ALA 369 369 369 ALA ALA B . n 
B 1 370 GLU 370 370 370 GLU GLU B . n 
B 1 371 PRO 371 371 371 PRO PRO B . n 
B 1 372 PRO 372 372 372 PRO PRO B . n 
B 1 373 PHE 373 373 373 PHE PHE B . n 
B 1 374 GLY 374 374 374 GLY GLY B . n 
B 1 375 ASP 375 375 375 ASP ASP B . n 
B 1 376 SER 376 376 376 SER SER B . n 
B 1 377 TYR 377 377 377 TYR TYR B . n 
B 1 378 ILE 378 378 378 ILE ILE B . n 
B 1 379 ILE 379 379 379 ILE ILE B . n 
B 1 380 ILE 380 380 380 ILE ILE B . n 
B 1 381 GLY 381 381 381 GLY GLY B . n 
B 1 382 VAL 382 382 382 VAL VAL B . n 
B 1 383 GLU 383 383 383 GLU GLU B . n 
B 1 384 PRO 384 384 384 PRO PRO B . n 
B 1 385 GLY 385 385 385 GLY GLY B . n 
B 1 386 GLN 386 386 386 GLN GLN B . n 
B 1 387 LEU 387 387 387 LEU LEU B . n 
B 1 388 LYS 388 388 388 LYS LYS B . n 
B 1 389 LEU 389 389 389 LEU LEU B . n 
B 1 390 ASP 390 390 390 ASP ASP B . n 
B 1 391 TRP 391 391 391 TRP TRP B . n 
B 1 392 PHE 392 392 392 PHE PHE B . n 
B 1 393 LYS 393 393 393 LYS LYS B . n 
B 1 394 LYS 394 394 394 LYS LYS B . n 
B 1 395 GLY 395 395 395 GLY GLY B . n 
C 1 1   MET 1   1   1   MET MET C . n 
C 1 2   ARG 2   2   2   ARG ARG C . n 
C 1 3   CYS 3   3   3   CYS CYS C . n 
C 1 4   ILE 4   4   4   ILE ILE C . n 
C 1 5   GLY 5   5   5   GLY GLY C . n 
C 1 6   ILE 6   6   6   ILE ILE C . n 
C 1 7   SER 7   7   7   SER SER C . n 
C 1 8   ASN 8   8   8   ASN ASN C . n 
C 1 9   ARG 9   9   9   ARG ARG C . n 
C 1 10  ASP 10  10  10  ASP ASP C . n 
C 1 11  PHE 11  11  11  PHE PHE C . n 
C 1 12  VAL 12  12  12  VAL VAL C . n 
C 1 13  GLU 13  13  13  GLU GLU C . n 
C 1 14  GLY 14  14  14  GLY GLY C . n 
C 1 15  VAL 15  15  15  VAL VAL C . n 
C 1 16  SER 16  16  16  SER SER C . n 
C 1 17  GLY 17  17  ?   ?   ?   C . n 
C 1 18  GLY 18  18  ?   ?   ?   C . n 
C 1 19  SER 19  19  19  SER SER C . n 
C 1 20  TRP 20  20  20  TRP TRP C . n 
C 1 21  VAL 21  21  21  VAL VAL C . n 
C 1 22  ASP 22  22  22  ASP ASP C . n 
C 1 23  ILE 23  23  23  ILE ILE C . n 
C 1 24  VAL 24  24  24  VAL VAL C . n 
C 1 25  LEU 25  25  25  LEU LEU C . n 
C 1 26  GLU 26  26  26  GLU GLU C . n 
C 1 27  HIS 27  27  27  HIS HIS C . n 
C 1 28  GLY 28  28  28  GLY GLY C . n 
C 1 29  SER 29  29  29  SER SER C . n 
C 1 30  CYS 30  30  30  CYS CYS C . n 
C 1 31  VAL 31  31  31  VAL VAL C . n 
C 1 32  THR 32  32  32  THR THR C . n 
C 1 33  THR 33  33  33  THR THR C . n 
C 1 34  MET 34  34  34  MET MET C . n 
C 1 35  ALA 35  35  35  ALA ALA C . n 
C 1 36  LYS 36  36  36  LYS LYS C . n 
C 1 37  ASN 37  37  37  ASN ASN C . n 
C 1 38  LYS 38  38  38  LYS LYS C . n 
C 1 39  PRO 39  39  39  PRO PRO C . n 
C 1 40  THR 40  40  40  THR THR C . n 
C 1 41  LEU 41  41  41  LEU LEU C . n 
C 1 42  ASP 42  42  42  ASP ASP C . n 
C 1 43  PHE 43  43  43  PHE PHE C . n 
C 1 44  GLU 44  44  44  GLU GLU C . n 
C 1 45  LEU 45  45  45  LEU LEU C . n 
C 1 46  ILE 46  46  46  ILE ILE C . n 
C 1 47  LYS 47  47  47  LYS LYS C . n 
C 1 48  THR 48  48  48  THR THR C . n 
C 1 49  GLU 49  49  49  GLU GLU C . n 
C 1 50  ALA 50  50  50  ALA ALA C . n 
C 1 51  LYS 51  51  51  LYS LYS C . n 
C 1 52  GLN 52  52  52  GLN GLN C . n 
C 1 53  PRO 53  53  53  PRO PRO C . n 
C 1 54  ALA 54  54  54  ALA ALA C . n 
C 1 55  THR 55  55  55  THR THR C . n 
C 1 56  LEU 56  56  56  LEU LEU C . n 
C 1 57  ARG 57  57  57  ARG ARG C . n 
C 1 58  LYS 58  58  58  LYS LYS C . n 
C 1 59  TYR 59  59  59  TYR TYR C . n 
C 1 60  CYS 60  60  60  CYS CYS C . n 
C 1 61  ILE 61  61  61  ILE ILE C . n 
C 1 62  GLU 62  62  62  GLU GLU C . n 
C 1 63  ALA 63  63  63  ALA ALA C . n 
C 1 64  LYS 64  64  64  LYS LYS C . n 
C 1 65  LEU 65  65  65  LEU LEU C . n 
C 1 66  THR 66  66  66  THR THR C . n 
C 1 67  ASN 67  67  67  ASN ASN C . n 
C 1 68  THR 68  68  68  THR THR C . n 
C 1 69  THR 69  69  69  THR THR C . n 
C 1 70  THR 70  70  70  THR THR C . n 
C 1 71  ASP 71  71  71  ASP ASP C . n 
C 1 72  SER 72  72  72  SER SER C . n 
C 1 73  ARG 73  73  73  ARG ARG C . n 
C 1 74  CYS 74  74  74  CYS CYS C . n 
C 1 75  PRO 75  75  75  PRO PRO C . n 
C 1 76  THR 76  76  76  THR THR C . n 
C 1 77  GLN 77  77  77  GLN GLN C . n 
C 1 78  GLY 78  78  78  GLY GLY C . n 
C 1 79  GLU 79  79  79  GLU GLU C . n 
C 1 80  PRO 80  80  80  PRO PRO C . n 
C 1 81  THR 81  81  81  THR THR C . n 
C 1 82  LEU 82  82  82  LEU LEU C . n 
C 1 83  ASN 83  83  83  ASN ASN C . n 
C 1 84  GLU 84  84  84  GLU GLU C . n 
C 1 85  GLU 85  85  85  GLU GLU C . n 
C 1 86  GLN 86  86  86  GLN GLN C . n 
C 1 87  ASP 87  87  87  ASP ASP C . n 
C 1 88  LYS 88  88  88  LYS LYS C . n 
C 1 89  ARG 89  89  89  ARG ARG C . n 
C 1 90  PHE 90  90  90  PHE PHE C . n 
C 1 91  VAL 91  91  91  VAL VAL C . n 
C 1 92  CYS 92  92  92  CYS CYS C . n 
C 1 93  LYS 93  93  93  LYS LYS C . n 
C 1 94  HIS 94  94  94  HIS HIS C . n 
C 1 95  SER 95  95  95  SER SER C . n 
C 1 96  MET 96  96  96  MET MET C . n 
C 1 97  VAL 97  97  97  VAL VAL C . n 
C 1 98  ASP 98  98  98  ASP ASP C . n 
C 1 99  ARG 99  99  99  ARG ARG C . n 
C 1 100 GLY 100 100 100 GLY GLY C . n 
C 1 101 TRP 101 101 101 TRP TRP C . n 
C 1 102 GLY 102 102 102 GLY GLY C . n 
C 1 103 ASN 103 103 103 ASN ASN C . n 
C 1 104 GLY 104 104 104 GLY GLY C . n 
C 1 105 CYS 105 105 105 CYS CYS C . n 
C 1 106 GLY 106 106 106 GLY GLY C . n 
C 1 107 LEU 107 107 107 LEU LEU C . n 
C 1 108 PHE 108 108 108 PHE PHE C . n 
C 1 109 GLY 109 109 109 GLY GLY C . n 
C 1 110 LYS 110 110 110 LYS LYS C . n 
C 1 111 GLY 111 111 111 GLY GLY C . n 
C 1 112 GLY 112 112 112 GLY GLY C . n 
C 1 113 ILE 113 113 113 ILE ILE C . n 
C 1 114 VAL 114 114 114 VAL VAL C . n 
C 1 115 THR 115 115 115 THR THR C . n 
C 1 116 CYS 116 116 116 CYS CYS C . n 
C 1 117 ALA 117 117 117 ALA ALA C . n 
C 1 118 MET 118 118 118 MET MET C . n 
C 1 119 PHE 119 119 119 PHE PHE C . n 
C 1 120 THR 120 120 120 THR THR C . n 
C 1 121 CYS 121 121 121 CYS CYS C . n 
C 1 122 LYS 122 122 122 LYS LYS C . n 
C 1 123 LYS 123 123 123 LYS LYS C . n 
C 1 124 ASN 124 124 124 ASN ASN C . n 
C 1 125 MET 125 125 125 MET MET C . n 
C 1 126 GLU 126 126 126 GLU GLU C . n 
C 1 127 GLY 127 127 127 GLY GLY C . n 
C 1 128 LYS 128 128 128 LYS LYS C . n 
C 1 129 ILE 129 129 129 ILE ILE C . n 
C 1 130 VAL 130 130 130 VAL VAL C . n 
C 1 131 GLN 131 131 131 GLN GLN C . n 
C 1 132 PRO 132 132 132 PRO PRO C . n 
C 1 133 GLU 133 133 133 GLU GLU C . n 
C 1 134 ASN 134 134 134 ASN ASN C . n 
C 1 135 LEU 135 135 135 LEU LEU C . n 
C 1 136 GLU 136 136 136 GLU GLU C . n 
C 1 137 TYR 137 137 137 TYR TYR C . n 
C 1 138 THR 138 138 138 THR THR C . n 
C 1 139 VAL 139 139 139 VAL VAL C . n 
C 1 140 VAL 140 140 140 VAL VAL C . n 
C 1 141 ILE 141 141 141 ILE ILE C . n 
C 1 142 THR 142 142 142 THR THR C . n 
C 1 143 PRO 143 143 143 PRO PRO C . n 
C 1 144 HIS 144 144 144 HIS HIS C . n 
C 1 145 SER 145 145 145 SER SER C . n 
C 1 146 GLY 146 146 146 GLY GLY C . n 
C 1 147 GLU 147 147 147 GLU GLU C . n 
C 1 148 GLU 148 148 148 GLU GLU C . n 
C 1 149 HIS 149 149 149 HIS HIS C . n 
C 1 150 ALA 150 150 150 ALA ALA C . n 
C 1 151 VAL 151 151 151 VAL VAL C . n 
C 1 152 GLY 152 152 152 GLY GLY C . n 
C 1 153 ASN 153 153 153 ASN ASN C . n 
C 1 154 ASP 154 154 154 ASP ASP C . n 
C 1 155 THR 155 155 155 THR THR C . n 
C 1 156 GLY 156 156 156 GLY GLY C . n 
C 1 157 LYS 157 157 157 LYS LYS C . n 
C 1 158 HIS 158 158 158 HIS HIS C . n 
C 1 159 GLY 159 159 159 GLY GLY C . n 
C 1 160 LYS 160 160 160 LYS LYS C . n 
C 1 161 GLU 161 161 161 GLU GLU C . n 
C 1 162 VAL 162 162 162 VAL VAL C . n 
C 1 163 LYS 163 163 163 LYS LYS C . n 
C 1 164 ILE 164 164 164 ILE ILE C . n 
C 1 165 THR 165 165 165 THR THR C . n 
C 1 166 PRO 166 166 166 PRO PRO C . n 
C 1 167 GLN 167 167 167 GLN GLN C . n 
C 1 168 SER 168 168 168 SER SER C . n 
C 1 169 SER 169 169 169 SER SER C . n 
C 1 170 ILE 170 170 170 ILE ILE C . n 
C 1 171 THR 171 171 171 THR THR C . n 
C 1 172 GLU 172 172 172 GLU GLU C . n 
C 1 173 ALA 173 173 173 ALA ALA C . n 
C 1 174 GLU 174 174 174 GLU GLU C . n 
C 1 175 LEU 175 175 175 LEU LEU C . n 
C 1 176 THR 176 176 176 THR THR C . n 
C 1 177 GLY 177 177 177 GLY GLY C . n 
C 1 178 TYR 178 178 178 TYR TYR C . n 
C 1 179 GLY 179 179 179 GLY GLY C . n 
C 1 180 THR 180 180 180 THR THR C . n 
C 1 181 VAL 181 181 181 VAL VAL C . n 
C 1 182 THR 182 182 182 THR THR C . n 
C 1 183 MET 183 183 183 MET MET C . n 
C 1 184 GLU 184 184 184 GLU GLU C . n 
C 1 185 CYS 185 185 185 CYS CYS C . n 
C 1 186 SER 186 186 186 SER SER C . n 
C 1 187 PRO 187 187 187 PRO PRO C . n 
C 1 188 ARG 188 188 188 ARG ARG C . n 
C 1 189 THR 189 189 189 THR THR C . n 
C 1 190 GLY 190 190 190 GLY GLY C . n 
C 1 191 LEU 191 191 191 LEU LEU C . n 
C 1 192 ASP 192 192 192 ASP ASP C . n 
C 1 193 PHE 193 193 193 PHE PHE C . n 
C 1 194 ASN 194 194 194 ASN ASN C . n 
C 1 195 GLU 195 195 195 GLU GLU C . n 
C 1 196 MET 196 196 196 MET MET C . n 
C 1 197 VAL 197 197 197 VAL VAL C . n 
C 1 198 LEU 198 198 198 LEU LEU C . n 
C 1 199 LEU 199 199 199 LEU LEU C . n 
C 1 200 GLN 200 200 200 GLN GLN C . n 
C 1 201 MET 201 201 201 MET MET C . n 
C 1 202 LYS 202 202 202 LYS LYS C . n 
C 1 203 ASP 203 203 203 ASP ASP C . n 
C 1 204 LYS 204 204 204 LYS LYS C . n 
C 1 205 ALA 205 205 205 ALA ALA C . n 
C 1 206 TRP 206 206 206 TRP TRP C . n 
C 1 207 LEU 207 207 207 LEU LEU C . n 
C 1 208 VAL 208 208 208 VAL VAL C . n 
C 1 209 HIS 209 209 209 HIS HIS C . n 
C 1 210 ARG 210 210 210 ARG ARG C . n 
C 1 211 GLN 211 211 211 GLN GLN C . n 
C 1 212 TRP 212 212 212 TRP TRP C . n 
C 1 213 PHE 213 213 213 PHE PHE C . n 
C 1 214 LEU 214 214 214 LEU LEU C . n 
C 1 215 ASP 215 215 215 ASP ASP C . n 
C 1 216 LEU 216 216 216 LEU LEU C . n 
C 1 217 PRO 217 217 217 PRO PRO C . n 
C 1 218 LEU 218 218 218 LEU LEU C . n 
C 1 219 PRO 219 219 219 PRO PRO C . n 
C 1 220 TRP 220 220 220 TRP TRP C . n 
C 1 221 LEU 221 221 221 LEU LEU C . n 
C 1 222 PRO 222 222 222 PRO PRO C . n 
C 1 223 GLY 223 223 223 GLY GLY C . n 
C 1 224 ALA 224 224 224 ALA ALA C . n 
C 1 225 ASP 225 225 ?   ?   ?   C . n 
C 1 226 THR 226 226 ?   ?   ?   C . n 
C 1 227 GLN 227 227 ?   ?   ?   C . n 
C 1 228 GLY 228 228 228 GLY GLY C . n 
C 1 229 SER 229 229 229 SER SER C . n 
C 1 230 ASN 230 230 230 ASN ASN C . n 
C 1 231 TRP 231 231 231 TRP TRP C . n 
C 1 232 ILE 232 232 232 ILE ILE C . n 
C 1 233 GLN 233 233 233 GLN GLN C . n 
C 1 234 LYS 234 234 234 LYS LYS C . n 
C 1 235 GLU 235 235 235 GLU GLU C . n 
C 1 236 THR 236 236 236 THR THR C . n 
C 1 237 LEU 237 237 237 LEU LEU C . n 
C 1 238 VAL 238 238 238 VAL VAL C . n 
C 1 239 THR 239 239 239 THR THR C . n 
C 1 240 PHE 240 240 240 PHE PHE C . n 
C 1 241 LYS 241 241 241 LYS LYS C . n 
C 1 242 ASN 242 242 242 ASN ASN C . n 
C 1 243 PRO 243 243 243 PRO PRO C . n 
C 1 244 HIS 244 244 244 HIS HIS C . n 
C 1 245 ALA 245 245 245 ALA ALA C . n 
C 1 246 LYS 246 246 246 LYS LYS C . n 
C 1 247 LYS 247 247 247 LYS LYS C . n 
C 1 248 GLN 248 248 248 GLN GLN C . n 
C 1 249 ASP 249 249 249 ASP ASP C . n 
C 1 250 VAL 250 250 250 VAL VAL C . n 
C 1 251 VAL 251 251 251 VAL VAL C . n 
C 1 252 VAL 252 252 252 VAL VAL C . n 
C 1 253 LEU 253 253 253 LEU LEU C . n 
C 1 254 GLY 254 254 254 GLY GLY C . n 
C 1 255 SER 255 255 255 SER SER C . n 
C 1 256 GLN 256 256 256 GLN GLN C . n 
C 1 257 GLU 257 257 257 GLU GLU C . n 
C 1 258 GLY 258 258 258 GLY GLY C . n 
C 1 259 ALA 259 259 259 ALA ALA C . n 
C 1 260 MET 260 260 260 MET MET C . n 
C 1 261 HIS 261 261 261 HIS HIS C . n 
C 1 262 THR 262 262 262 THR THR C . n 
C 1 263 ALA 263 263 263 ALA ALA C . n 
C 1 264 LEU 264 264 264 LEU LEU C . n 
C 1 265 THR 265 265 265 THR THR C . n 
C 1 266 GLY 266 266 266 GLY GLY C . n 
C 1 267 ALA 267 267 267 ALA ALA C . n 
C 1 268 THR 268 268 268 THR THR C . n 
C 1 269 GLU 269 269 269 GLU GLU C . n 
C 1 270 ILE 270 270 270 ILE ILE C . n 
C 1 271 GLN 271 271 271 GLN GLN C . n 
C 1 272 MET 272 272 272 MET MET C . n 
C 1 273 SER 273 273 273 SER SER C . n 
C 1 274 SER 274 274 274 SER SER C . n 
C 1 275 GLY 275 275 275 GLY GLY C . n 
C 1 276 ASN 276 276 276 ASN ASN C . n 
C 1 277 LEU 277 277 277 LEU LEU C . n 
C 1 278 LEU 278 278 278 LEU LEU C . n 
C 1 279 PHE 279 279 279 PHE PHE C . n 
C 1 280 THR 280 280 280 THR THR C . n 
C 1 281 GLY 281 281 281 GLY GLY C . n 
C 1 282 HIS 282 282 282 HIS HIS C . n 
C 1 283 LEU 283 283 283 LEU LEU C . n 
C 1 284 LYS 284 284 284 LYS LYS C . n 
C 1 285 CYS 285 285 285 CYS CYS C . n 
C 1 286 ARG 286 286 286 ARG ARG C . n 
C 1 287 LEU 287 287 287 LEU LEU C . n 
C 1 288 ARG 288 288 288 ARG ARG C . n 
C 1 289 MET 289 289 289 MET MET C . n 
C 1 290 ASP 290 290 290 ASP ASP C . n 
C 1 291 LYS 291 291 291 LYS LYS C . n 
C 1 292 LEU 292 292 292 LEU LEU C . n 
C 1 293 GLN 293 293 293 GLN GLN C . n 
C 1 294 LEU 294 294 294 LEU LEU C . n 
C 1 295 LYS 295 295 295 LYS LYS C . n 
C 1 296 GLY 296 296 296 GLY GLY C . n 
C 1 297 MET 297 297 297 MET MET C . n 
C 1 298 SER 298 298 298 SER SER C . n 
C 1 299 TYR 299 299 299 TYR TYR C . n 
C 1 300 SER 300 300 300 SER SER C . n 
C 1 301 MET 301 301 301 MET MET C . n 
C 1 302 CYS 302 302 302 CYS CYS C . n 
C 1 303 THR 303 303 303 THR THR C . n 
C 1 304 GLY 304 304 304 GLY GLY C . n 
C 1 305 LYS 305 305 305 LYS LYS C . n 
C 1 306 PHE 306 306 306 PHE PHE C . n 
C 1 307 LYS 307 307 307 LYS LYS C . n 
C 1 308 VAL 308 308 308 VAL VAL C . n 
C 1 309 VAL 309 309 309 VAL VAL C . n 
C 1 310 LYS 310 310 310 LYS LYS C . n 
C 1 311 GLU 311 311 311 GLU GLU C . n 
C 1 312 ILE 312 312 312 ILE ILE C . n 
C 1 313 ALA 313 313 313 ALA ALA C . n 
C 1 314 GLU 314 314 314 GLU GLU C . n 
C 1 315 THR 315 315 315 THR THR C . n 
C 1 316 GLN 316 316 316 GLN GLN C . n 
C 1 317 HIS 317 317 317 HIS HIS C . n 
C 1 318 GLY 318 318 318 GLY GLY C . n 
C 1 319 THR 319 319 319 THR THR C . n 
C 1 320 ILE 320 320 320 ILE ILE C . n 
C 1 321 VAL 321 321 321 VAL VAL C . n 
C 1 322 ILE 322 322 322 ILE ILE C . n 
C 1 323 ARG 323 323 323 ARG ARG C . n 
C 1 324 VAL 324 324 324 VAL VAL C . n 
C 1 325 GLN 325 325 325 GLN GLN C . n 
C 1 326 TYR 326 326 326 TYR TYR C . n 
C 1 327 GLU 327 327 327 GLU GLU C . n 
C 1 328 GLY 328 328 328 GLY GLY C . n 
C 1 329 ASP 329 329 329 ASP ASP C . n 
C 1 330 GLY 330 330 330 GLY GLY C . n 
C 1 331 SER 331 331 331 SER SER C . n 
C 1 332 PRO 332 332 332 PRO PRO C . n 
C 1 333 CYS 333 333 333 CYS CYS C . n 
C 1 334 LYS 334 334 334 LYS LYS C . n 
C 1 335 ILE 335 335 335 ILE ILE C . n 
C 1 336 PRO 336 336 336 PRO PRO C . n 
C 1 337 PHE 337 337 337 PHE PHE C . n 
C 1 338 GLU 338 338 338 GLU GLU C . n 
C 1 339 ILE 339 339 339 ILE ILE C . n 
C 1 340 MET 340 340 340 MET MET C . n 
C 1 341 ASP 341 341 341 ASP ASP C . n 
C 1 342 LEU 342 342 342 LEU LEU C . n 
C 1 343 GLU 343 343 343 GLU GLU C . n 
C 1 344 LYS 344 344 344 LYS LYS C . n 
C 1 345 ARG 345 345 345 ARG ARG C . n 
C 1 346 HIS 346 346 346 HIS HIS C . n 
C 1 347 VAL 347 347 347 VAL VAL C . n 
C 1 348 LEU 348 348 348 LEU LEU C . n 
C 1 349 GLY 349 349 349 GLY GLY C . n 
C 1 350 ARG 350 350 350 ARG ARG C . n 
C 1 351 LEU 351 351 351 LEU LEU C . n 
C 1 352 ILE 352 352 352 ILE ILE C . n 
C 1 353 THR 353 353 353 THR THR C . n 
C 1 354 VAL 354 354 354 VAL VAL C . n 
C 1 355 ASN 355 355 355 ASN ASN C . n 
C 1 356 PRO 356 356 356 PRO PRO C . n 
C 1 357 ILE 357 357 357 ILE ILE C . n 
C 1 358 VAL 358 358 358 VAL VAL C . n 
C 1 359 THR 359 359 359 THR THR C . n 
C 1 360 GLU 360 360 360 GLU GLU C . n 
C 1 361 LYS 361 361 361 LYS LYS C . n 
C 1 362 ASP 362 362 362 ASP ASP C . n 
C 1 363 SER 363 363 363 SER SER C . n 
C 1 364 PRO 364 364 364 PRO PRO C . n 
C 1 365 VAL 365 365 365 VAL VAL C . n 
C 1 366 ASN 366 366 366 ASN ASN C . n 
C 1 367 ILE 367 367 367 ILE ILE C . n 
C 1 368 GLU 368 368 368 GLU GLU C . n 
C 1 369 ALA 369 369 369 ALA ALA C . n 
C 1 370 GLU 370 370 370 GLU GLU C . n 
C 1 371 PRO 371 371 371 PRO PRO C . n 
C 1 372 PRO 372 372 372 PRO PRO C . n 
C 1 373 PHE 373 373 373 PHE PHE C . n 
C 1 374 GLY 374 374 374 GLY GLY C . n 
C 1 375 ASP 375 375 375 ASP ASP C . n 
C 1 376 SER 376 376 376 SER SER C . n 
C 1 377 TYR 377 377 377 TYR TYR C . n 
C 1 378 ILE 378 378 378 ILE ILE C . n 
C 1 379 ILE 379 379 379 ILE ILE C . n 
C 1 380 ILE 380 380 380 ILE ILE C . n 
C 1 381 GLY 381 381 381 GLY GLY C . n 
C 1 382 VAL 382 382 382 VAL VAL C . n 
C 1 383 GLU 383 383 383 GLU GLU C . n 
C 1 384 PRO 384 384 384 PRO PRO C . n 
C 1 385 GLY 385 385 385 GLY GLY C . n 
C 1 386 GLN 386 386 386 GLN GLN C . n 
C 1 387 LEU 387 387 387 LEU LEU C . n 
C 1 388 LYS 388 388 388 LYS LYS C . n 
C 1 389 LEU 389 389 389 LEU LEU C . n 
C 1 390 ASP 390 390 390 ASP ASP C . n 
C 1 391 TRP 391 391 391 TRP TRP C . n 
C 1 392 PHE 392 392 392 PHE PHE C . n 
C 1 393 LYS 393 393 393 LYS LYS C . n 
C 1 394 LYS 394 394 394 LYS LYS C . n 
C 1 395 GLY 395 395 395 GLY GLY C . n 
# 
_cell.entry_id           1THD 
_cell.length_a           1.000 
_cell.length_b           1.000 
_cell.length_c           1.000 
_cell.angle_alpha        90.00 
_cell.angle_beta         90.00 
_cell.angle_gamma        90.00 
_cell.Z_PDB              1 
_cell.pdbx_unique_axis   ? 
_cell.length_a_esd       ? 
_cell.length_b_esd       ? 
_cell.length_c_esd       ? 
_cell.angle_alpha_esd    ? 
_cell.angle_beta_esd     ? 
_cell.angle_gamma_esd    ? 
# 
_symmetry.entry_id                         1THD 
_symmetry.space_group_name_H-M             'P 1' 
_symmetry.pdbx_full_space_group_name_H-M   ? 
_symmetry.cell_setting                     ? 
_symmetry.Int_Tables_number                1 
_symmetry.space_group_name_Hall            ? 
# 
_exptl.entry_id          1THD 
_exptl.method            'ELECTRON MICROSCOPY' 
_exptl.crystals_number   ? 
# 
_refine_hist.pdbx_refine_id                   'ELECTRON MICROSCOPY' 
_refine_hist.cycle_id                         LAST 
_refine_hist.pdbx_number_atoms_protein        1170 
_refine_hist.pdbx_number_atoms_nucleic_acid   0 
_refine_hist.pdbx_number_atoms_ligand         0 
_refine_hist.number_atoms_solvent             0 
_refine_hist.number_atoms_total               1170 
_refine_hist.d_res_high                       . 
_refine_hist.d_res_low                        . 
# 
_struct.entry_id                  1THD 
_struct.title                     
'COMPLEX ORGANIZATION OF DENGUE VIRUS E PROTEIN AS REVEALED BY 9.5 ANGSTROM CRYO-EM RECONSTRUCTION' 
_struct.pdbx_model_details        ? 
_struct.pdbx_CASP_flag            ? 
_struct.pdbx_model_type_details   ? 
# 
_struct_keywords.entry_id        1THD 
_struct_keywords.pdbx_keywords   VIRUS 
_struct_keywords.text            'FLAVIVIRUS, FLAVIVIRIDAE, DENGUE VIRUS, GLYCOPROTEIN E, CRYO-EM, Icosahedral virus, Virus' 
# 
loop_
_struct_asym.id 
_struct_asym.pdbx_blank_PDB_chainid_flag 
_struct_asym.pdbx_modified 
_struct_asym.entity_id 
_struct_asym.details 
A N N 1 ? 
B N N 1 ? 
C N N 1 ? 
# 
_struct_ref.id                         1 
_struct_ref.db_name                    UNP 
_struct_ref.db_code                    POLG_DEN2P 
_struct_ref.pdbx_db_accession          P12823 
_struct_ref.entity_id                  1 
_struct_ref.pdbx_seq_one_letter_code   
;MRCIGISNRDFVEGVSGGSWVDIVLEHGSCVTTMAKNKPTLDFELIKTEAKQPATLRKYCIEAKLTNTTTDSRCPTQGEP
TLNEEQDKRFVCKHSMVDRGWGNGCGLFGKGGIVTCAMFTCKKNMEGKIVQPENLEYTVVITPHSGEEHAVGNDTGKHGK
EVKITPQSSITEAELTGYGTVTMECSPRTGLDFNEMVLLQMKDKAWLVHRQWFLDLPLPWLPGADTQGSNWIQKETLVTF
KNPHAKKQDVVVLGSQEGAMHTALTGATEIQMSSGNLLFTGHLKCRLRMDKLQLKGMSYSMCTGKFKVVKEIAETQHGTI
VIRVQYEGDGSPCKTPFEIMDLEKRHVLGRLTTVNPIVTEKDSPVNIEAEPPFGDSYIIIGVEPGQLKLDWFKKG
;
_struct_ref.pdbx_align_begin           281 
_struct_ref.pdbx_db_isoform            ? 
# 
loop_
_struct_ref_seq.align_id 
_struct_ref_seq.ref_id 
_struct_ref_seq.pdbx_PDB_id_code 
_struct_ref_seq.pdbx_strand_id 
_struct_ref_seq.seq_align_beg 
_struct_ref_seq.pdbx_seq_align_beg_ins_code 
_struct_ref_seq.seq_align_end 
_struct_ref_seq.pdbx_seq_align_end_ins_code 
_struct_ref_seq.pdbx_db_accession 
_struct_ref_seq.db_align_beg 
_struct_ref_seq.pdbx_db_align_beg_ins_code 
_struct_ref_seq.db_align_end 
_struct_ref_seq.pdbx_db_align_end_ins_code 
_struct_ref_seq.pdbx_auth_seq_align_beg 
_struct_ref_seq.pdbx_auth_seq_align_end 
1 1 1THD A 1 ? 395 ? P12823 281 ? 675 ? 1 395 
2 1 1THD B 1 ? 395 ? P12823 281 ? 675 ? 1 395 
3 1 1THD C 1 ? 395 ? P12823 281 ? 675 ? 1 395 
# 
loop_
_struct_ref_seq_dif.align_id 
_struct_ref_seq_dif.pdbx_pdb_id_code 
_struct_ref_seq_dif.mon_id 
_struct_ref_seq_dif.pdbx_pdb_strand_id 
_struct_ref_seq_dif.seq_num 
_struct_ref_seq_dif.pdbx_pdb_ins_code 
_struct_ref_seq_dif.pdbx_seq_db_name 
_struct_ref_seq_dif.pdbx_seq_db_accession_code 
_struct_ref_seq_dif.db_mon_id 
_struct_ref_seq_dif.pdbx_seq_db_seq_num 
_struct_ref_seq_dif.details 
_struct_ref_seq_dif.pdbx_auth_seq_num 
_struct_ref_seq_dif.pdbx_ordinal 
1 1THD ILE A 335 ? UNP P12823 THR 615 conflict 335 1 
1 1THD ILE A 352 ? UNP P12823 THR 632 conflict 352 2 
2 1THD ILE B 335 ? UNP P12823 THR 615 conflict 335 3 
2 1THD ILE B 352 ? UNP P12823 THR 632 conflict 352 4 
3 1THD ILE C 335 ? UNP P12823 THR 615 conflict 335 5 
3 1THD ILE C 352 ? UNP P12823 THR 632 conflict 352 6 
# 
loop_
_pdbx_struct_assembly.id 
_pdbx_struct_assembly.details 
_pdbx_struct_assembly.method_details 
_pdbx_struct_assembly.oligomeric_details 
_pdbx_struct_assembly.oligomeric_count 
1 'complete icosahedral assembly'                ? 180-MERIC      180 
2 'icosahedral asymmetric unit'                  ? trimeric       3   
3 'icosahedral pentamer'                         ? pentadecameric 15  
4 'icosahedral 23 hexamer'                       ? octadecameric  18  
5 'icosahedral asymmetric unit, std point frame' ? trimeric       3   
# 
loop_
_pdbx_struct_assembly_gen.assembly_id 
_pdbx_struct_assembly_gen.oper_expression 
_pdbx_struct_assembly_gen.asym_id_list 
1 '(1-60)'           A,B,C 
2 1                  A,B,C 
3 '(1-5)'            A,B,C 
4 '(1,2,6,10,23,24)' A,B,C 
5 P                  A,B,C 
# 
loop_
_pdbx_struct_oper_list.id 
_pdbx_struct_oper_list.type 
_pdbx_struct_oper_list.name 
_pdbx_struct_oper_list.symmetry_operation 
_pdbx_struct_oper_list.matrix[1][1] 
_pdbx_struct_oper_list.matrix[1][2] 
_pdbx_struct_oper_list.matrix[1][3] 
_pdbx_struct_oper_list.vector[1] 
_pdbx_struct_oper_list.matrix[2][1] 
_pdbx_struct_oper_list.matrix[2][2] 
_pdbx_struct_oper_list.matrix[2][3] 
_pdbx_struct_oper_list.vector[2] 
_pdbx_struct_oper_list.matrix[3][1] 
_pdbx_struct_oper_list.matrix[3][2] 
_pdbx_struct_oper_list.matrix[3][3] 
_pdbx_struct_oper_list.vector[3] 
P  'transform to point frame' ?     ?     -0.15747064 0.23390518  -0.95942241 26.87668   -0.82030596 0.50993931  0.25895950  22.19814   0.54981917  0.82779845  0.11157335  213.99440  
1  'identity operation'       1_555 x,y,z 1.00000000  0.00000000  0.00000000  0.00000    0.00000000  1.00000000  0.00000000  0.00000    0.00000000  0.00000000  1.00000000  0.00000    
2  'point symmetry operation' ?     ?     0.30993472  -0.19526106 0.93049104  -100.16131 0.24422791  0.96219379  0.12056459  16.35456   -0.91885428 0.18988473  0.34590546  -53.02077  
3  'point symmetry operation' ?     ?     -0.80661435 -0.07171112 0.58671185  -183.73354 0.19990800  0.90102208  0.38496233  1.23621    -0.55624641 0.42780454  -0.71244171 23.77820   
4  'point symmetry operation' ?     ?     -0.80661435 0.19990800  -0.55624641 -135.22270 -0.07171112 0.90102208  0.42780454  -24.46201  0.58671185  0.38496233  -0.71244171 124.26333  
5  'point symmetry operation' ?     ?     0.30993472  0.24422791  -0.91885428 -21.66913  -0.19526106 0.96219379  0.18988473  -25.22603  0.93049104  0.12056459  0.34590546  109.56760  
6  'point symmetry operation' ?     ?     -0.39539775 0.91027891  0.12269033  44.88311   0.91027891  0.37050053  0.18472048  -35.21260  0.12269033  0.18472048  -0.97510278 40.07534   
7  'point symmetry operation' ?     ?     -0.01296651 0.97636752  -0.21572741 92.86875   0.20288241  0.21382689  0.95557144  -130.12198 0.97911725  -0.03137687 -0.20086038 82.50824   
8  'point symmetry operation' ?     ?     0.43265948  0.90102329  0.03102883  121.57359  -0.76292812 0.34757631  0.54509760  -197.61103 0.48036075  -0.25951442 0.83779819  -5.42482   
9  'point symmetry operation' ?     ?     0.32564026  0.78836938  0.52195032  91.32852   -0.65243534 0.58691162  -0.47944015 -144.41218 -0.68431465 -0.18441382 0.70548210  -102.20333 
10 'point symmetry operation' ?     ?     -0.18612726 0.79408966  0.57860024  43.93120   0.38166347  0.60107958  -0.70216546 -44.04443  -0.90536712 0.09013844  -0.41495231 -74.08268  
11 'point symmetry operation' ?     ?     0.34580375  -0.83661252 -0.42485205 -226.85187 -0.83661252 -0.47992380 0.26410726  -366.86165 -0.42485205 0.26410726  -0.86587995 3.82004    
12 'point symmetry operation' ?     ?     0.29322959  -0.95317829 0.07394281  -252.64448 -0.61918214 -0.24827192 -0.74496613 -304.91756 0.72844347  0.17266204  -0.66299165 96.60276   
13 'point symmetry operation' ?     ?     -0.20985338 -0.96035796 0.18350518  -301.52406 0.43197434  -0.25944124 -0.86376409 -207.46116 0.87713153  -0.10199429 0.46929461  61.61704   
14 'point symmetry operation' ?     ?     -0.46820158 -0.84822945 -0.24757641 -305.94069 0.86419439  -0.49799613 0.07188811  -209.17390 -0.18426970 -0.18029601 0.96619771  -52.78804  
15 'point symmetry operation' ?     ?     -0.12478659 -0.77175056 -0.62356184 -259.79074 0.08016460  -0.63426184 0.76895094  -307.68881 -0.98893980 0.04596718  0.14101445  -88.50855  
16 'point symmetry operation' ?     ?     -0.95040600 -0.07366639 0.30216172  -198.89791 -0.07366639 -0.89057673 -0.44882774 -376.92787 0.30216172  -0.44882774 0.84098273  -59.24898  
17 'point symmetry operation' ?     ?     -0.59019780 0.17207183  -0.78870644 -120.92963 0.17207183  -0.92774876 -0.33116991 -360.31715 -0.78870644 -0.33116991 0.51794656  -141.44383 
18 'point symmetry operation' ?     ?     0.58380824  0.13104578  -0.80124586 -17.18266  0.13104578  -0.98915715 -0.06629583 -375.16614 -0.80124586 -0.06629583 -0.59465109 -95.32402  
19 'point symmetry operation' ?     ?     0.94917567  -0.14004793 0.28187250  -31.03179  -0.14004793 -0.98993758 -0.02025249 -400.95403 0.28187250  -0.02025249 -0.95923810 15.37444   
20 'point symmetry operation' ?     ?     0.00097913  -0.26656701 0.96381589  -143.33800 -0.26656701 -0.92901153 -0.25667021 -402.04284 0.96381589  -0.25667021 -0.07196760 37.67004   
21 'point symmetry operation' ?     ?     -0.40842622 -0.04185335 0.91183130  -138.75664 -0.63074292 0.73503076  -0.24878335 -112.61507 -0.65981164 -0.67674078 -0.32660454 -199.71273 
22 'point symmetry operation' ?     ?     -0.97464732 0.21262154  -0.06967554 -146.87862 0.21262154  0.78316140  -0.58433747 -24.22724  -0.06967554 -0.58433747 -0.80851408 -127.37611 
23 'point symmetry operation' ?     ?     -0.18612726 0.38166347  -0.90536712 -42.08508  0.79408966  0.60107958  0.09013844  -1.73341   0.57860024  -0.70216546 -0.41495231 -87.08586  
24 'point symmetry operation' ?     ?     0.86742603  0.23166224  -0.44034609 30.80287   0.31009227  0.44041617  0.84254162  -76.21928  0.38912061  -0.86739045 0.31019178  -134.52174 
25 'point symmetry operation' ?     ?     0.73003772  -0.03008555 0.68274430  -28.94344  -0.57050269 0.52320255  0.63307643  -144.74792 -0.37626002 -0.85167713 0.36479371  -204.12897 
26 'point symmetry operation' ?     ?     0.23526547  -0.21885455 -0.94697035 -119.07236 0.88795402  -0.34777807 0.30097852  -176.77720 -0.39520604 -0.91167598 0.11251260  -218.58612 
27 'point symmetry operation' ?     ?     0.88959431  -0.43633388 -0.13503591 -96.00704  -0.08628472 -0.45086152 0.88841366  -287.36171 -0.44852748 -0.77867620 -0.43873280 -199.87733 
28 'point symmetry operation' ?     ?     0.29322959  -0.61918214 0.72844347  -185.08632 -0.95317829 -0.24827192 0.17266204  -333.19733 0.07394281  -0.74496613 -0.66299165 -144.42519 
29 'point symmetry operation' ?     ?     -0.72967293 -0.51470924 0.45016864  -263.20566 -0.51470924 -0.01998122 -0.85713193 -250.94080 0.45016864  -0.85713193 -0.25034585 -128.86267 
30 'point symmetry operation' ?     ?     -0.76549672 -0.26729318 -0.58529404 -222.40680 0.62317311  -0.08147940 -0.77782799 -154.26783 0.16021871  -0.96016428 0.22894214  -174.69664 
31 'point symmetry operation' ?     ?     -0.49361367 0.60260217  -0.62706950 -27.26677  -0.72735309 0.10922318  0.67751589  -240.13482 0.47676307  0.79053205  0.38439049  196.98937  
32 'point symmetry operation' ?     ?     0.57036975  0.55713267  -0.60355739 65.27723   -0.82129501 0.37576752  -0.42927063 -201.41829 -0.01236343 0.74054165  0.67189671  141.78428  
33 'point symmetry operation' ?     ?     0.86742603  0.31009227  0.38912061  49.26098   0.23166224  0.44041617  -0.86739045 -90.25053  -0.44034609 0.84254162  0.31019178  119.50938  
34 'point symmetry operation' ?     ?     -0.01296651 0.20288241  0.97911725  -53.18160  0.97636752  0.21382689  -0.03137687 -60.26161  -0.21572741 0.95557144  -0.20086038 160.94782  
35 'point symmetry operation' ?     ?     -0.85413531 0.38366346  0.35107722  -100.47835 0.38366346  0.00913837  0.92342776  -152.89519 0.35107722  0.92342776  -0.15500306 208.83309  
36 'point symmetry operation' ?     ?     0.66677442  -0.34189428 0.66220856  -95.77090  0.47014198  -0.49647587 -0.72971106 -249.47504 0.57825460  0.79788471  -0.17029856 205.95587  
37 'point symmetry operation' ?     ?     -0.48531674 -0.33342034 0.80826884  -203.25824 0.69495819  -0.70806740 0.12519445  -265.99488 0.53056645  0.62247202  0.57535017  170.11555  
38 'point symmetry operation' ?     ?     -0.97452835 -0.07257360 -0.21219696 -202.95625 -0.07257360 -0.79322383 0.60458997  -353.82085 -0.21219696 0.60458997  0.76775218  96.64807   
39 'point symmetry operation' ?     ?     -0.12478659 0.08016460  -0.98893980 -95.28228  -0.77175056 -0.63426184 0.04596718  -391.58044 -0.62356184 0.76895094  0.14101445  87.08299   
40 'point symmetry operation' ?     ?     0.88959431  -0.08628472 -0.44852748 -29.03809  -0.43633388 -0.45086152 -0.77867620 -327.09118 -0.13503591 0.88841366  -0.43873280 154.63893  
41 'point symmetry operation' ?     ?     -0.40842622 -0.63074292 -0.65981164 -259.47579 -0.04185335 0.73503076  -0.67674078 -58.18564  0.91183130  -0.24878335 -0.32660454 33.27881   
42 'point symmetry operation' ?     ?     0.32564026  -0.65243534 -0.68431465 -193.89909 0.78836938  0.58691162  -0.18441382 -6.09113   0.52195032  -0.47944015 0.70548210  -44.80333  
43 'point symmetry operation' ?     ?     0.57036975  -0.82129501 -0.01236343 -200.90306 0.55713267  0.37576752  0.74054165  -65.67880  -0.60355739 -0.42927063 0.67189671  -142.32880 
44 'point symmetry operation' ?     ?     -0.01244558 -0.90396359 0.42742827  -270.80844 -0.41600220 0.39339242  0.81986863  -154.60051 -0.90927843 -0.16760736 -0.38094684 -124.52071 
45 'point symmetry operation' ?     ?     -0.61737476 -0.78619592 0.02728328  -307.00838 -0.78619592 0.61542930  -0.05606008 -149.96948 0.02728328  -0.05606008 -0.99805455 -15.98924  
46 'point symmetry operation' ?     ?     -0.49361367 -0.72735309 0.47676307  -282.03931 0.60260217  0.10922318  0.79053205  -113.06711 -0.62706950 0.67751589  0.38439049  69.87616   
47 'point symmetry operation' ?     ?     -0.76870373 -0.51294107 -0.38208118 -269.77220 -0.51294107 0.13753909  0.84733372  -213.55285 -0.38208118 0.84733372  -0.36883536 123.38406  
48 'point symmetry operation' ?     ?     -0.01244558 -0.41600220 -0.90927843 -180.90852 -0.90396359 0.39339242  -0.16760736 -204.85289 0.42742827  0.81986863  -0.38094684 195.06752  
49 'point symmetry operation' ?     ?     0.73003772  -0.57050269 -0.37626002 -138.25485 -0.03008555 0.52320255  -0.85167713 -98.99028  0.68274430  0.63307643  0.36479371  185.86243  
50 'point symmetry operation' ?     ?     0.43265948  -0.76292812 0.48036075  -200.75711 0.90102329  0.34757631  -0.25951442 -42.26355  0.03102883  0.54509760  0.83779819  108.48991  
51 'point symmetry operation' ?     ?     0.66677442  0.47014198  0.57825460  62.05134   -0.34189428 -0.49647587 0.79788471  -320.93090 0.66220856  -0.72971106 -0.17029856 -83.55040  
52 'point symmetry operation' ?     ?     -0.20985338 0.43197434  0.87713153  -27.70419  -0.96035796 -0.25944124 -0.10199429 -337.11043 0.18350518  -0.86376409 0.46929461  -152.78282 
53 'point symmetry operation' ?     ?     -0.76549672 0.62317311  0.16021871  -46.12644  -0.26729318 -0.08147940 -0.96016428 -239.75495 -0.58529404 -0.77782799 0.22894214  -210.17179 
54 'point symmetry operation' ?     ?     -0.23227539 0.77950809  -0.58173471 32.24353   0.77950809  -0.20852756 -0.59066352 -163.40642 -0.58173471 -0.59066352 -0.55919704 -176.40770 
55 'point symmetry operation' ?     ?     0.65291685  0.68492965  -0.32337433 99.10107   0.73340207  -0.46500948 0.49587052  -213.57592 0.18926430  -0.56092562 -0.80594135 -98.15137  
56 'point symmetry operation' ?     ?     0.23526547  0.88795402  -0.39520604 98.59708   -0.21885455 -0.34777807 -0.91167598 -286.81847 -0.94697035 0.30097852  0.11251260  -34.95817  
57 'point symmetry operation' ?     ?     0.65291685  0.73340207  0.18926430  110.50881  0.68492965  -0.46500948 -0.56092562 -222.24771 -0.32337433 0.49587052  -0.80594135 58.84850   
58 'point symmetry operation' ?     ?     0.20757255  0.61412409  0.76142315  47.07134   0.61412409  -0.68768054 0.38722999  -268.71549 0.76142315  0.38722999  -0.51989201 142.07947  
59 'point symmetry operation' ?     ?     -0.48531674 0.69495819  0.53056645  -4.04691   -0.33342034 -0.70806740 0.62247202  -362.00491 0.80826884  0.12519445  0.57535017  99.71238   
60 'point symmetry operation' ?     ?     -0.46820158 0.86419439  -0.18426970 27.79775   -0.84822945 -0.49799613 -0.18029601 -373.19317 -0.24757641 0.07188811  0.96619771  -9.70290  
# 
_struct_biol.id                    1 
_struct_biol.pdbx_parent_biol_id   ? 
_struct_biol.details               ? 
# 
_pdbx_point_symmetry.entry_id             1THD 
_pdbx_point_symmetry.Schoenflies_symbol   I 
_pdbx_point_symmetry.H-M_notation         532 
_pdbx_point_symmetry.circular_symmetry    ? 
# 
_pdbx_database_remark.id     999 
_pdbx_database_remark.text   
;SEQUENCE
AUTHORS SUBMITTED COORDINATES FOR CA ATOMS ONLY.
;
# 
_em_3d_fitting.id                1 
_em_3d_fitting.entry_id          1THD 
_em_3d_fitting.ref_protocol      OTHER 
_em_3d_fitting.ref_space         ? 
_em_3d_fitting.overall_b_value   ? 
_em_3d_fitting.target_criteria   ? 
_em_3d_fitting.details           'METHOD--please see citation' 
_em_3d_fitting.method            ? 
# 
_em_3d_fitting_list.3d_fitting_id                 1 
_em_3d_fitting_list.id                            1 
_em_3d_fitting_list.pdb_entry_id                  1TG8 
_em_3d_fitting_list.pdb_chain_id                  ? 
_em_3d_fitting_list.details                       ? 
_em_3d_fitting_list.initial_refinement_model_id   1 
_em_3d_fitting_list.chain_id                      ? 
_em_3d_fitting_list.chain_residue_range           ? 
_em_3d_fitting_list.pdb_chain_residue_range       ? 
_em_3d_fitting_list.source_name                   PDB 
_em_3d_fitting_list.type                          'experimental model' 
_em_3d_fitting_list.accession_code                1TG8 
# 
_em_3d_reconstruction.entry_id                    1THD 
_em_3d_reconstruction.id                          1 
_em_3d_reconstruction.symmetry_type               POINT 
_em_3d_reconstruction.image_processing_id         1 
_em_3d_reconstruction.method                      'FOURIER-BESSEL METHOD' 
_em_3d_reconstruction.nominal_pixel_size          2.8 
_em_3d_reconstruction.actual_pixel_size           ? 
_em_3d_reconstruction.resolution                  9.5 
_em_3d_reconstruction.magnification_calibration   ? 
_em_3d_reconstruction.details                     
;THE RECONSTRUCTION WAS COMPUTED FROM 1691 DENGUE VIRUS IMAGES THAT WERE SELECTED FROM 78 MICROGRAPHS. ORIENTATIONS WERE DETERMINED BY THE MODEL-BASED POLAR-FOURIER TRANSFORM METHOD (BAKER AND CHENG, 1996, J.STRUCT.BIOL. 116, 120-130) AND REFINED BY THE MODEL-BASED FOURIER TRANSFORM REFINEMENT PROCEDURE (HTTP://BOND.CS.UCF.EDU/COMPUTATIONALBIOLOGY/PROJECTS/POR/HOME.HTML).
;
_em_3d_reconstruction.resolution_method           ? 
_em_3d_reconstruction.num_class_averages          ? 
_em_3d_reconstruction.num_particles               ? 
_em_3d_reconstruction.algorithm                   ? 
# 
_em_buffer.id            1 
_em_buffer.specimen_id   1 
_em_buffer.name          '50 mM TRIS, 75 mM NACL, 1 mM EDTA' 
_em_buffer.pH            7.6 
_em_buffer.details       '50 mM TRIS, 75 mM NACL, 1 mM EDTA' 
# 
_em_entity_assembly.id                   1 
_em_entity_assembly.name                 'DENGUE VIRUS' 
_em_entity_assembly.type                 VIRUS 
_em_entity_assembly.parent_id            0 
_em_entity_assembly.synonym              ? 
_em_entity_assembly.details              ? 
_em_entity_assembly.oligomeric_details   ? 
# 
_em_imaging.entry_id                        1THD 
_em_imaging.id                              1 
_em_imaging.illumination_mode               'FLOOD BEAM' 
_em_imaging.electron_source                 'FIELD EMISSION GUN' 
_em_imaging.specimen_id                     1 
_em_imaging.date                            2000-06-27 
_em_imaging.temperature                     87.00 
_em_imaging.microscope_model                'FEI/PHILIPS CM200T' 
_em_imaging.nominal_defocus_min             800. 
_em_imaging.nominal_defocus_max             4800. 
_em_imaging.tilt_angle_min                  0.00 
_em_imaging.tilt_angle_max                  0.00 
_em_imaging.nominal_cs                      2.00 
_em_imaging.mode                            'BRIGHT FIELD' 
_em_imaging.nominal_magnification           50000 
_em_imaging.calibrated_magnification        ? 
_em_imaging.accelerating_voltage            200 
_em_imaging.details                         ? 
_em_imaging.specimen_holder_type            ? 
_em_imaging.specimen_holder_model           ? 
_em_imaging.citation_id                     ? 
_em_imaging.detector_distance               ? 
_em_imaging.recording_temperature_maximum   ? 
_em_imaging.recording_temperature_minimum   ? 
_em_imaging.astigmatism                     ? 
_em_imaging.electron_beam_tilt_params       ? 
# 
_em_vitrification.entry_id              1THD 
_em_vitrification.id                    1 
_em_vitrification.details               
'SAMPLES WERE PREPARED AS THIN LAYERS OF VITREOUS ICE AND MAINTAINED AT LIQUID NITROGEN TEMPERATURE IN THE ELECTRON MICROSCOPE' 
_em_vitrification.citation_id           ? 
_em_vitrification.cryogen_name          ? 
_em_vitrification.humidity              ? 
_em_vitrification.instrument            ? 
_em_vitrification.method                ? 
_em_vitrification.specimen_id           1 
_em_vitrification.temp                  ? 
_em_vitrification.time_resolved_state   ? 
# 
_em_experiment.entry_id                1THD 
_em_experiment.id                      1 
_em_experiment.aggregation_state       PARTICLE 
_em_experiment.entity_assembly_id      1 
_em_experiment.reconstruction_method   'SINGLE PARTICLE' 
# 
_em_single_particle_entity.entry_id              1THD 
_em_single_particle_entity.id                    1 
_em_single_particle_entity.point_symmetry        I 
_em_single_particle_entity.image_processing_id   1 
# 
loop_
_pdbx_unobs_or_zero_occ_residues.id 
_pdbx_unobs_or_zero_occ_residues.PDB_model_num 
_pdbx_unobs_or_zero_occ_residues.polymer_flag 
_pdbx_unobs_or_zero_occ_residues.occupancy_flag 
_pdbx_unobs_or_zero_occ_residues.auth_asym_id 
_pdbx_unobs_or_zero_occ_residues.auth_comp_id 
_pdbx_unobs_or_zero_occ_residues.auth_seq_id 
_pdbx_unobs_or_zero_occ_residues.PDB_ins_code 
_pdbx_unobs_or_zero_occ_residues.label_asym_id 
_pdbx_unobs_or_zero_occ_residues.label_comp_id 
_pdbx_unobs_or_zero_occ_residues.label_seq_id 
1  1 Y 1 A GLY 17  ? A GLY 17  
2  1 Y 1 A GLY 18  ? A GLY 18  
3  1 Y 1 A ASP 225 ? A ASP 225 
4  1 Y 1 A THR 226 ? A THR 226 
5  1 Y 1 A GLN 227 ? A GLN 227 
6  1 Y 1 B GLY 17  ? B GLY 17  
7  1 Y 1 B GLY 18  ? B GLY 18  
8  1 Y 1 B ASP 225 ? B ASP 225 
9  1 Y 1 B THR 226 ? B THR 226 
10 1 Y 1 B GLN 227 ? B GLN 227 
11 1 Y 1 C GLY 17  ? C GLY 17  
12 1 Y 1 C GLY 18  ? C GLY 18  
13 1 Y 1 C ASP 225 ? C ASP 225 
14 1 Y 1 C THR 226 ? C THR 226 
15 1 Y 1 C GLN 227 ? C GLN 227 
# 
loop_
_chem_comp_atom.comp_id 
_chem_comp_atom.atom_id 
_chem_comp_atom.type_symbol 
_chem_comp_atom.pdbx_aromatic_flag 
_chem_comp_atom.pdbx_stereo_config 
_chem_comp_atom.pdbx_ordinal 
ALA N    N N N 1   
ALA CA   C N S 2   
ALA C    C N N 3   
ALA O    O N N 4   
ALA CB   C N N 5   
ALA OXT  O N N 6   
ALA H    H N N 7   
ALA H2   H N N 8   
ALA HA   H N N 9   
ALA HB1  H N N 10  
ALA HB2  H N N 11  
ALA HB3  H N N 12  
ALA HXT  H N N 13  
ARG N    N N N 14  
ARG CA   C N S 15  
ARG C    C N N 16  
ARG O    O N N 17  
ARG CB   C N N 18  
ARG CG   C N N 19  
ARG CD   C N N 20  
ARG NE   N N N 21  
ARG CZ   C N N 22  
ARG NH1  N N N 23  
ARG NH2  N N N 24  
ARG OXT  O N N 25  
ARG H    H N N 26  
ARG H2   H N N 27  
ARG HA   H N N 28  
ARG HB2  H N N 29  
ARG HB3  H N N 30  
ARG HG2  H N N 31  
ARG HG3  H N N 32  
ARG HD2  H N N 33  
ARG HD3  H N N 34  
ARG HE   H N N 35  
ARG HH11 H N N 36  
ARG HH12 H N N 37  
ARG HH21 H N N 38  
ARG HH22 H N N 39  
ARG HXT  H N N 40  
ASN N    N N N 41  
ASN CA   C N S 42  
ASN C    C N N 43  
ASN O    O N N 44  
ASN CB   C N N 45  
ASN CG   C N N 46  
ASN OD1  O N N 47  
ASN ND2  N N N 48  
ASN OXT  O N N 49  
ASN H    H N N 50  
ASN H2   H N N 51  
ASN HA   H N N 52  
ASN HB2  H N N 53  
ASN HB3  H N N 54  
ASN HD21 H N N 55  
ASN HD22 H N N 56  
ASN HXT  H N N 57  
ASP N    N N N 58  
ASP CA   C N S 59  
ASP C    C N N 60  
ASP O    O N N 61  
ASP CB   C N N 62  
ASP CG   C N N 63  
ASP OD1  O N N 64  
ASP OD2  O N N 65  
ASP OXT  O N N 66  
ASP H    H N N 67  
ASP H2   H N N 68  
ASP HA   H N N 69  
ASP HB2  H N N 70  
ASP HB3  H N N 71  
ASP HD2  H N N 72  
ASP HXT  H N N 73  
CYS N    N N N 74  
CYS CA   C N R 75  
CYS C    C N N 76  
CYS O    O N N 77  
CYS CB   C N N 78  
CYS SG   S N N 79  
CYS OXT  O N N 80  
CYS H    H N N 81  
CYS H2   H N N 82  
CYS HA   H N N 83  
CYS HB2  H N N 84  
CYS HB3  H N N 85  
CYS HG   H N N 86  
CYS HXT  H N N 87  
GLN N    N N N 88  
GLN CA   C N S 89  
GLN C    C N N 90  
GLN O    O N N 91  
GLN CB   C N N 92  
GLN CG   C N N 93  
GLN CD   C N N 94  
GLN OE1  O N N 95  
GLN NE2  N N N 96  
GLN OXT  O N N 97  
GLN H    H N N 98  
GLN H2   H N N 99  
GLN HA   H N N 100 
GLN HB2  H N N 101 
GLN HB3  H N N 102 
GLN HG2  H N N 103 
GLN HG3  H N N 104 
GLN HE21 H N N 105 
GLN HE22 H N N 106 
GLN HXT  H N N 107 
GLU N    N N N 108 
GLU CA   C N S 109 
GLU C    C N N 110 
GLU O    O N N 111 
GLU CB   C N N 112 
GLU CG   C N N 113 
GLU CD   C N N 114 
GLU OE1  O N N 115 
GLU OE2  O N N 116 
GLU OXT  O N N 117 
GLU H    H N N 118 
GLU H2   H N N 119 
GLU HA   H N N 120 
GLU HB2  H N N 121 
GLU HB3  H N N 122 
GLU HG2  H N N 123 
GLU HG3  H N N 124 
GLU HE2  H N N 125 
GLU HXT  H N N 126 
GLY N    N N N 127 
GLY CA   C N N 128 
GLY C    C N N 129 
GLY O    O N N 130 
GLY OXT  O N N 131 
GLY H    H N N 132 
GLY H2   H N N 133 
GLY HA2  H N N 134 
GLY HA3  H N N 135 
GLY HXT  H N N 136 
HIS N    N N N 137 
HIS CA   C N S 138 
HIS C    C N N 139 
HIS O    O N N 140 
HIS CB   C N N 141 
HIS CG   C Y N 142 
HIS ND1  N Y N 143 
HIS CD2  C Y N 144 
HIS CE1  C Y N 145 
HIS NE2  N Y N 146 
HIS OXT  O N N 147 
HIS H    H N N 148 
HIS H2   H N N 149 
HIS HA   H N N 150 
HIS HB2  H N N 151 
HIS HB3  H N N 152 
HIS HD1  H N N 153 
HIS HD2  H N N 154 
HIS HE1  H N N 155 
HIS HE2  H N N 156 
HIS HXT  H N N 157 
ILE N    N N N 158 
ILE CA   C N S 159 
ILE C    C N N 160 
ILE O    O N N 161 
ILE CB   C N S 162 
ILE CG1  C N N 163 
ILE CG2  C N N 164 
ILE CD1  C N N 165 
ILE OXT  O N N 166 
ILE H    H N N 167 
ILE H2   H N N 168 
ILE HA   H N N 169 
ILE HB   H N N 170 
ILE HG12 H N N 171 
ILE HG13 H N N 172 
ILE HG21 H N N 173 
ILE HG22 H N N 174 
ILE HG23 H N N 175 
ILE HD11 H N N 176 
ILE HD12 H N N 177 
ILE HD13 H N N 178 
ILE HXT  H N N 179 
LEU N    N N N 180 
LEU CA   C N S 181 
LEU C    C N N 182 
LEU O    O N N 183 
LEU CB   C N N 184 
LEU CG   C N N 185 
LEU CD1  C N N 186 
LEU CD2  C N N 187 
LEU OXT  O N N 188 
LEU H    H N N 189 
LEU H2   H N N 190 
LEU HA   H N N 191 
LEU HB2  H N N 192 
LEU HB3  H N N 193 
LEU HG   H N N 194 
LEU HD11 H N N 195 
LEU HD12 H N N 196 
LEU HD13 H N N 197 
LEU HD21 H N N 198 
LEU HD22 H N N 199 
LEU HD23 H N N 200 
LEU HXT  H N N 201 
LYS N    N N N 202 
LYS CA   C N S 203 
LYS C    C N N 204 
LYS O    O N N 205 
LYS CB   C N N 206 
LYS CG   C N N 207 
LYS CD   C N N 208 
LYS CE   C N N 209 
LYS NZ   N N N 210 
LYS OXT  O N N 211 
LYS H    H N N 212 
LYS H2   H N N 213 
LYS HA   H N N 214 
LYS HB2  H N N 215 
LYS HB3  H N N 216 
LYS HG2  H N N 217 
LYS HG3  H N N 218 
LYS HD2  H N N 219 
LYS HD3  H N N 220 
LYS HE2  H N N 221 
LYS HE3  H N N 222 
LYS HZ1  H N N 223 
LYS HZ2  H N N 224 
LYS HZ3  H N N 225 
LYS HXT  H N N 226 
MET N    N N N 227 
MET CA   C N S 228 
MET C    C N N 229 
MET O    O N N 230 
MET CB   C N N 231 
MET CG   C N N 232 
MET SD   S N N 233 
MET CE   C N N 234 
MET OXT  O N N 235 
MET H    H N N 236 
MET H2   H N N 237 
MET HA   H N N 238 
MET HB2  H N N 239 
MET HB3  H N N 240 
MET HG2  H N N 241 
MET HG3  H N N 242 
MET HE1  H N N 243 
MET HE2  H N N 244 
MET HE3  H N N 245 
MET HXT  H N N 246 
PHE N    N N N 247 
PHE CA   C N S 248 
PHE C    C N N 249 
PHE O    O N N 250 
PHE CB   C N N 251 
PHE CG   C Y N 252 
PHE CD1  C Y N 253 
PHE CD2  C Y N 254 
PHE CE1  C Y N 255 
PHE CE2  C Y N 256 
PHE CZ   C Y N 257 
PHE OXT  O N N 258 
PHE H    H N N 259 
PHE H2   H N N 260 
PHE HA   H N N 261 
PHE HB2  H N N 262 
PHE HB3  H N N 263 
PHE HD1  H N N 264 
PHE HD2  H N N 265 
PHE HE1  H N N 266 
PHE HE2  H N N 267 
PHE HZ   H N N 268 
PHE HXT  H N N 269 
PRO N    N N N 270 
PRO CA   C N S 271 
PRO C    C N N 272 
PRO O    O N N 273 
PRO CB   C N N 274 
PRO CG   C N N 275 
PRO CD   C N N 276 
PRO OXT  O N N 277 
PRO H    H N N 278 
PRO HA   H N N 279 
PRO HB2  H N N 280 
PRO HB3  H N N 281 
PRO HG2  H N N 282 
PRO HG3  H N N 283 
PRO HD2  H N N 284 
PRO HD3  H N N 285 
PRO HXT  H N N 286 
SER N    N N N 287 
SER CA   C N S 288 
SER C    C N N 289 
SER O    O N N 290 
SER CB   C N N 291 
SER OG   O N N 292 
SER OXT  O N N 293 
SER H    H N N 294 
SER H2   H N N 295 
SER HA   H N N 296 
SER HB2  H N N 297 
SER HB3  H N N 298 
SER HG   H N N 299 
SER HXT  H N N 300 
THR N    N N N 301 
THR CA   C N S 302 
THR C    C N N 303 
THR O    O N N 304 
THR CB   C N R 305 
THR OG1  O N N 306 
THR CG2  C N N 307 
THR OXT  O N N 308 
THR H    H N N 309 
THR H2   H N N 310 
THR HA   H N N 311 
THR HB   H N N 312 
THR HG1  H N N 313 
THR HG21 H N N 314 
THR HG22 H N N 315 
THR HG23 H N N 316 
THR HXT  H N N 317 
TRP N    N N N 318 
TRP CA   C N S 319 
TRP C    C N N 320 
TRP O    O N N 321 
TRP CB   C N N 322 
TRP CG   C Y N 323 
TRP CD1  C Y N 324 
TRP CD2  C Y N 325 
TRP NE1  N Y N 326 
TRP CE2  C Y N 327 
TRP CE3  C Y N 328 
TRP CZ2  C Y N 329 
TRP CZ3  C Y N 330 
TRP CH2  C Y N 331 
TRP OXT  O N N 332 
TRP H    H N N 333 
TRP H2   H N N 334 
TRP HA   H N N 335 
TRP HB2  H N N 336 
TRP HB3  H N N 337 
TRP HD1  H N N 338 
TRP HE1  H N N 339 
TRP HE3  H N N 340 
TRP HZ2  H N N 341 
TRP HZ3  H N N 342 
TRP HH2  H N N 343 
TRP HXT  H N N 344 
TYR N    N N N 345 
TYR CA   C N S 346 
TYR C    C N N 347 
TYR O    O N N 348 
TYR CB   C N N 349 
TYR CG   C Y N 350 
TYR CD1  C Y N 351 
TYR CD2  C Y N 352 
TYR CE1  C Y N 353 
TYR CE2  C Y N 354 
TYR CZ   C Y N 355 
TYR OH   O N N 356 
TYR OXT  O N N 357 
TYR H    H N N 358 
TYR H2   H N N 359 
TYR HA   H N N 360 
TYR HB2  H N N 361 
TYR HB3  H N N 362 
TYR HD1  H N N 363 
TYR HD2  H N N 364 
TYR HE1  H N N 365 
TYR HE2  H N N 366 
TYR HH   H N N 367 
TYR HXT  H N N 368 
VAL N    N N N 369 
VAL CA   C N S 370 
VAL C    C N N 371 
VAL O    O N N 372 
VAL CB   C N N 373 
VAL CG1  C N N 374 
VAL CG2  C N N 375 
VAL OXT  O N N 376 
VAL H    H N N 377 
VAL H2   H N N 378 
VAL HA   H N N 379 
VAL HB   H N N 380 
VAL HG11 H N N 381 
VAL HG12 H N N 382 
VAL HG13 H N N 383 
VAL HG21 H N N 384 
VAL HG22 H N N 385 
VAL HG23 H N N 386 
VAL HXT  H N N 387 
# 
loop_
_chem_comp_bond.comp_id 
_chem_comp_bond.atom_id_1 
_chem_comp_bond.atom_id_2 
_chem_comp_bond.value_order 
_chem_comp_bond.pdbx_aromatic_flag 
_chem_comp_bond.pdbx_stereo_config 
_chem_comp_bond.pdbx_ordinal 
ALA N   CA   sing N N 1   
ALA N   H    sing N N 2   
ALA N   H2   sing N N 3   
ALA CA  C    sing N N 4   
ALA CA  CB   sing N N 5   
ALA CA  HA   sing N N 6   
ALA C   O    doub N N 7   
ALA C   OXT  sing N N 8   
ALA CB  HB1  sing N N 9   
ALA CB  HB2  sing N N 10  
ALA CB  HB3  sing N N 11  
ALA OXT HXT  sing N N 12  
ARG N   CA   sing N N 13  
ARG N   H    sing N N 14  
ARG N   H2   sing N N 15  
ARG CA  C    sing N N 16  
ARG CA  CB   sing N N 17  
ARG CA  HA   sing N N 18  
ARG C   O    doub N N 19  
ARG C   OXT  sing N N 20  
ARG CB  CG   sing N N 21  
ARG CB  HB2  sing N N 22  
ARG CB  HB3  sing N N 23  
ARG CG  CD   sing N N 24  
ARG CG  HG2  sing N N 25  
ARG CG  HG3  sing N N 26  
ARG CD  NE   sing N N 27  
ARG CD  HD2  sing N N 28  
ARG CD  HD3  sing N N 29  
ARG NE  CZ   sing N N 30  
ARG NE  HE   sing N N 31  
ARG CZ  NH1  sing N N 32  
ARG CZ  NH2  doub N N 33  
ARG NH1 HH11 sing N N 34  
ARG NH1 HH12 sing N N 35  
ARG NH2 HH21 sing N N 36  
ARG NH2 HH22 sing N N 37  
ARG OXT HXT  sing N N 38  
ASN N   CA   sing N N 39  
ASN N   H    sing N N 40  
ASN N   H2   sing N N 41  
ASN CA  C    sing N N 42  
ASN CA  CB   sing N N 43  
ASN CA  HA   sing N N 44  
ASN C   O    doub N N 45  
ASN C   OXT  sing N N 46  
ASN CB  CG   sing N N 47  
ASN CB  HB2  sing N N 48  
ASN CB  HB3  sing N N 49  
ASN CG  OD1  doub N N 50  
ASN CG  ND2  sing N N 51  
ASN ND2 HD21 sing N N 52  
ASN ND2 HD22 sing N N 53  
ASN OXT HXT  sing N N 54  
ASP N   CA   sing N N 55  
ASP N   H    sing N N 56  
ASP N   H2   sing N N 57  
ASP CA  C    sing N N 58  
ASP CA  CB   sing N N 59  
ASP CA  HA   sing N N 60  
ASP C   O    doub N N 61  
ASP C   OXT  sing N N 62  
ASP CB  CG   sing N N 63  
ASP CB  HB2  sing N N 64  
ASP CB  HB3  sing N N 65  
ASP CG  OD1  doub N N 66  
ASP CG  OD2  sing N N 67  
ASP OD2 HD2  sing N N 68  
ASP OXT HXT  sing N N 69  
CYS N   CA   sing N N 70  
CYS N   H    sing N N 71  
CYS N   H2   sing N N 72  
CYS CA  C    sing N N 73  
CYS CA  CB   sing N N 74  
CYS CA  HA   sing N N 75  
CYS C   O    doub N N 76  
CYS C   OXT  sing N N 77  
CYS CB  SG   sing N N 78  
CYS CB  HB2  sing N N 79  
CYS CB  HB3  sing N N 80  
CYS SG  HG   sing N N 81  
CYS OXT HXT  sing N N 82  
GLN N   CA   sing N N 83  
GLN N   H    sing N N 84  
GLN N   H2   sing N N 85  
GLN CA  C    sing N N 86  
GLN CA  CB   sing N N 87  
GLN CA  HA   sing N N 88  
GLN C   O    doub N N 89  
GLN C   OXT  sing N N 90  
GLN CB  CG   sing N N 91  
GLN CB  HB2  sing N N 92  
GLN CB  HB3  sing N N 93  
GLN CG  CD   sing N N 94  
GLN CG  HG2  sing N N 95  
GLN CG  HG3  sing N N 96  
GLN CD  OE1  doub N N 97  
GLN CD  NE2  sing N N 98  
GLN NE2 HE21 sing N N 99  
GLN NE2 HE22 sing N N 100 
GLN OXT HXT  sing N N 101 
GLU N   CA   sing N N 102 
GLU N   H    sing N N 103 
GLU N   H2   sing N N 104 
GLU CA  C    sing N N 105 
GLU CA  CB   sing N N 106 
GLU CA  HA   sing N N 107 
GLU C   O    doub N N 108 
GLU C   OXT  sing N N 109 
GLU CB  CG   sing N N 110 
GLU CB  HB2  sing N N 111 
GLU CB  HB3  sing N N 112 
GLU CG  CD   sing N N 113 
GLU CG  HG2  sing N N 114 
GLU CG  HG3  sing N N 115 
GLU CD  OE1  doub N N 116 
GLU CD  OE2  sing N N 117 
GLU OE2 HE2  sing N N 118 
GLU OXT HXT  sing N N 119 
GLY N   CA   sing N N 120 
GLY N   H    sing N N 121 
GLY N   H2   sing N N 122 
GLY CA  C    sing N N 123 
GLY CA  HA2  sing N N 124 
GLY CA  HA3  sing N N 125 
GLY C   O    doub N N 126 
GLY C   OXT  sing N N 127 
GLY OXT HXT  sing N N 128 
HIS N   CA   sing N N 129 
HIS N   H    sing N N 130 
HIS N   H2   sing N N 131 
HIS CA  C    sing N N 132 
HIS CA  CB   sing N N 133 
HIS CA  HA   sing N N 134 
HIS C   O    doub N N 135 
HIS C   OXT  sing N N 136 
HIS CB  CG   sing N N 137 
HIS CB  HB2  sing N N 138 
HIS CB  HB3  sing N N 139 
HIS CG  ND1  sing Y N 140 
HIS CG  CD2  doub Y N 141 
HIS ND1 CE1  doub Y N 142 
HIS ND1 HD1  sing N N 143 
HIS CD2 NE2  sing Y N 144 
HIS CD2 HD2  sing N N 145 
HIS CE1 NE2  sing Y N 146 
HIS CE1 HE1  sing N N 147 
HIS NE2 HE2  sing N N 148 
HIS OXT HXT  sing N N 149 
ILE N   CA   sing N N 150 
ILE N   H    sing N N 151 
ILE N   H2   sing N N 152 
ILE CA  C    sing N N 153 
ILE CA  CB   sing N N 154 
ILE CA  HA   sing N N 155 
ILE C   O    doub N N 156 
ILE C   OXT  sing N N 157 
ILE CB  CG1  sing N N 158 
ILE CB  CG2  sing N N 159 
ILE CB  HB   sing N N 160 
ILE CG1 CD1  sing N N 161 
ILE CG1 HG12 sing N N 162 
ILE CG1 HG13 sing N N 163 
ILE CG2 HG21 sing N N 164 
ILE CG2 HG22 sing N N 165 
ILE CG2 HG23 sing N N 166 
ILE CD1 HD11 sing N N 167 
ILE CD1 HD12 sing N N 168 
ILE CD1 HD13 sing N N 169 
ILE OXT HXT  sing N N 170 
LEU N   CA   sing N N 171 
LEU N   H    sing N N 172 
LEU N   H2   sing N N 173 
LEU CA  C    sing N N 174 
LEU CA  CB   sing N N 175 
LEU CA  HA   sing N N 176 
LEU C   O    doub N N 177 
LEU C   OXT  sing N N 178 
LEU CB  CG   sing N N 179 
LEU CB  HB2  sing N N 180 
LEU CB  HB3  sing N N 181 
LEU CG  CD1  sing N N 182 
LEU CG  CD2  sing N N 183 
LEU CG  HG   sing N N 184 
LEU CD1 HD11 sing N N 185 
LEU CD1 HD12 sing N N 186 
LEU CD1 HD13 sing N N 187 
LEU CD2 HD21 sing N N 188 
LEU CD2 HD22 sing N N 189 
LEU CD2 HD23 sing N N 190 
LEU OXT HXT  sing N N 191 
LYS N   CA   sing N N 192 
LYS N   H    sing N N 193 
LYS N   H2   sing N N 194 
LYS CA  C    sing N N 195 
LYS CA  CB   sing N N 196 
LYS CA  HA   sing N N 197 
LYS C   O    doub N N 198 
LYS C   OXT  sing N N 199 
LYS CB  CG   sing N N 200 
LYS CB  HB2  sing N N 201 
LYS CB  HB3  sing N N 202 
LYS CG  CD   sing N N 203 
LYS CG  HG2  sing N N 204 
LYS CG  HG3  sing N N 205 
LYS CD  CE   sing N N 206 
LYS CD  HD2  sing N N 207 
LYS CD  HD3  sing N N 208 
LYS CE  NZ   sing N N 209 
LYS CE  HE2  sing N N 210 
LYS CE  HE3  sing N N 211 
LYS NZ  HZ1  sing N N 212 
LYS NZ  HZ2  sing N N 213 
LYS NZ  HZ3  sing N N 214 
LYS OXT HXT  sing N N 215 
MET N   CA   sing N N 216 
MET N   H    sing N N 217 
MET N   H2   sing N N 218 
MET CA  C    sing N N 219 
MET CA  CB   sing N N 220 
MET CA  HA   sing N N 221 
MET C   O    doub N N 222 
MET C   OXT  sing N N 223 
MET CB  CG   sing N N 224 
MET CB  HB2  sing N N 225 
MET CB  HB3  sing N N 226 
MET CG  SD   sing N N 227 
MET CG  HG2  sing N N 228 
MET CG  HG3  sing N N 229 
MET SD  CE   sing N N 230 
MET CE  HE1  sing N N 231 
MET CE  HE2  sing N N 232 
MET CE  HE3  sing N N 233 
MET OXT HXT  sing N N 234 
PHE N   CA   sing N N 235 
PHE N   H    sing N N 236 
PHE N   H2   sing N N 237 
PHE CA  C    sing N N 238 
PHE CA  CB   sing N N 239 
PHE CA  HA   sing N N 240 
PHE C   O    doub N N 241 
PHE C   OXT  sing N N 242 
PHE CB  CG   sing N N 243 
PHE CB  HB2  sing N N 244 
PHE CB  HB3  sing N N 245 
PHE CG  CD1  doub Y N 246 
PHE CG  CD2  sing Y N 247 
PHE CD1 CE1  sing Y N 248 
PHE CD1 HD1  sing N N 249 
PHE CD2 CE2  doub Y N 250 
PHE CD2 HD2  sing N N 251 
PHE CE1 CZ   doub Y N 252 
PHE CE1 HE1  sing N N 253 
PHE CE2 CZ   sing Y N 254 
PHE CE2 HE2  sing N N 255 
PHE CZ  HZ   sing N N 256 
PHE OXT HXT  sing N N 257 
PRO N   CA   sing N N 258 
PRO N   CD   sing N N 259 
PRO N   H    sing N N 260 
PRO CA  C    sing N N 261 
PRO CA  CB   sing N N 262 
PRO CA  HA   sing N N 263 
PRO C   O    doub N N 264 
PRO C   OXT  sing N N 265 
PRO CB  CG   sing N N 266 
PRO CB  HB2  sing N N 267 
PRO CB  HB3  sing N N 268 
PRO CG  CD   sing N N 269 
PRO CG  HG2  sing N N 270 
PRO CG  HG3  sing N N 271 
PRO CD  HD2  sing N N 272 
PRO CD  HD3  sing N N 273 
PRO OXT HXT  sing N N 274 
SER N   CA   sing N N 275 
SER N   H    sing N N 276 
SER N   H2   sing N N 277 
SER CA  C    sing N N 278 
SER CA  CB   sing N N 279 
SER CA  HA   sing N N 280 
SER C   O    doub N N 281 
SER C   OXT  sing N N 282 
SER CB  OG   sing N N 283 
SER CB  HB2  sing N N 284 
SER CB  HB3  sing N N 285 
SER OG  HG   sing N N 286 
SER OXT HXT  sing N N 287 
THR N   CA   sing N N 288 
THR N   H    sing N N 289 
THR N   H2   sing N N 290 
THR CA  C    sing N N 291 
THR CA  CB   sing N N 292 
THR CA  HA   sing N N 293 
THR C   O    doub N N 294 
THR C   OXT  sing N N 295 
THR CB  OG1  sing N N 296 
THR CB  CG2  sing N N 297 
THR CB  HB   sing N N 298 
THR OG1 HG1  sing N N 299 
THR CG2 HG21 sing N N 300 
THR CG2 HG22 sing N N 301 
THR CG2 HG23 sing N N 302 
THR OXT HXT  sing N N 303 
TRP N   CA   sing N N 304 
TRP N   H    sing N N 305 
TRP N   H2   sing N N 306 
TRP CA  C    sing N N 307 
TRP CA  CB   sing N N 308 
TRP CA  HA   sing N N 309 
TRP C   O    doub N N 310 
TRP C   OXT  sing N N 311 
TRP CB  CG   sing N N 312 
TRP CB  HB2  sing N N 313 
TRP CB  HB3  sing N N 314 
TRP CG  CD1  doub Y N 315 
TRP CG  CD2  sing Y N 316 
TRP CD1 NE1  sing Y N 317 
TRP CD1 HD1  sing N N 318 
TRP CD2 CE2  doub Y N 319 
TRP CD2 CE3  sing Y N 320 
TRP NE1 CE2  sing Y N 321 
TRP NE1 HE1  sing N N 322 
TRP CE2 CZ2  sing Y N 323 
TRP CE3 CZ3  doub Y N 324 
TRP CE3 HE3  sing N N 325 
TRP CZ2 CH2  doub Y N 326 
TRP CZ2 HZ2  sing N N 327 
TRP CZ3 CH2  sing Y N 328 
TRP CZ3 HZ3  sing N N 329 
TRP CH2 HH2  sing N N 330 
TRP OXT HXT  sing N N 331 
TYR N   CA   sing N N 332 
TYR N   H    sing N N 333 
TYR N   H2   sing N N 334 
TYR CA  C    sing N N 335 
TYR CA  CB   sing N N 336 
TYR CA  HA   sing N N 337 
TYR C   O    doub N N 338 
TYR C   OXT  sing N N 339 
TYR CB  CG   sing N N 340 
TYR CB  HB2  sing N N 341 
TYR CB  HB3  sing N N 342 
TYR CG  CD1  doub Y N 343 
TYR CG  CD2  sing Y N 344 
TYR CD1 CE1  sing Y N 345 
TYR CD1 HD1  sing N N 346 
TYR CD2 CE2  doub Y N 347 
TYR CD2 HD2  sing N N 348 
TYR CE1 CZ   doub Y N 349 
TYR CE1 HE1  sing N N 350 
TYR CE2 CZ   sing Y N 351 
TYR CE2 HE2  sing N N 352 
TYR CZ  OH   sing N N 353 
TYR OH  HH   sing N N 354 
TYR OXT HXT  sing N N 355 
VAL N   CA   sing N N 356 
VAL N   H    sing N N 357 
VAL N   H2   sing N N 358 
VAL CA  C    sing N N 359 
VAL CA  CB   sing N N 360 
VAL CA  HA   sing N N 361 
VAL C   O    doub N N 362 
VAL C   OXT  sing N N 363 
VAL CB  CG1  sing N N 364 
VAL CB  CG2  sing N N 365 
VAL CB  HB   sing N N 366 
VAL CG1 HG11 sing N N 367 
VAL CG1 HG12 sing N N 368 
VAL CG1 HG13 sing N N 369 
VAL CG2 HG21 sing N N 370 
VAL CG2 HG22 sing N N 371 
VAL CG2 HG23 sing N N 372 
VAL OXT HXT  sing N N 373 
# 
_em_ctf_correction.id        1 
_em_ctf_correction.details   
'EACH VIRAL IMAGE WAS CTF CORRECTED BEFORE RECONSTRUCTION, BASED ON THE FOLLOWING EQUATION: F(CORR)=F(OBS)/[|CTF|+WIENER*(1-|CTF|)]' 
_em_ctf_correction.type      . 
# 
_em_image_processing.id                   1 
_em_image_processing.image_recording_id   1 
_em_image_processing.details              ? 
# 
_em_image_recording.details                       ? 
_em_image_recording.id                            1 
_em_image_recording.avg_electron_dose_per_image   27 
_em_image_recording.film_or_detector_model        'KODAK SO-163 FILM' 
_em_image_recording.imaging_id                    1 
_em_image_recording.detector_mode                 ? 
_em_image_recording.average_exposure_time         ? 
_em_image_recording.num_diffraction_images        ? 
_em_image_recording.num_grids_imaged              ? 
_em_image_recording.num_real_images               ? 
# 
loop_
_em_software.id 
_em_software.name 
_em_software.version 
_em_software.category 
_em_software.details 
_em_software.image_processing_id 
1 EMfit ? 'MODEL FITTING' ?               ? 
2 POR   ? RECONSTRUCTION  'Ji et al 2003' 1 
# 
_em_specimen.experiment_id           1 
_em_specimen.id                      1 
_em_specimen.concentration           ? 
_em_specimen.vitrification_applied   YES 
_em_specimen.staining_applied        NO 
_em_specimen.embedding_applied       NO 
_em_specimen.shadowing_applied       NO 
_em_specimen.details                 ? 
# 
loop_
_pdbx_coordinate_model.asym_id 
_pdbx_coordinate_model.type 
A 'CA ATOMS ONLY' 
B 'CA ATOMS ONLY' 
C 'CA ATOMS ONLY' 
# 
_pdbx_initial_refinement_model.id               1 
_pdbx_initial_refinement_model.type             'experimental model' 
_pdbx_initial_refinement_model.source_name      PDB 
_pdbx_initial_refinement_model.accession_code   1TG8 
# 
_atom_sites.entry_id                    1THD 
_atom_sites.fract_transf_matrix[1][1]   1.000000 
_atom_sites.fract_transf_matrix[1][2]   0.000000 
_atom_sites.fract_transf_matrix[1][3]   0.000000 
_atom_sites.fract_transf_matrix[2][1]   0.000000 
_atom_sites.fract_transf_matrix[2][2]   1.000000 
_atom_sites.fract_transf_matrix[2][3]   0.000000 
_atom_sites.fract_transf_matrix[3][1]   0.000000 
_atom_sites.fract_transf_matrix[3][2]   0.000000 
_atom_sites.fract_transf_matrix[3][3]   1.000000 
_atom_sites.fract_transf_vector[1]      0.00000 
_atom_sites.fract_transf_vector[2]      0.00000 
_atom_sites.fract_transf_vector[3]      0.00000 
# 
_atom_type.symbol   C 
# 
loop_
_atom_site.group_PDB 
_atom_site.id 
_atom_site.type_symbol 
_atom_site.label_atom_id 
_atom_site.label_alt_id 
_atom_site.label_comp_id 
_atom_site.label_asym_id 
_atom_site.label_entity_id 
_atom_site.label_seq_id 
_atom_site.pdbx_PDB_ins_code 
_atom_site.Cartn_x 
_atom_site.Cartn_y 
_atom_site.Cartn_z 
_atom_site.occupancy 
_atom_site.B_iso_or_equiv 
_atom_site.pdbx_formal_charge 
_atom_site.auth_seq_id 
_atom_site.auth_comp_id 
_atom_site.auth_asym_id 
_atom_site.auth_atom_id 
_atom_site.pdbx_PDB_model_num 
ATOM 1    C CA . MET A 1 1   ? 58.251  -27.204 -12.577 1.00 52.34 ? 1   MET A CA 1 
ATOM 2    C CA . ARG A 1 2   ? 56.320  -25.042 -10.130 1.00 55.93 ? 2   ARG A CA 1 
ATOM 3    C CA . CYS A 1 3   ? 53.944  -27.839 -9.041  1.00 50.84 ? 3   CYS A CA 1 
ATOM 4    C CA . ILE A 1 4   ? 56.755  -29.869 -7.586  1.00 58.73 ? 4   ILE A CA 1 
ATOM 5    C CA . GLY A 1 5   ? 56.596  -29.632 -3.810  1.00 59.63 ? 5   GLY A CA 1 
ATOM 6    C CA . ILE A 1 6   ? 52.603  -28.907 -3.448  1.00 56.24 ? 6   ILE A CA 1 
ATOM 7    C CA . SER A 1 7   ? 50.624  -31.387 -2.177  1.00 63.42 ? 7   SER A CA 1 
ATOM 8    C CA . ASN A 1 8   ? 47.326  -30.704 -3.851  1.00 63.31 ? 8   ASN A CA 1 
ATOM 9    C CA . ARG A 1 9   ? 48.715  -31.348 -7.584  1.00 56.74 ? 9   ARG A CA 1 
ATOM 10   C CA . ASP A 1 10  ? 47.224  -33.231 -9.932  1.00 64.80 ? 10  ASP A CA 1 
ATOM 11   C CA . PHE A 1 11  ? 48.714  -35.346 -12.750 1.00 65.23 ? 11  PHE A CA 1 
ATOM 12   C CA . VAL A 1 12  ? 46.914  -35.272 -16.093 1.00 61.27 ? 12  VAL A CA 1 
ATOM 13   C CA . GLU A 1 13  ? 48.179  -37.132 -19.249 1.00 68.68 ? 13  GLU A CA 1 
ATOM 14   C CA . GLY A 1 14  ? 47.144  -35.733 -22.786 1.00 78.31 ? 14  GLY A CA 1 
ATOM 15   C CA . VAL A 1 15  ? 46.229  -37.891 -25.783 1.00 85.49 ? 15  VAL A CA 1 
ATOM 16   C CA . SER A 1 16  ? 47.567  -38.063 -29.338 1.00 89.93 ? 16  SER A CA 1 
ATOM 17   C CA . SER A 1 19  ? 45.868  -32.632 -29.034 1.00 67.83 ? 19  SER A CA 1 
ATOM 18   C CA . TRP A 1 20  ? 43.305  -32.167 -26.248 1.00 54.38 ? 20  TRP A CA 1 
ATOM 19   C CA . VAL A 1 21  ? 43.474  -32.320 -22.531 1.00 77.14 ? 21  VAL A CA 1 
ATOM 20   C CA . ASP A 1 22  ? 41.163  -31.607 -19.799 1.00 69.90 ? 22  ASP A CA 1 
ATOM 21   C CA . ILE A 1 23  ? 42.201  -29.933 -16.537 1.00 72.70 ? 23  ILE A CA 1 
ATOM 22   C CA . VAL A 1 24  ? 40.676  -28.297 -13.453 1.00 65.14 ? 24  VAL A CA 1 
ATOM 23   C CA . LEU A 1 25  ? 42.302  -25.434 -11.619 1.00 59.11 ? 25  LEU A CA 1 
ATOM 24   C CA . GLU A 1 26  ? 41.552  -23.880 -8.242  1.00 53.10 ? 26  GLU A CA 1 
ATOM 25   C CA . HIS A 1 27  ? 43.485  -21.640 -5.851  1.00 52.11 ? 27  HIS A CA 1 
ATOM 26   C CA . GLY A 1 28  ? 45.970  -23.809 -3.982  1.00 67.48 ? 28  GLY A CA 1 
ATOM 27   C CA . SER A 1 29  ? 45.832  -26.671 -6.475  1.00 60.77 ? 29  SER A CA 1 
ATOM 28   C CA . CYS A 1 30  ? 48.310  -27.285 -9.276  1.00 63.25 ? 30  CYS A CA 1 
ATOM 29   C CA . VAL A 1 31  ? 48.266  -29.440 -12.357 1.00 59.27 ? 31  VAL A CA 1 
ATOM 30   C CA . THR A 1 32  ? 51.008  -31.155 -14.322 1.00 46.25 ? 32  THR A CA 1 
ATOM 31   C CA . THR A 1 33  ? 50.084  -32.136 -17.869 1.00 54.77 ? 33  THR A CA 1 
ATOM 32   C CA . MET A 1 34  ? 51.703  -34.689 -20.047 1.00 64.79 ? 34  MET A CA 1 
ATOM 33   C CA . ALA A 1 35  ? 51.152  -35.452 -23.693 1.00 67.33 ? 35  ALA A CA 1 
ATOM 34   C CA . LYS A 1 36  ? 53.872  -37.458 -25.425 1.00 72.18 ? 36  LYS A CA 1 
ATOM 35   C CA . ASN A 1 37  ? 56.150  -35.899 -27.997 1.00 68.34 ? 37  ASN A CA 1 
ATOM 36   C CA . LYS A 1 38  ? 54.993  -32.873 -26.113 1.00 57.23 ? 38  LYS A CA 1 
ATOM 37   C CA . PRO A 1 39  ? 56.449  -30.828 -23.204 1.00 61.64 ? 39  PRO A CA 1 
ATOM 38   C CA . THR A 1 40  ? 55.361  -31.345 -19.643 1.00 63.58 ? 40  THR A CA 1 
ATOM 39   C CA . LEU A 1 41  ? 53.562  -28.348 -18.235 1.00 50.42 ? 41  LEU A CA 1 
ATOM 40   C CA . ASP A 1 42  ? 52.620  -27.075 -14.819 1.00 40.61 ? 42  ASP A CA 1 
ATOM 41   C CA . PHE A 1 43  ? 49.404  -25.118 -14.448 1.00 50.97 ? 43  PHE A CA 1 
ATOM 42   C CA . GLU A 1 44  ? 48.335  -22.931 -11.571 1.00 56.95 ? 44  GLU A CA 1 
ATOM 43   C CA . LEU A 1 45  ? 45.509  -20.446 -11.019 1.00 48.96 ? 45  LEU A CA 1 
ATOM 44   C CA . ILE A 1 46  ? 47.253  -17.550 -9.382  1.00 54.07 ? 46  ILE A CA 1 
ATOM 45   C CA . LYS A 1 47  ? 44.508  -14.815 -9.326  1.00 58.97 ? 47  LYS A CA 1 
ATOM 46   C CA . THR A 1 48  ? 40.813  -14.070 -9.847  1.00 59.47 ? 48  THR A CA 1 
ATOM 47   C CA . GLU A 1 49  ? 39.900  -10.439 -10.504 1.00 56.37 ? 49  GLU A CA 1 
ATOM 48   C CA . ALA A 1 50  ? 36.509  -8.752  -10.440 1.00 57.25 ? 50  ALA A CA 1 
ATOM 49   C CA . LYS A 1 51  ? 36.507  -5.913  -12.929 1.00 60.55 ? 51  LYS A CA 1 
ATOM 50   C CA . GLN A 1 52  ? 33.315  1.149   -5.843  1.00 88.39 ? 52  GLN A CA 1 
ATOM 51   C CA . PRO A 1 53  ? 30.565  -1.584  -6.037  1.00 66.63 ? 53  PRO A CA 1 
ATOM 52   C CA . ALA A 1 54  ? 27.132  -1.047  -4.490  1.00 58.88 ? 54  ALA A CA 1 
ATOM 53   C CA . THR A 1 55  ? 25.439  -1.216  -1.175  1.00 47.45 ? 55  THR A CA 1 
ATOM 54   C CA . LEU A 1 56  ? 22.440  -3.551  -1.234  1.00 56.89 ? 56  LEU A CA 1 
ATOM 55   C CA . ARG A 1 57  ? 21.766  -2.713  2.385   1.00 49.55 ? 57  ARG A CA 1 
ATOM 56   C CA . LYS A 1 58  ? 23.412  -1.443  5.580   1.00 44.62 ? 58  LYS A CA 1 
ATOM 57   C CA . TYR A 1 59  ? 22.871  -3.075  9.009   1.00 46.57 ? 59  TYR A CA 1 
ATOM 58   C CA . CYS A 1 60  ? 23.255  -1.475  12.424  1.00 40.50 ? 60  CYS A CA 1 
ATOM 59   C CA . ILE A 1 61  ? 24.968  -3.896  14.783  1.00 54.52 ? 61  ILE A CA 1 
ATOM 60   C CA . GLU A 1 62  ? 25.396  -1.639  17.793  1.00 48.27 ? 62  GLU A CA 1 
ATOM 61   C CA . ALA A 1 63  ? 23.054  1.099   18.986  1.00 54.26 ? 63  ALA A CA 1 
ATOM 62   C CA . LYS A 1 64  ? 22.543  3.876   21.520  1.00 56.74 ? 64  LYS A CA 1 
ATOM 63   C CA . LEU A 1 65  ? 19.369  4.953   23.312  1.00 60.22 ? 65  LEU A CA 1 
ATOM 64   C CA . THR A 1 66  ? 19.217  8.462   24.609  1.00 63.12 ? 66  THR A CA 1 
ATOM 65   C CA . ASN A 1 67  ? 17.114  11.563  25.060  1.00 52.46 ? 67  ASN A CA 1 
ATOM 66   C CA . THR A 1 68  ? 14.253  9.592   26.620  1.00 59.98 ? 68  THR A CA 1 
ATOM 67   C CA . THR A 1 69  ? 11.014  11.460  26.835  1.00 62.90 ? 69  THR A CA 1 
ATOM 68   C CA . THR A 1 70  ? 7.579   10.391  27.946  1.00 53.93 ? 70  THR A CA 1 
ATOM 69   C CA . ASP A 1 71  ? 3.977   11.558  28.132  1.00 50.62 ? 71  ASP A CA 1 
ATOM 70   C CA . SER A 1 72  ? 1.556   10.193  30.705  1.00 52.76 ? 72  SER A CA 1 
ATOM 71   C CA . ARG A 1 73  ? -2.114  11.033  31.006  1.00 53.42 ? 73  ARG A CA 1 
ATOM 72   C CA . CYS A 1 74  ? -4.469  10.793  33.987  1.00 53.14 ? 74  CYS A CA 1 
ATOM 73   C CA . PRO A 1 75  ? -7.065  7.970   34.231  1.00 52.90 ? 75  PRO A CA 1 
ATOM 74   C CA . THR A 1 76  ? -9.548  10.327  32.599  1.00 60.53 ? 76  THR A CA 1 
ATOM 75   C CA . GLN A 1 77  ? -7.370  12.414  30.238  1.00 56.83 ? 77  GLN A CA 1 
ATOM 76   C CA . GLY A 1 78  ? -7.377  9.732   27.543  1.00 51.90 ? 78  GLY A CA 1 
ATOM 77   C CA . GLU A 1 79  ? -4.439  8.864   25.235  1.00 60.75 ? 79  GLU A CA 1 
ATOM 78   C CA . PRO A 1 80  ? -0.750  9.893   25.471  1.00 56.86 ? 80  PRO A CA 1 
ATOM 79   C CA . THR A 1 81  ? 1.037   11.823  22.728  1.00 64.54 ? 81  THR A CA 1 
ATOM 80   C CA . LEU A 1 82  ? 4.603   12.759  21.990  1.00 56.22 ? 82  LEU A CA 1 
ATOM 81   C CA . ASN A 1 83  ? 5.775   14.641  18.991  1.00 53.81 ? 83  ASN A CA 1 
ATOM 82   C CA . GLU A 1 84  ? 8.727   12.285  19.154  1.00 53.22 ? 84  GLU A CA 1 
ATOM 83   C CA . GLU A 1 85  ? 6.244   9.708   17.840  1.00 63.46 ? 85  GLU A CA 1 
ATOM 84   C CA . GLN A 1 86  ? 6.778   11.323  14.441  1.00 59.10 ? 86  GLN A CA 1 
ATOM 85   C CA . ASP A 1 87  ? 10.528  11.757  14.635  1.00 56.60 ? 87  ASP A CA 1 
ATOM 86   C CA . LYS A 1 88  ? 11.604  8.630   12.828  1.00 60.67 ? 88  LYS A CA 1 
ATOM 87   C CA . ARG A 1 89  ? 14.806  8.641   14.869  1.00 51.70 ? 89  ARG A CA 1 
ATOM 88   C CA . PHE A 1 90  ? 12.790  7.787   17.946  1.00 56.05 ? 90  PHE A CA 1 
ATOM 89   C CA . VAL A 1 91  ? 11.475  4.418   18.966  1.00 65.59 ? 91  VAL A CA 1 
ATOM 90   C CA . CYS A 1 92  ? 8.211   4.368   20.973  1.00 64.25 ? 92  CYS A CA 1 
ATOM 91   C CA . LYS A 1 93  ? 5.784   2.170   22.883  1.00 62.90 ? 93  LYS A CA 1 
ATOM 92   C CA . HIS A 1 94  ? 2.457   2.677   24.703  1.00 58.70 ? 94  HIS A CA 1 
ATOM 93   C CA . SER A 1 95  ? 1.714   1.216   28.128  1.00 59.67 ? 95  SER A CA 1 
ATOM 94   C CA . MET A 1 96  ? -0.537  1.923   31.134  1.00 60.02 ? 96  MET A CA 1 
ATOM 95   C CA . VAL A 1 97  ? 0.475   2.902   34.685  1.00 58.90 ? 97  VAL A CA 1 
ATOM 96   C CA . ASP A 1 98  ? -1.343  3.427   37.943  1.00 58.65 ? 98  ASP A CA 1 
ATOM 97   C CA . ARG A 1 99  ? -2.365  7.015   38.587  1.00 53.74 ? 99  ARG A CA 1 
ATOM 98   C CA . GLY A 1 100 ? -3.962  8.838   41.533  1.00 51.46 ? 100 GLY A CA 1 
ATOM 99   C CA . TRP A 1 101 ? -3.762  11.748  43.950  1.00 48.13 ? 101 TRP A CA 1 
ATOM 100  C CA . GLY A 1 102 ? -0.248  10.578  44.890  1.00 55.90 ? 102 GLY A CA 1 
ATOM 101  C CA . ASN A 1 103 ? 1.164   11.338  41.473  1.00 71.35 ? 103 ASN A CA 1 
ATOM 102  C CA . GLY A 1 104 ? -0.977  14.141  40.066  1.00 73.64 ? 104 GLY A CA 1 
ATOM 103  C CA . CYS A 1 105 ? -4.480  12.985  39.235  1.00 54.96 ? 105 CYS A CA 1 
ATOM 104  C CA . GLY A 1 106 ? -7.836  13.630  40.863  1.00 53.63 ? 106 GLY A CA 1 
ATOM 105  C CA . LEU A 1 107 ? -8.946  10.214  39.755  1.00 47.24 ? 107 LEU A CA 1 
ATOM 106  C CA . PHE A 1 108 ? -7.596  6.767   40.455  1.00 53.71 ? 108 PHE A CA 1 
ATOM 107  C CA . GLY A 1 109 ? -6.900  4.193   37.763  1.00 61.22 ? 109 GLY A CA 1 
ATOM 108  C CA . LYS A 1 110 ? -4.726  3.327   34.815  1.00 55.52 ? 110 LYS A CA 1 
ATOM 109  C CA . GLY A 1 111 ? -3.550  6.369   32.939  1.00 45.04 ? 111 GLY A CA 1 
ATOM 110  C CA . GLY A 1 112 ? -1.874  5.818   29.622  1.00 50.75 ? 112 GLY A CA 1 
ATOM 111  C CA . ILE A 1 113 ? 1.766   6.488   28.850  1.00 48.22 ? 113 ILE A CA 1 
ATOM 112  C CA . VAL A 1 114 ? 4.003   6.522   25.840  1.00 47.01 ? 114 VAL A CA 1 
ATOM 113  C CA . THR A 1 115 ? 7.765   6.438   26.151  1.00 51.91 ? 115 THR A CA 1 
ATOM 114  C CA . CYS A 1 116 ? 10.107  7.301   23.284  1.00 59.43 ? 116 CYS A CA 1 
ATOM 115  C CA . ALA A 1 117 ? 13.897  7.406   22.941  1.00 55.73 ? 117 ALA A CA 1 
ATOM 116  C CA . MET A 1 118 ? 16.205  8.449   20.143  1.00 49.80 ? 118 MET A CA 1 
ATOM 117  C CA . PHE A 1 119 ? 17.965  5.508   18.522  1.00 58.31 ? 119 PHE A CA 1 
ATOM 118  C CA . THR A 1 120 ? 21.516  6.053   17.338  1.00 60.05 ? 120 THR A CA 1 
ATOM 119  C CA . CYS A 1 121 ? 23.683  3.591   15.469  1.00 52.06 ? 121 CYS A CA 1 
ATOM 120  C CA . LYS A 1 122 ? 27.204  3.217   16.926  1.00 48.94 ? 122 LYS A CA 1 
ATOM 121  C CA . LYS A 1 123 ? 28.702  0.574   14.623  1.00 50.54 ? 123 LYS A CA 1 
ATOM 122  C CA . ASN A 1 124 ? 27.594  -1.041  11.326  1.00 43.43 ? 124 ASN A CA 1 
ATOM 123  C CA . MET A 1 125 ? 28.213  -3.552  8.520   1.00 51.18 ? 125 MET A CA 1 
ATOM 124  C CA . GLU A 1 126 ? 27.358  -3.228  4.815   1.00 51.64 ? 126 GLU A CA 1 
ATOM 125  C CA . GLY A 1 127 ? 26.278  -5.717  2.197   1.00 51.94 ? 127 GLY A CA 1 
ATOM 126  C CA . LYS A 1 128 ? 27.658  -5.159  -1.284  1.00 48.75 ? 128 LYS A CA 1 
ATOM 127  C CA . ILE A 1 129 ? 26.807  -6.463  -4.699  1.00 55.84 ? 129 ILE A CA 1 
ATOM 128  C CA . VAL A 1 130 ? 29.801  -7.867  -6.497  1.00 56.47 ? 130 VAL A CA 1 
ATOM 129  C CA . GLN A 1 131 ? 30.439  -8.286  -10.265 1.00 53.26 ? 131 GLN A CA 1 
ATOM 130  C CA . PRO A 1 132 ? 33.525  -10.229 -11.369 1.00 60.08 ? 132 PRO A CA 1 
ATOM 131  C CA . GLU A 1 133 ? 31.609  -15.250 -16.580 1.00 59.69 ? 133 GLU A CA 1 
ATOM 132  C CA . ASN A 1 134 ? 32.754  -11.662 -16.181 1.00 58.17 ? 134 ASN A CA 1 
ATOM 133  C CA . LEU A 1 135 ? 35.630  -12.396 -13.702 1.00 54.69 ? 135 LEU A CA 1 
ATOM 134  C CA . GLU A 1 136 ? 39.143  -12.403 -15.046 1.00 47.64 ? 136 GLU A CA 1 
ATOM 135  C CA . TYR A 1 137 ? 41.450  -15.250 -14.236 1.00 59.60 ? 137 TYR A CA 1 
ATOM 136  C CA . THR A 1 138 ? 45.212  -15.306 -14.197 1.00 51.89 ? 138 THR A CA 1 
ATOM 137  C CA . VAL A 1 139 ? 46.988  -18.630 -14.799 1.00 51.87 ? 139 VAL A CA 1 
ATOM 138  C CA . VAL A 1 140 ? 50.662  -19.479 -14.780 1.00 49.16 ? 140 VAL A CA 1 
ATOM 139  C CA . ILE A 1 141 ? 52.070  -22.078 -17.122 1.00 53.14 ? 141 ILE A CA 1 
ATOM 140  C CA . THR A 1 142 ? 55.535  -23.347 -16.222 1.00 52.52 ? 142 THR A CA 1 
ATOM 141  C CA . PRO A 1 143 ? 57.052  -25.890 -18.657 1.00 55.73 ? 143 PRO A CA 1 
ATOM 142  C CA . HIS A 1 144 ? 59.295  -28.638 -17.221 1.00 51.42 ? 144 HIS A CA 1 
ATOM 143  C CA . SER A 1 145 ? 62.434  -27.190 -18.766 1.00 61.55 ? 145 SER A CA 1 
ATOM 144  C CA . GLY A 1 146 ? 64.612  -28.596 -15.980 1.00 56.66 ? 146 GLY A CA 1 
ATOM 145  C CA . GLU A 1 147 ? 66.255  -25.229 -15.283 1.00 57.62 ? 147 GLU A CA 1 
ATOM 146  C CA . GLU A 1 148 ? 68.583  -25.197 -12.230 1.00 54.05 ? 148 GLU A CA 1 
ATOM 147  C CA . HIS A 1 149 ? 66.064  -23.123 -10.295 1.00 57.72 ? 149 HIS A CA 1 
ATOM 148  C CA . ALA A 1 150 ? 62.741  -24.177 -11.880 1.00 58.86 ? 150 ALA A CA 1 
ATOM 149  C CA . VAL A 1 151 ? 61.586  -26.701 -9.211  1.00 56.50 ? 151 VAL A CA 1 
ATOM 150  C CA . GLY A 1 152 ? 58.627  -25.304 -7.287  1.00 44.46 ? 152 GLY A CA 1 
ATOM 151  C CA . ASN A 1 153 ? 59.794  -21.758 -7.914  1.00 45.65 ? 153 ASN A CA 1 
ATOM 152  C CA . ASP A 1 154 ? 56.945  -19.575 -6.622  1.00 51.79 ? 154 ASP A CA 1 
ATOM 153  C CA . THR A 1 155 ? 58.025  -16.396 -8.377  1.00 62.69 ? 155 THR A CA 1 
ATOM 154  C CA . GLY A 1 156 ? 56.584  -16.565 -11.855 1.00 68.03 ? 156 GLY A CA 1 
ATOM 155  C CA . LYS A 1 157 ? 59.667  -15.853 -13.904 1.00 68.24 ? 157 LYS A CA 1 
ATOM 156  C CA . HIS A 1 158 ? 59.884  -19.444 -15.068 1.00 68.23 ? 158 HIS A CA 1 
ATOM 157  C CA . GLY A 1 159 ? 56.407  -19.193 -16.454 1.00 61.85 ? 159 GLY A CA 1 
ATOM 158  C CA . LYS A 1 160 ? 53.998  -17.297 -18.617 1.00 60.71 ? 160 LYS A CA 1 
ATOM 159  C CA . GLU A 1 161 ? 51.077  -15.585 -16.983 1.00 59.44 ? 161 GLU A CA 1 
ATOM 160  C CA . VAL A 1 162 ? 47.859  -15.859 -18.888 1.00 66.83 ? 162 VAL A CA 1 
ATOM 161  C CA . LYS A 1 163 ? 44.606  -13.995 -18.318 1.00 63.59 ? 163 LYS A CA 1 
ATOM 162  C CA . ILE A 1 164 ? 41.501  -15.890 -19.218 1.00 67.14 ? 164 ILE A CA 1 
ATOM 163  C CA . THR A 1 165 ? 38.768  -13.472 -19.876 1.00 53.23 ? 165 THR A CA 1 
ATOM 164  C CA . PRO A 1 166 ? 35.456  -15.269 -19.501 1.00 53.00 ? 166 PRO A CA 1 
ATOM 165  C CA . GLN A 1 167 ? 34.523  -12.450 -21.589 1.00 55.76 ? 167 GLN A CA 1 
ATOM 166  C CA . SER A 1 168 ? 36.598  -11.707 -24.165 1.00 57.67 ? 168 SER A CA 1 
ATOM 167  C CA . SER A 1 169 ? 37.345  -15.354 -24.793 1.00 60.47 ? 169 SER A CA 1 
ATOM 168  C CA . ILE A 1 170 ? 39.717  -18.180 -25.580 1.00 68.08 ? 170 ILE A CA 1 
ATOM 169  C CA . THR A 1 171 ? 43.306  -17.372 -24.638 1.00 62.82 ? 171 THR A CA 1 
ATOM 170  C CA . GLU A 1 172 ? 46.382  -18.374 -26.654 1.00 58.81 ? 172 GLU A CA 1 
ATOM 171  C CA . ALA A 1 173 ? 49.921  -18.759 -25.287 1.00 56.94 ? 173 ALA A CA 1 
ATOM 172  C CA . GLU A 1 174 ? 53.491  -18.211 -26.334 1.00 59.31 ? 174 GLU A CA 1 
ATOM 173  C CA . LEU A 1 175 ? 55.651  -20.838 -24.696 1.00 57.92 ? 175 LEU A CA 1 
ATOM 174  C CA . THR A 1 176 ? 59.039  -19.546 -25.785 1.00 64.70 ? 176 THR A CA 1 
ATOM 175  C CA . GLY A 1 177 ? 61.169  -22.173 -27.485 1.00 67.93 ? 177 GLY A CA 1 
ATOM 176  C CA . TYR A 1 178 ? 58.254  -24.585 -27.158 1.00 57.42 ? 178 TYR A CA 1 
ATOM 177  C CA . GLY A 1 179 ? 55.645  -23.030 -29.382 1.00 63.00 ? 179 GLY A CA 1 
ATOM 178  C CA . THR A 1 180 ? 52.091  -22.186 -28.570 1.00 51.17 ? 180 THR A CA 1 
ATOM 179  C CA . VAL A 1 181 ? 49.311  -23.661 -26.493 1.00 51.56 ? 181 VAL A CA 1 
ATOM 180  C CA . THR A 1 182 ? 45.616  -22.781 -26.210 1.00 48.08 ? 182 THR A CA 1 
ATOM 181  C CA . MET A 1 183 ? 43.043  -22.505 -23.450 1.00 59.22 ? 183 MET A CA 1 
ATOM 182  C CA . GLU A 1 184 ? 39.269  -22.534 -23.132 1.00 61.43 ? 184 GLU A CA 1 
ATOM 183  C CA . CYS A 1 185 ? 37.951  -22.589 -19.584 1.00 63.52 ? 185 CYS A CA 1 
ATOM 184  C CA . SER A 1 186 ? 34.619  -22.652 -17.836 1.00 67.60 ? 186 SER A CA 1 
ATOM 185  C CA . PRO A 1 187 ? 34.065  -20.982 -14.449 1.00 61.65 ? 187 PRO A CA 1 
ATOM 186  C CA . ARG A 1 188 ? 32.669  -23.740 -12.309 1.00 71.54 ? 188 ARG A CA 1 
ATOM 187  C CA . THR A 1 189 ? 31.434  -23.901 -8.692  1.00 71.10 ? 189 THR A CA 1 
ATOM 188  C CA . GLY A 1 190 ? 28.802  -25.392 -6.486  1.00 73.59 ? 190 GLY A CA 1 
ATOM 189  C CA . LEU A 1 191 ? 29.491  -20.034 -6.182  1.00 76.47 ? 191 LEU A CA 1 
ATOM 190  C CA . ASP A 1 192 ? 26.891  -18.120 -8.147  1.00 80.95 ? 192 ASP A CA 1 
ATOM 191  C CA . PHE A 1 193 ? 27.692  -14.494 -7.500  1.00 61.86 ? 193 PHE A CA 1 
ATOM 192  C CA . ASN A 1 194 ? 24.397  -12.826 -8.203  1.00 62.32 ? 194 ASN A CA 1 
ATOM 193  C CA . GLU A 1 195 ? 22.866  -14.763 -5.371  1.00 73.66 ? 195 GLU A CA 1 
ATOM 194  C CA . MET A 1 196 ? 25.695  -13.926 -3.030  1.00 55.20 ? 196 MET A CA 1 
ATOM 195  C CA . VAL A 1 197 ? 26.707  -10.746 -1.247  1.00 46.06 ? 197 VAL A CA 1 
ATOM 196  C CA . LEU A 1 198 ? 29.939  -9.283  0.045   1.00 49.77 ? 198 LEU A CA 1 
ATOM 197  C CA . LEU A 1 199 ? 29.327  -8.544  3.724   1.00 49.58 ? 199 LEU A CA 1 
ATOM 198  C CA . GLN A 1 200 ? 31.857  -6.191  5.330   1.00 44.89 ? 200 GLN A CA 1 
ATOM 199  C CA . MET A 1 201 ? 32.403  -5.746  9.053   1.00 50.07 ? 201 MET A CA 1 
ATOM 200  C CA . LYS A 1 202 ? 35.377  -3.506  9.414   1.00 56.08 ? 202 LYS A CA 1 
ATOM 201  C CA . ASP A 1 203 ? 38.449  -5.373  8.254   1.00 66.35 ? 203 ASP A CA 1 
ATOM 202  C CA . LYS A 1 204 ? 36.630  -8.683  7.825   1.00 52.12 ? 204 LYS A CA 1 
ATOM 203  C CA . ALA A 1 205 ? 34.244  -9.697  5.015   1.00 41.11 ? 205 ALA A CA 1 
ATOM 204  C CA . TRP A 1 206 ? 32.531  -12.841 3.763   1.00 48.65 ? 206 TRP A CA 1 
ATOM 205  C CA . LEU A 1 207 ? 30.437  -13.753 0.749   1.00 60.47 ? 207 LEU A CA 1 
ATOM 206  C CA . VAL A 1 208 ? 26.898  -14.587 1.822   1.00 54.72 ? 208 VAL A CA 1 
ATOM 207  C CA . HIS A 1 209 ? 23.571  -15.357 0.133   1.00 50.37 ? 209 HIS A CA 1 
ATOM 208  C CA . ARG A 1 210 ? 20.997  -12.702 -0.639  1.00 56.19 ? 210 ARG A CA 1 
ATOM 209  C CA . GLN A 1 211 ? 17.950  -13.876 1.392   1.00 56.53 ? 211 GLN A CA 1 
ATOM 210  C CA . TRP A 1 212 ? 20.070  -14.812 4.341   1.00 48.82 ? 212 TRP A CA 1 
ATOM 211  C CA . PHE A 1 213 ? 21.523  -11.305 4.292   1.00 37.05 ? 213 PHE A CA 1 
ATOM 212  C CA . LEU A 1 214 ? 18.151  -9.661  3.869   1.00 50.49 ? 214 LEU A CA 1 
ATOM 213  C CA . ASP A 1 215 ? 16.525  -11.807 6.537   1.00 62.74 ? 215 ASP A CA 1 
ATOM 214  C CA . LEU A 1 216 ? 18.970  -10.396 9.028   1.00 58.90 ? 216 LEU A CA 1 
ATOM 215  C CA . PRO A 1 217 ? 16.998  -9.359  12.169  1.00 68.29 ? 217 PRO A CA 1 
ATOM 216  C CA . LEU A 1 218 ? 18.679  -6.003  12.533  1.00 55.53 ? 218 LEU A CA 1 
ATOM 217  C CA . PRO A 1 219 ? 18.075  -2.308  11.994  1.00 40.97 ? 219 PRO A CA 1 
ATOM 218  C CA . TRP A 1 220 ? 18.930  -1.198  8.474   1.00 37.57 ? 220 TRP A CA 1 
ATOM 219  C CA . LEU A 1 221 ? 19.268  1.566   5.926   1.00 41.96 ? 221 LEU A CA 1 
ATOM 220  C CA . PRO A 1 222 ? 18.517  1.151   2.192   1.00 46.78 ? 222 PRO A CA 1 
ATOM 221  C CA . GLY A 1 223 ? 21.506  0.542   -0.075  1.00 44.95 ? 223 GLY A CA 1 
ATOM 222  C CA . ALA A 1 224 ? 20.279  3.801   -1.581  1.00 56.29 ? 224 ALA A CA 1 
ATOM 223  C CA . GLY A 1 228 ? 21.147  8.093   7.920   1.00 63.49 ? 228 GLY A CA 1 
ATOM 224  C CA . SER A 1 229 ? 17.624  8.319   6.629   1.00 56.03 ? 229 SER A CA 1 
ATOM 225  C CA . ASN A 1 230 ? 16.047  6.677   9.601   1.00 47.20 ? 230 ASN A CA 1 
ATOM 226  C CA . TRP A 1 231 ? 16.943  3.133   10.360  1.00 42.87 ? 231 TRP A CA 1 
ATOM 227  C CA . ILE A 1 232 ? 14.316  0.543   9.678   1.00 60.41 ? 232 ILE A CA 1 
ATOM 228  C CA . GLN A 1 233 ? 13.253  -2.063  12.219  1.00 63.83 ? 233 GLN A CA 1 
ATOM 229  C CA . LYS A 1 234 ? 14.970  -0.462  15.202  1.00 52.14 ? 234 LYS A CA 1 
ATOM 230  C CA . GLU A 1 235 ? 12.830  -2.469  17.616  1.00 62.97 ? 235 GLU A CA 1 
ATOM 231  C CA . THR A 1 236 ? 14.943  -5.472  16.781  1.00 66.29 ? 236 THR A CA 1 
ATOM 232  C CA . LEU A 1 237 ? 17.468  -3.838  19.111  1.00 59.62 ? 237 LEU A CA 1 
ATOM 233  C CA . VAL A 1 238 ? 15.145  -2.021  21.482  1.00 60.58 ? 238 VAL A CA 1 
ATOM 234  C CA . THR A 1 239 ? 13.116  -3.271  24.432  1.00 70.97 ? 239 THR A CA 1 
ATOM 235  C CA . PHE A 1 240 ? 10.413  -1.744  26.627  1.00 63.43 ? 240 PHE A CA 1 
ATOM 236  C CA . LYS A 1 241 ? 9.520   -2.786  30.151  1.00 59.66 ? 241 LYS A CA 1 
ATOM 237  C CA . ASN A 1 242 ? 6.740   -1.925  32.610  1.00 62.60 ? 242 ASN A CA 1 
ATOM 238  C CA . PRO A 1 243 ? 6.780   -4.662  35.301  1.00 58.73 ? 243 PRO A CA 1 
ATOM 239  C CA . HIS A 1 244 ? 4.735   -3.020  38.058  1.00 61.85 ? 244 HIS A CA 1 
ATOM 240  C CA . ALA A 1 245 ? 2.626   -0.469  36.208  1.00 67.87 ? 245 ALA A CA 1 
ATOM 241  C CA . LYS A 1 246 ? 4.784   2.309   37.679  1.00 59.63 ? 246 LYS A CA 1 
ATOM 242  C CA . LYS A 1 247 ? 6.846   3.574   34.786  1.00 63.83 ? 247 LYS A CA 1 
ATOM 243  C CA . GLN A 1 248 ? 8.128   2.232   31.519  1.00 53.23 ? 248 GLN A CA 1 
ATOM 244  C CA . ASP A 1 249 ? 11.793  1.846   30.695  1.00 54.09 ? 249 ASP A CA 1 
ATOM 245  C CA . VAL A 1 250 ? 13.486  1.268   27.354  1.00 57.40 ? 250 VAL A CA 1 
ATOM 246  C CA . VAL A 1 251 ? 16.826  -0.356  26.666  1.00 53.46 ? 251 VAL A CA 1 
ATOM 247  C CA . VAL A 1 252 ? 19.004  -1.405  23.757  1.00 49.93 ? 252 VAL A CA 1 
ATOM 248  C CA . LEU A 1 253 ? 20.438  -4.893  23.244  1.00 52.90 ? 253 LEU A CA 1 
ATOM 249  C CA . GLY A 1 254 ? 24.141  -4.453  22.843  1.00 51.47 ? 254 GLY A CA 1 
ATOM 250  C CA . SER A 1 255 ? 26.562  -5.255  20.087  1.00 48.72 ? 255 SER A CA 1 
ATOM 251  C CA . GLN A 1 256 ? 25.517  -8.050  17.820  1.00 54.04 ? 256 GLN A CA 1 
ATOM 252  C CA . GLU A 1 257 ? 29.071  -8.079  16.462  1.00 44.17 ? 257 GLU A CA 1 
ATOM 253  C CA . GLY A 1 258 ? 30.086  -11.323 18.136  1.00 37.63 ? 258 GLY A CA 1 
ATOM 254  C CA . ALA A 1 259 ? 26.651  -12.659 17.353  1.00 46.54 ? 259 ALA A CA 1 
ATOM 255  C CA . MET A 1 260 ? 27.158  -12.007 13.631  1.00 49.23 ? 260 MET A CA 1 
ATOM 256  C CA . HIS A 1 261 ? 30.578  -13.670 13.505  1.00 38.71 ? 261 HIS A CA 1 
ATOM 257  C CA . THR A 1 262 ? 29.024  -16.745 15.035  1.00 52.20 ? 262 THR A CA 1 
ATOM 258  C CA . ALA A 1 263 ? 26.445  -16.790 12.263  1.00 51.81 ? 263 ALA A CA 1 
ATOM 259  C CA . LEU A 1 264 ? 29.194  -16.349 9.719   1.00 53.05 ? 264 LEU A CA 1 
ATOM 260  C CA . THR A 1 265 ? 30.978  -19.427 11.032  1.00 52.15 ? 265 THR A CA 1 
ATOM 261  C CA . GLY A 1 266 ? 33.806  -19.888 8.601   1.00 49.71 ? 266 GLY A CA 1 
ATOM 262  C CA . ALA A 1 267 ? 31.486  -19.172 5.662   1.00 61.41 ? 267 ALA A CA 1 
ATOM 263  C CA . THR A 1 268 ? 33.100  -17.961 2.526   1.00 76.10 ? 268 THR A CA 1 
ATOM 264  C CA . GLU A 1 269 ? 35.436  -15.511 4.228   1.00 53.68 ? 269 GLU A CA 1 
ATOM 265  C CA . ILE A 1 270 ? 37.357  -13.036 2.065   1.00 50.07 ? 270 ILE A CA 1 
ATOM 266  C CA . GLN A 1 271 ? 38.361  -10.554 4.621   1.00 46.34 ? 271 GLN A CA 1 
ATOM 267  C CA . MET A 1 272 ? 41.694  -9.113  4.161   1.00 67.35 ? 272 MET A CA 1 
ATOM 268  C CA . SER A 1 273 ? 44.892  -9.462  2.445   1.00 83.29 ? 273 SER A CA 1 
ATOM 269  C CA . SER A 1 274 ? 46.295  -6.107  3.497   1.00 94.91 ? 274 SER A CA 1 
ATOM 270  C CA . GLY A 1 275 ? 43.005  -4.190  3.548   1.00 84.92 ? 275 GLY A CA 1 
ATOM 271  C CA . ASN A 1 276 ? 43.006  -10.027 -3.954  1.00 59.50 ? 276 ASN A CA 1 
ATOM 272  C CA . LEU A 1 277 ? 40.306  -12.655 -4.317  1.00 52.29 ? 277 LEU A CA 1 
ATOM 273  C CA . LEU A 1 278 ? 40.442  -16.298 -3.342  1.00 54.39 ? 278 LEU A CA 1 
ATOM 274  C CA . PHE A 1 279 ? 38.039  -17.739 -5.951  1.00 66.81 ? 279 PHE A CA 1 
ATOM 275  C CA . THR A 1 280 ? 35.603  -20.197 -4.341  1.00 71.58 ? 280 THR A CA 1 
ATOM 276  C CA . GLY A 1 281 ? 35.432  -23.175 -6.628  1.00 65.31 ? 281 GLY A CA 1 
ATOM 277  C CA . HIS A 1 282 ? 36.856  -24.513 -9.855  1.00 63.49 ? 282 HIS A CA 1 
ATOM 278  C CA . LEU A 1 283 ? 37.769  -23.530 -13.374 1.00 59.70 ? 283 LEU A CA 1 
ATOM 279  C CA . LYS A 1 284 ? 37.448  -26.370 -15.889 1.00 56.24 ? 284 LYS A CA 1 
ATOM 280  C CA . CYS A 1 285 ? 39.653  -25.948 -18.908 1.00 55.67 ? 285 CYS A CA 1 
ATOM 281  C CA . ARG A 1 286 ? 40.514  -27.606 -22.189 1.00 53.16 ? 286 ARG A CA 1 
ATOM 282  C CA . LEU A 1 287 ? 44.053  -27.369 -23.601 1.00 63.03 ? 287 LEU A CA 1 
ATOM 283  C CA . ARG A 1 288 ? 45.170  -27.984 -27.173 1.00 49.93 ? 288 ARG A CA 1 
ATOM 284  C CA . MET A 1 289 ? 48.899  -28.650 -27.696 1.00 61.85 ? 289 MET A CA 1 
ATOM 285  C CA . ASP A 1 290 ? 49.111  -29.422 -31.431 1.00 77.34 ? 290 ASP A CA 1 
ATOM 286  C CA . LYS A 1 291 ? 50.980  -26.170 -31.930 1.00 67.31 ? 291 LYS A CA 1 
ATOM 287  C CA . LEU A 1 292 ? 53.502  -27.130 -29.243 1.00 61.20 ? 292 LEU A CA 1 
ATOM 288  C CA . GLN A 1 293 ? 56.698  -29.127 -29.598 1.00 60.55 ? 293 GLN A CA 1 
ATOM 289  C CA . LEU A 1 294 ? 59.448  -30.684 -27.515 1.00 52.67 ? 294 LEU A CA 1 
ATOM 290  C CA . LYS A 1 295 ? 62.653  -28.724 -27.214 1.00 55.31 ? 295 LYS A CA 1 
ATOM 291  C CA . GLY A 1 296 ? 65.901  -30.078 -28.600 1.00 58.90 ? 296 GLY A CA 1 
ATOM 292  C CA . MET A 1 297 ? 64.818  -33.113 -30.599 1.00 59.63 ? 297 MET A CA 1 
ATOM 293  C CA . SER A 1 298 ? 67.852  -33.015 -32.795 1.00 56.24 ? 298 SER A CA 1 
ATOM 294  C CA . TYR A 1 299 ? 70.260  -32.736 -29.970 1.00 55.84 ? 299 TYR A CA 1 
ATOM 295  C CA . SER A 1 300 ? 72.998  -35.210 -29.564 1.00 62.81 ? 300 SER A CA 1 
ATOM 296  C CA . MET A 1 301 ? 73.013  -37.797 -26.843 1.00 59.20 ? 301 MET A CA 1 
ATOM 297  C CA . CYS A 1 302 ? 75.233  -36.547 -24.024 1.00 58.60 ? 302 CYS A CA 1 
ATOM 298  C CA . THR A 1 303 ? 78.308  -38.743 -24.061 1.00 72.62 ? 303 THR A CA 1 
ATOM 299  C CA . GLY A 1 304 ? 80.191  -37.234 -21.126 1.00 65.06 ? 304 GLY A CA 1 
ATOM 300  C CA . LYS A 1 305 ? 79.590  -38.005 -17.454 1.00 53.41 ? 305 LYS A CA 1 
ATOM 301  C CA . PHE A 1 306 ? 77.277  -36.474 -14.902 1.00 55.25 ? 306 PHE A CA 1 
ATOM 302  C CA . LYS A 1 307 ? 77.559  -35.683 -11.240 1.00 60.48 ? 307 LYS A CA 1 
ATOM 303  C CA . VAL A 1 308 ? 74.728  -35.537 -8.732  1.00 60.24 ? 308 VAL A CA 1 
ATOM 304  C CA . VAL A 1 309 ? 74.618  -31.916 -7.648  1.00 50.23 ? 309 VAL A CA 1 
ATOM 305  C CA . LYS A 1 310 ? 71.547  -32.235 -5.471  1.00 52.46 ? 310 LYS A CA 1 
ATOM 306  C CA . GLU A 1 311 ? 70.086  -35.524 -4.318  1.00 58.99 ? 311 GLU A CA 1 
ATOM 307  C CA . ILE A 1 312 ? 67.215  -37.750 -5.383  1.00 56.14 ? 312 ILE A CA 1 
ATOM 308  C CA . ALA A 1 313 ? 64.394  -36.553 -3.155  1.00 55.68 ? 313 ALA A CA 1 
ATOM 309  C CA . GLU A 1 314 ? 60.893  -37.989 -3.191  1.00 58.97 ? 314 GLU A CA 1 
ATOM 310  C CA . THR A 1 315 ? 57.812  -35.772 -3.688  1.00 58.10 ? 315 THR A CA 1 
ATOM 311  C CA . GLN A 1 316 ? 54.512  -36.328 -1.953  1.00 65.25 ? 316 GLN A CA 1 
ATOM 312  C CA . HIS A 1 317 ? 53.243  -38.226 -4.982  1.00 67.43 ? 317 HIS A CA 1 
ATOM 313  C CA . GLY A 1 318 ? 55.778  -40.944 -5.446  1.00 68.23 ? 318 GLY A CA 1 
ATOM 314  C CA . THR A 1 319 ? 57.862  -39.055 -7.969  1.00 58.98 ? 319 THR A CA 1 
ATOM 315  C CA . ILE A 1 320 ? 61.588  -38.367 -7.424  1.00 56.51 ? 320 ILE A CA 1 
ATOM 316  C CA . VAL A 1 321 ? 63.521  -35.216 -8.305  1.00 55.39 ? 321 VAL A CA 1 
ATOM 317  C CA . ILE A 1 322 ? 67.258  -35.189 -9.023  1.00 50.50 ? 322 ILE A CA 1 
ATOM 318  C CA . ARG A 1 323 ? 69.665  -32.466 -10.075 1.00 43.31 ? 323 ARG A CA 1 
ATOM 319  C CA . VAL A 1 324 ? 72.715  -33.389 -12.033 1.00 58.28 ? 324 VAL A CA 1 
ATOM 320  C CA . GLN A 1 325 ? 75.545  -31.529 -13.659 1.00 54.15 ? 325 GLN A CA 1 
ATOM 321  C CA . TYR A 1 326 ? 77.088  -32.420 -17.009 1.00 53.35 ? 326 TYR A CA 1 
ATOM 322  C CA . GLU A 1 327 ? 80.832  -32.533 -17.241 1.00 53.85 ? 327 GLU A CA 1 
ATOM 323  C CA . GLY A 1 328 ? 81.101  -33.933 -20.736 1.00 61.21 ? 328 GLY A CA 1 
ATOM 324  C CA . ASP A 1 329 ? 82.023  -31.949 -23.840 1.00 77.35 ? 329 ASP A CA 1 
ATOM 325  C CA . GLY A 1 330 ? 78.941  -32.203 -26.076 1.00 74.73 ? 330 GLY A CA 1 
ATOM 326  C CA . SER A 1 331 ? 76.399  -29.535 -24.956 1.00 66.30 ? 331 SER A CA 1 
ATOM 327  C CA . PRO A 1 332 ? 73.741  -28.813 -26.128 1.00 59.42 ? 332 PRO A CA 1 
ATOM 328  C CA . CYS A 1 333 ? 72.723  -32.444 -25.760 1.00 46.84 ? 333 CYS A CA 1 
ATOM 329  C CA . LYS A 1 334 ? 70.008  -34.842 -24.502 1.00 47.24 ? 334 LYS A CA 1 
ATOM 330  C CA . ILE A 1 335 ? 70.488  -36.529 -21.137 1.00 48.96 ? 335 ILE A CA 1 
ATOM 331  C CA . PRO A 1 336 ? 70.565  -40.376 -21.261 1.00 58.09 ? 336 PRO A CA 1 
ATOM 332  C CA . PHE A 1 337 ? 67.985  -41.220 -18.605 1.00 63.36 ? 337 PHE A CA 1 
ATOM 333  C CA . GLU A 1 338 ? 66.441  -44.585 -17.833 1.00 58.83 ? 338 GLU A CA 1 
ATOM 334  C CA . ILE A 1 339 ? 64.951  -46.350 -14.831 1.00 49.97 ? 339 ILE A CA 1 
ATOM 335  C CA . MET A 1 340 ? 65.612  -50.090 -14.676 1.00 48.69 ? 340 MET A CA 1 
ATOM 336  C CA . ASP A 1 341 ? 64.733  -53.002 -12.436 1.00 68.79 ? 341 ASP A CA 1 
ATOM 337  C CA . LEU A 1 342 ? 67.003  -55.203 -10.329 1.00 77.02 ? 342 LEU A CA 1 
ATOM 338  C CA . GLU A 1 343 ? 68.198  -57.809 -12.983 1.00 73.09 ? 343 GLU A CA 1 
ATOM 339  C CA . LYS A 1 344 ? 69.573  -54.853 -14.894 1.00 63.26 ? 344 LYS A CA 1 
ATOM 340  C CA . ARG A 1 345 ? 67.401  -55.156 -18.025 1.00 59.13 ? 345 ARG A CA 1 
ATOM 341  C CA . HIS A 1 346 ? 63.779  -54.035 -18.321 1.00 67.85 ? 346 HIS A CA 1 
ATOM 342  C CA . VAL A 1 347 ? 62.826  -50.300 -18.126 1.00 62.49 ? 347 VAL A CA 1 
ATOM 343  C CA . LEU A 1 348 ? 60.331  -49.720 -15.280 1.00 72.88 ? 348 LEU A CA 1 
ATOM 344  C CA . GLY A 1 349 ? 59.827  -45.990 -15.042 1.00 69.69 ? 349 GLY A CA 1 
ATOM 345  C CA . ARG A 1 350 ? 58.572  -42.971 -16.912 1.00 68.87 ? 350 ARG A CA 1 
ATOM 346  C CA . LEU A 1 351 ? 59.952  -39.450 -16.990 1.00 59.87 ? 351 LEU A CA 1 
ATOM 347  C CA . ILE A 1 352 ? 57.781  -36.577 -15.871 1.00 63.06 ? 352 ILE A CA 1 
ATOM 348  C CA . THR A 1 353 ? 60.352  -34.007 -17.008 1.00 56.97 ? 353 THR A CA 1 
ATOM 349  C CA . VAL A 1 354 ? 60.387  -35.336 -20.544 1.00 65.90 ? 354 VAL A CA 1 
ATOM 350  C CA . ASN A 1 355 ? 63.314  -34.948 -22.933 1.00 68.34 ? 355 ASN A CA 1 
ATOM 351  C CA . PRO A 1 356 ? 65.937  -33.833 -20.372 1.00 58.80 ? 356 PRO A CA 1 
ATOM 352  C CA . ILE A 1 357 ? 68.707  -31.789 -22.046 1.00 53.61 ? 357 ILE A CA 1 
ATOM 353  C CA . VAL A 1 358 ? 71.935  -30.082 -20.994 1.00 57.63 ? 358 VAL A CA 1 
ATOM 354  C CA . THR A 1 359 ? 72.042  -26.484 -22.160 1.00 62.17 ? 359 THR A CA 1 
ATOM 355  C CA . GLU A 1 360 ? 75.286  -25.252 -20.575 1.00 66.02 ? 360 GLU A CA 1 
ATOM 356  C CA . LYS A 1 361 ? 78.232  -27.154 -19.090 1.00 65.82 ? 361 LYS A CA 1 
ATOM 357  C CA . ASP A 1 362 ? 77.985  -25.517 -15.680 1.00 67.20 ? 362 ASP A CA 1 
ATOM 358  C CA . SER A 1 363 ? 74.203  -25.095 -15.353 1.00 61.49 ? 363 SER A CA 1 
ATOM 359  C CA . PRO A 1 364 ? 72.596  -27.993 -13.434 1.00 52.42 ? 364 PRO A CA 1 
ATOM 360  C CA . VAL A 1 365 ? 69.496  -29.737 -14.727 1.00 61.99 ? 365 VAL A CA 1 
ATOM 361  C CA . ASN A 1 366 ? 66.535  -30.893 -12.667 1.00 54.89 ? 366 ASN A CA 1 
ATOM 362  C CA . ILE A 1 367 ? 64.668  -34.043 -13.663 1.00 59.58 ? 367 ILE A CA 1 
ATOM 363  C CA . GLU A 1 368 ? 61.482  -35.450 -12.183 1.00 59.28 ? 368 GLU A CA 1 
ATOM 364  C CA . ALA A 1 369 ? 60.722  -39.073 -12.790 1.00 63.01 ? 369 ALA A CA 1 
ATOM 365  C CA . GLU A 1 370 ? 58.197  -41.614 -11.664 1.00 68.78 ? 370 GLU A CA 1 
ATOM 366  C CA . PRO A 1 371 ? 60.035  -44.756 -10.496 1.00 82.38 ? 371 PRO A CA 1 
ATOM 367  C CA . PRO A 1 372 ? 58.151  -48.023 -10.006 1.00 69.14 ? 372 PRO A CA 1 
ATOM 368  C CA . PHE A 1 373 ? 57.182  -49.185 -6.533  1.00 56.21 ? 373 PHE A CA 1 
ATOM 369  C CA . GLY A 1 374 ? 59.972  -50.718 -4.544  1.00 57.65 ? 374 GLY A CA 1 
ATOM 370  C CA . ASP A 1 375 ? 63.516  -51.292 -5.801  1.00 65.47 ? 375 ASP A CA 1 
ATOM 371  C CA . SER A 1 376 ? 64.590  -49.606 -8.984  1.00 58.78 ? 376 SER A CA 1 
ATOM 372  C CA . TYR A 1 377 ? 67.595  -48.064 -10.730 1.00 47.56 ? 377 TYR A CA 1 
ATOM 373  C CA . ILE A 1 378 ? 68.270  -44.554 -11.865 1.00 50.19 ? 378 ILE A CA 1 
ATOM 374  C CA . ILE A 1 379 ? 70.853  -44.717 -14.623 1.00 41.85 ? 379 ILE A CA 1 
ATOM 375  C CA . ILE A 1 380 ? 72.097  -41.317 -15.726 1.00 50.70 ? 380 ILE A CA 1 
ATOM 376  C CA . GLY A 1 381 ? 74.354  -40.972 -18.735 1.00 56.90 ? 381 GLY A CA 1 
ATOM 377  C CA . VAL A 1 382 ? 76.152  -43.675 -20.638 1.00 68.44 ? 382 VAL A CA 1 
ATOM 378  C CA . GLU A 1 383 ? 79.247  -45.658 -19.715 1.00 68.73 ? 383 GLU A CA 1 
ATOM 379  C CA . PRO A 1 384 ? 82.066  -44.675 -18.954 1.00 68.61 ? 384 PRO A CA 1 
ATOM 380  C CA . GLY A 1 385 ? 81.196  -43.340 -15.485 1.00 69.12 ? 385 GLY A CA 1 
ATOM 381  C CA . GLN A 1 386 ? 77.509  -43.838 -15.955 1.00 59.52 ? 386 GLN A CA 1 
ATOM 382  C CA . LEU A 1 387 ? 75.569  -42.997 -12.771 1.00 57.31 ? 387 LEU A CA 1 
ATOM 383  C CA . LYS A 1 388 ? 73.618  -45.943 -11.350 1.00 49.90 ? 388 LYS A CA 1 
ATOM 384  C CA . LEU A 1 389 ? 71.579  -44.766 -8.424  1.00 55.57 ? 389 LEU A CA 1 
ATOM 385  C CA . ASP A 1 390 ? 69.493  -47.203 -6.383  1.00 61.51 ? 390 ASP A CA 1 
ATOM 386  C CA . TRP A 1 391 ? 66.041  -46.138 -5.216  1.00 63.10 ? 391 TRP A CA 1 
ATOM 387  C CA . PHE A 1 392 ? 63.260  -47.724 -3.171  1.00 64.55 ? 392 PHE A CA 1 
ATOM 388  C CA . LYS A 1 393 ? 59.687  -46.580 -3.395  1.00 67.21 ? 393 LYS A CA 1 
ATOM 389  C CA . LYS A 1 394 ? 57.088  -46.419 -0.655  1.00 82.57 ? 394 LYS A CA 1 
ATOM 390  C CA . GLY A 1 395 ? 54.716  -48.538 0.306   1.00 19.84 ? 395 GLY A CA 1 
ATOM 391  C CA . MET B 1 1   ? 13.658  -1.317  -32.487 1.00 51.09 ? 1   MET B CA 1 
ATOM 392  C CA . ARG B 1 2   ? 11.273  0.557   -30.211 1.00 48.13 ? 2   ARG B CA 1 
ATOM 393  C CA . CYS B 1 3   ? 9.846   -2.596  -28.580 1.00 47.62 ? 3   CYS B CA 1 
ATOM 394  C CA . ILE B 1 4   ? 13.173  -3.513  -27.085 1.00 57.33 ? 4   ILE B CA 1 
ATOM 395  C CA . GLY B 1 5   ? 13.084  -2.767  -23.374 1.00 60.25 ? 5   GLY B CA 1 
ATOM 396  C CA . ILE B 1 6   ? 9.067   -3.146  -22.807 1.00 56.25 ? 6   ILE B CA 1 
ATOM 397  C CA . SER B 1 7   ? 7.935   -5.860  -21.067 1.00 56.75 ? 7   SER B CA 1 
ATOM 398  C CA . ASN B 1 8   ? 4.524   -6.389  -22.559 1.00 57.45 ? 8   ASN B CA 1 
ATOM 399  C CA . ARG B 1 9   ? 5.907   -7.171  -26.268 1.00 56.36 ? 9   ARG B CA 1 
ATOM 400  C CA . ASP B 1 10  ? 4.942   -9.729  -28.221 1.00 66.53 ? 10  ASP B CA 1 
ATOM 401  C CA . PHE B 1 11  ? 6.878   -11.739 -30.838 1.00 67.74 ? 11  PHE B CA 1 
ATOM 402  C CA . VAL B 1 12  ? 5.019   -12.676 -34.012 1.00 57.70 ? 12  VAL B CA 1 
ATOM 403  C CA . GLU B 1 13  ? 6.653   -14.558 -36.978 1.00 63.32 ? 13  GLU B CA 1 
ATOM 404  C CA . GLY B 1 14  ? 5.137   -14.054 -40.580 1.00 73.57 ? 14  GLY B CA 1 
ATOM 405  C CA . VAL B 1 15  ? 4.777   -16.807 -43.182 1.00 81.27 ? 15  VAL B CA 1 
ATOM 406  C CA . SER B 1 16  ? 5.982   -17.129 -46.774 1.00 83.64 ? 16  SER B CA 1 
ATOM 407  C CA . SER B 1 19  ? 2.799   -12.412 -47.070 1.00 69.58 ? 19  SER B CA 1 
ATOM 408  C CA . TRP B 1 20  ? 0.310   -12.272 -44.183 1.00 57.52 ? 20  TRP B CA 1 
ATOM 409  C CA . VAL B 1 21  ? 0.647   -11.810 -40.503 1.00 69.52 ? 21  VAL B CA 1 
ATOM 410  C CA . ASP B 1 22  ? -1.673  -11.372 -37.722 1.00 68.88 ? 22  ASP B CA 1 
ATOM 411  C CA . ILE B 1 23  ? -1.049  -9.004  -34.803 1.00 73.80 ? 23  ILE B CA 1 
ATOM 412  C CA . VAL B 1 24  ? -2.871  -7.417  -31.859 1.00 63.89 ? 24  VAL B CA 1 
ATOM 413  C CA . LEU B 1 25  ? -2.079  -3.972  -30.555 1.00 52.63 ? 25  LEU B CA 1 
ATOM 414  C CA . GLU B 1 26  ? -3.127  -2.202  -27.368 1.00 47.66 ? 26  GLU B CA 1 
ATOM 415  C CA . HIS B 1 27  ? -1.838  0.824   -25.454 1.00 50.93 ? 27  HIS B CA 1 
ATOM 416  C CA . GLY B 1 28  ? 1.230   -0.254  -23.508 1.00 60.98 ? 28  GLY B CA 1 
ATOM 417  C CA . SER B 1 29  ? 1.838   -3.381  -25.576 1.00 54.28 ? 29  SER B CA 1 
ATOM 418  C CA . CYS B 1 30  ? 4.287   -3.688  -28.454 1.00 50.46 ? 30  CYS B CA 1 
ATOM 419  C CA . VAL B 1 31  ? 4.758   -6.207  -31.206 1.00 58.67 ? 31  VAL B CA 1 
ATOM 420  C CA . THR B 1 32  ? 7.807   -7.358  -33.127 1.00 55.73 ? 32  THR B CA 1 
ATOM 421  C CA . THR B 1 33  ? 7.083   -9.080  -36.429 1.00 46.44 ? 33  THR B CA 1 
ATOM 422  C CA . MET B 1 34  ? 9.293   -11.373 -38.365 1.00 53.19 ? 34  MET B CA 1 
ATOM 423  C CA . ALA B 1 35  ? 8.856   -12.800 -41.822 1.00 54.90 ? 35  ALA B CA 1 
ATOM 424  C CA . LYS B 1 36  ? 11.977  -14.198 -43.473 1.00 60.99 ? 36  LYS B CA 1 
ATOM 425  C CA . ASN B 1 37  ? 13.615  -12.466 -46.398 1.00 70.74 ? 37  ASN B CA 1 
ATOM 426  C CA . LYS B 1 38  ? 11.701  -9.640  -44.853 1.00 52.01 ? 38  LYS B CA 1 
ATOM 427  C CA . PRO B 1 39  ? 12.607  -6.856  -42.364 1.00 53.97 ? 39  PRO B CA 1 
ATOM 428  C CA . THR B 1 40  ? 11.840  -7.116  -38.693 1.00 54.99 ? 40  THR B CA 1 
ATOM 429  C CA . LEU B 1 41  ? 9.303   -4.568  -37.566 1.00 47.76 ? 41  LEU B CA 1 
ATOM 430  C CA . ASP B 1 42  ? 8.154   -3.112  -34.289 1.00 41.97 ? 42  ASP B CA 1 
ATOM 431  C CA . PHE B 1 43  ? 4.525   -2.104  -33.938 1.00 45.05 ? 43  PHE B CA 1 
ATOM 432  C CA . GLU B 1 44  ? 2.972   0.102   -31.305 1.00 46.88 ? 44  GLU B CA 1 
ATOM 433  C CA . LEU B 1 45  ? -0.429  1.748   -30.876 1.00 51.14 ? 45  LEU B CA 1 
ATOM 434  C CA . ILE B 1 46  ? 0.460   5.228   -29.779 1.00 54.45 ? 46  ILE B CA 1 
ATOM 435  C CA . LYS B 1 47  ? -2.954  7.058   -29.880 1.00 53.24 ? 47  LYS B CA 1 
ATOM 436  C CA . THR B 1 48  ? -6.722  6.649   -30.210 1.00 48.45 ? 48  THR B CA 1 
ATOM 437  C CA . GLU B 1 49  ? -8.668  9.737   -31.276 1.00 51.64 ? 49  GLU B CA 1 
ATOM 438  C CA . ALA B 1 50  ? -12.398 10.394  -31.179 1.00 46.79 ? 50  ALA B CA 1 
ATOM 439  C CA . LYS B 1 51  ? -13.307 12.710  -34.017 1.00 49.17 ? 51  LYS B CA 1 
ATOM 440  C CA . GLN B 1 52  ? -18.151 19.575  -27.716 1.00 77.38 ? 52  GLN B CA 1 
ATOM 441  C CA . PRO B 1 53  ? -19.999 16.183  -27.332 1.00 59.33 ? 53  PRO B CA 1 
ATOM 442  C CA . ALA B 1 54  ? -23.384 15.961  -25.611 1.00 56.85 ? 54  ALA B CA 1 
ATOM 443  C CA . THR B 1 55  ? -24.838 15.824  -22.184 1.00 56.54 ? 55  THR B CA 1 
ATOM 444  C CA . LEU B 1 56  ? -27.035 12.759  -21.698 1.00 74.56 ? 56  LEU B CA 1 
ATOM 445  C CA . ARG B 1 57  ? -27.795 13.908  -18.183 1.00 59.93 ? 57  ARG B CA 1 
ATOM 446  C CA . LYS B 1 58  ? -26.474 16.055  -15.324 1.00 46.44 ? 58  LYS B CA 1 
ATOM 447  C CA . TYR B 1 59  ? -26.400 14.871  -11.676 1.00 40.90 ? 59  TYR B CA 1 
ATOM 448  C CA . CYS B 1 60  ? -26.374 17.009  -8.545  1.00 36.42 ? 60  CYS B CA 1 
ATOM 449  C CA . ILE B 1 61  ? -23.952 15.550  -6.023  1.00 55.02 ? 61  ILE B CA 1 
ATOM 450  C CA . GLU B 1 62  ? -24.089 18.261  -3.383  1.00 52.18 ? 62  GLU B CA 1 
ATOM 451  C CA . ALA B 1 63  ? -27.079 20.379  -2.391  1.00 50.99 ? 63  ALA B CA 1 
ATOM 452  C CA . LYS B 1 64  ? -28.280 23.249  -0.221  1.00 52.33 ? 64  LYS B CA 1 
ATOM 453  C CA . LEU B 1 65  ? -31.564 23.649  1.650   1.00 55.04 ? 65  LEU B CA 1 
ATOM 454  C CA . THR B 1 66  ? -32.678 27.127  2.474   1.00 58.92 ? 66  THR B CA 1 
ATOM 455  C CA . ASN B 1 67  ? -35.571 29.544  2.666   1.00 52.28 ? 67  ASN B CA 1 
ATOM 456  C CA . THR B 1 68  ? -37.683 27.107  4.690   1.00 59.59 ? 68  THR B CA 1 
ATOM 457  C CA . THR B 1 69  ? -41.313 28.002  4.901   1.00 60.65 ? 69  THR B CA 1 
ATOM 458  C CA . THR B 1 70  ? -44.252 26.191  6.405   1.00 55.93 ? 70  THR B CA 1 
ATOM 459  C CA . ASP B 1 71  ? -48.029 26.314  6.710   1.00 59.72 ? 71  ASP B CA 1 
ATOM 460  C CA . SER B 1 72  ? -49.861 24.727  9.620   1.00 63.10 ? 72  SER B CA 1 
ATOM 461  C CA . ARG B 1 73  ? -53.604 24.539  10.088  1.00 60.39 ? 73  ARG B CA 1 
ATOM 462  C CA . CYS B 1 74  ? -55.683 24.099  13.245  1.00 66.93 ? 74  CYS B CA 1 
ATOM 463  C CA . PRO B 1 75  ? -57.342 20.731  14.064  1.00 61.41 ? 75  PRO B CA 1 
ATOM 464  C CA . THR B 1 76  ? -60.456 22.024  12.326  1.00 63.84 ? 76  THR B CA 1 
ATOM 465  C CA . GLN B 1 77  ? -59.059 24.258  9.547   1.00 62.92 ? 77  GLN B CA 1 
ATOM 466  C CA . GLY B 1 78  ? -58.385 21.308  7.245   1.00 63.76 ? 78  GLY B CA 1 
ATOM 467  C CA . GLU B 1 79  ? -55.405 20.964  4.855   1.00 60.71 ? 79  GLU B CA 1 
ATOM 468  C CA . PRO B 1 80  ? -52.164 23.009  4.666   1.00 56.97 ? 80  PRO B CA 1 
ATOM 469  C CA . THR B 1 81  ? -51.108 24.929  1.561   1.00 66.08 ? 81  THR B CA 1 
ATOM 470  C CA . LEU B 1 82  ? -47.993 26.705  0.432   1.00 55.83 ? 82  LEU B CA 1 
ATOM 471  C CA . ASN B 1 83  ? -47.522 28.367  -2.873  1.00 52.99 ? 83  ASN B CA 1 
ATOM 472  C CA . GLU B 1 84  ? -44.011 26.987  -2.623  1.00 52.70 ? 84  GLU B CA 1 
ATOM 473  C CA . GLU B 1 85  ? -45.687 23.650  -3.385  1.00 53.79 ? 85  GLU B CA 1 
ATOM 474  C CA . GLN B 1 86  ? -45.764 24.819  -7.001  1.00 54.73 ? 86  GLN B CA 1 
ATOM 475  C CA . ASP B 1 87  ? -42.294 26.312  -7.156  1.00 51.92 ? 87  ASP B CA 1 
ATOM 476  C CA . LYS B 1 88  ? -40.425 23.379  -8.605  1.00 52.01 ? 88  LYS B CA 1 
ATOM 477  C CA . ARG B 1 89  ? -37.292 24.595  -6.835  1.00 44.12 ? 89  ARG B CA 1 
ATOM 478  C CA . PHE B 1 90  ? -38.868 23.682  -3.525  1.00 46.36 ? 90  PHE B CA 1 
ATOM 479  C CA . VAL B 1 91  ? -39.115 20.272  -1.967  1.00 66.62 ? 91  VAL B CA 1 
ATOM 480  C CA . CYS B 1 92  ? -42.153 19.611  0.275   1.00 64.74 ? 92  CYS B CA 1 
ATOM 481  C CA . LYS B 1 93  ? -43.774 17.133  2.641   1.00 61.53 ? 93  LYS B CA 1 
ATOM 482  C CA . HIS B 1 94  ? -47.039 16.953  4.628   1.00 56.37 ? 94  HIS B CA 1 
ATOM 483  C CA . SER B 1 95  ? -47.208 15.875  8.264   1.00 66.36 ? 95  SER B CA 1 
ATOM 484  C CA . MET B 1 96  ? -49.460 16.365  11.313  1.00 62.00 ? 96  MET B CA 1 
ATOM 485  C CA . VAL B 1 97  ? -48.648 18.111  14.612  1.00 58.33 ? 97  VAL B CA 1 
ATOM 486  C CA . ASP B 1 98  ? -50.425 18.588  17.900  1.00 57.86 ? 98  ASP B CA 1 
ATOM 487  C CA . ARG B 1 99  ? -52.417 21.799  18.134  1.00 50.02 ? 99  ARG B CA 1 
ATOM 488  C CA . GLY B 1 100 ? -54.367 23.522  20.924  1.00 49.05 ? 100 GLY B CA 1 
ATOM 489  C CA . TRP B 1 101 ? -54.931 26.701  22.908  1.00 54.64 ? 101 TRP B CA 1 
ATOM 490  C CA . GLY B 1 102 ? -51.198 26.718  23.723  1.00 63.81 ? 102 GLY B CA 1 
ATOM 491  C CA . ASN B 1 103 ? -50.187 27.322  20.136  1.00 69.51 ? 103 ASN B CA 1 
ATOM 492  C CA . GLY B 1 104 ? -53.095 29.167  18.535  1.00 75.39 ? 104 GLY B CA 1 
ATOM 493  C CA . CYS B 1 105 ? -56.141 26.962  18.138  1.00 62.61 ? 105 CYS B CA 1 
ATOM 494  C CA . GLY B 1 106 ? -59.481 26.876  19.918  1.00 58.67 ? 106 GLY B CA 1 
ATOM 495  C CA . LEU B 1 107 ? -59.596 23.160  19.365  1.00 52.65 ? 107 LEU B CA 1 
ATOM 496  C CA . PHE B 1 108 ? -57.284 20.376  20.416  1.00 53.33 ? 108 PHE B CA 1 
ATOM 497  C CA . GLY B 1 109 ? -55.970 17.728  18.047  1.00 52.87 ? 109 GLY B CA 1 
ATOM 498  C CA . LYS B 1 110 ? -53.743 17.074  15.082  1.00 48.54 ? 110 LYS B CA 1 
ATOM 499  C CA . GLY B 1 111 ? -53.562 20.005  12.732  1.00 52.75 ? 111 GLY B CA 1 
ATOM 500  C CA . GLY B 1 112 ? -51.916 19.455  9.399   1.00 58.20 ? 112 GLY B CA 1 
ATOM 501  C CA . ILE B 1 113 ? -48.655 20.995  8.268   1.00 59.12 ? 113 ILE B CA 1 
ATOM 502  C CA . VAL B 1 114 ? -46.630 21.203  5.118   1.00 48.87 ? 114 VAL B CA 1 
ATOM 503  C CA . THR B 1 115 ? -42.995 22.226  5.147   1.00 43.35 ? 115 THR B CA 1 
ATOM 504  C CA . CYS B 1 116 ? -41.106 23.270  2.019   1.00 49.17 ? 116 CYS B CA 1 
ATOM 505  C CA . ALA B 1 117 ? -37.522 24.382  1.376   1.00 51.92 ? 117 ALA B CA 1 
ATOM 506  C CA . MET B 1 118 ? -35.714 25.598  -1.707  1.00 37.67 ? 118 MET B CA 1 
ATOM 507  C CA . PHE B 1 119 ? -33.238 23.061  -3.049  1.00 46.63 ? 119 PHE B CA 1 
ATOM 508  C CA . THR B 1 120 ? -30.040 24.395  -4.565  1.00 48.91 ? 120 THR B CA 1 
ATOM 509  C CA . CYS B 1 121 ? -27.320 22.388  -6.248  1.00 41.05 ? 121 CYS B CA 1 
ATOM 510  C CA . LYS B 1 122 ? -23.793 23.242  -5.028  1.00 47.00 ? 122 LYS B CA 1 
ATOM 511  C CA . LYS B 1 123 ? -21.677 20.810  -7.066  1.00 42.08 ? 123 LYS B CA 1 
ATOM 512  C CA . ASN B 1 124 ? -22.387 18.473  -10.022 1.00 36.74 ? 124 ASN B CA 1 
ATOM 513  C CA . MET B 1 125 ? -21.168 15.845  -12.505 1.00 48.08 ? 125 MET B CA 1 
ATOM 514  C CA . GLU B 1 126 ? -22.210 15.355  -16.143 1.00 50.55 ? 126 GLU B CA 1 
ATOM 515  C CA . GLY B 1 127 ? -22.617 12.299  -18.314 1.00 55.35 ? 127 GLY B CA 1 
ATOM 516  C CA . LYS B 1 128 ? -21.581 12.692  -21.934 1.00 53.80 ? 128 LYS B CA 1 
ATOM 517  C CA . ILE B 1 129 ? -22.138 10.704  -25.068 1.00 61.86 ? 129 ILE B CA 1 
ATOM 518  C CA . VAL B 1 130 ? -18.932 9.944   -26.886 1.00 60.37 ? 130 VAL B CA 1 
ATOM 519  C CA . GLN B 1 131 ? -18.332 9.159   -30.602 1.00 59.82 ? 131 GLN B CA 1 
ATOM 520  C CA . PRO B 1 132 ? -14.858 8.017   -31.670 1.00 51.97 ? 132 PRO B CA 1 
ATOM 521  C CA . GLU B 1 133 ? -15.425 1.935   -35.998 1.00 61.68 ? 133 GLU B CA 1 
ATOM 522  C CA . ASN B 1 134 ? -15.351 5.719   -36.173 1.00 49.72 ? 134 ASN B CA 1 
ATOM 523  C CA . LEU B 1 135 ? -12.300 6.202   -33.846 1.00 56.25 ? 135 LEU B CA 1 
ATOM 524  C CA . GLU B 1 136 ? -8.984  6.980   -35.442 1.00 56.67 ? 136 GLU B CA 1 
ATOM 525  C CA . TYR B 1 137 ? -5.927  5.050   -34.438 1.00 53.65 ? 137 TYR B CA 1 
ATOM 526  C CA . THR B 1 138 ? -2.310  6.059   -34.681 1.00 45.27 ? 138 THR B CA 1 
ATOM 527  C CA . VAL B 1 139 ? 0.328   3.316   -34.966 1.00 56.95 ? 139 VAL B CA 1 
ATOM 528  C CA . VAL B 1 140 ? 4.089   3.546   -35.117 1.00 48.08 ? 140 VAL B CA 1 
ATOM 529  C CA . ILE B 1 141 ? 6.104   1.123   -37.191 1.00 43.87 ? 141 ILE B CA 1 
ATOM 530  C CA . THR B 1 142 ? 9.817   1.029   -36.398 1.00 48.15 ? 142 THR B CA 1 
ATOM 531  C CA . PRO B 1 143 ? 11.918  -1.322  -38.580 1.00 48.62 ? 143 PRO B CA 1 
ATOM 532  C CA . HIS B 1 144 ? 14.907  -3.082  -36.965 1.00 49.33 ? 144 HIS B CA 1 
ATOM 533  C CA . SER B 1 145 ? 17.437  -1.060  -38.927 1.00 58.01 ? 145 SER B CA 1 
ATOM 534  C CA . GLY B 1 146 ? 20.026  -1.363  -36.153 1.00 52.22 ? 146 GLY B CA 1 
ATOM 535  C CA . GLU B 1 147 ? 20.650  2.395   -36.041 1.00 60.39 ? 147 GLU B CA 1 
ATOM 536  C CA . GLU B 1 148 ? 22.976  3.536   -33.208 1.00 43.94 ? 148 GLU B CA 1 
ATOM 537  C CA . HIS B 1 149 ? 20.035  5.087   -31.380 1.00 41.83 ? 149 HIS B CA 1 
ATOM 538  C CA . ALA B 1 150 ? 17.105  2.916   -32.550 1.00 49.10 ? 150 ALA B CA 1 
ATOM 539  C CA . VAL B 1 151 ? 16.822  0.601   -29.487 1.00 53.03 ? 151 VAL B CA 1 
ATOM 540  C CA . GLY B 1 152 ? 13.656  1.384   -27.546 1.00 40.42 ? 152 GLY B CA 1 
ATOM 541  C CA . ASN B 1 153 ? 13.726  4.979   -28.729 1.00 43.07 ? 153 ASN B CA 1 
ATOM 542  C CA . ASP B 1 154 ? 10.414  6.443   -27.526 1.00 67.20 ? 154 ASP B CA 1 
ATOM 543  C CA . THR B 1 155 ? 10.468  9.496   -29.768 1.00 64.01 ? 155 THR B CA 1 
ATOM 544  C CA . GLY B 1 156 ? 9.016   8.409   -33.072 1.00 70.49 ? 156 GLY B CA 1 
ATOM 545  C CA . LYS B 1 157 ? 11.689  9.641   -35.427 1.00 65.41 ? 157 LYS B CA 1 
ATOM 546  C CA . HIS B 1 158 ? 12.891  6.123   -36.113 1.00 65.97 ? 158 HIS B CA 1 
ATOM 547  C CA . GLY B 1 159 ? 9.443   5.176   -37.250 1.00 57.15 ? 159 GLY B CA 1 
ATOM 548  C CA . LYS B 1 160 ? 6.515   5.973   -39.455 1.00 55.29 ? 160 LYS B CA 1 
ATOM 549  C CA . GLU B 1 161 ? 3.283   7.021   -37.847 1.00 57.85 ? 161 GLU B CA 1 
ATOM 550  C CA . VAL B 1 162 ? 0.217   5.573   -39.444 1.00 66.13 ? 162 VAL B CA 1 
ATOM 551  C CA . LYS B 1 163 ? -3.413  6.512   -38.881 1.00 54.51 ? 163 LYS B CA 1 
ATOM 552  C CA . ILE B 1 164 ? -5.869  3.708   -39.279 1.00 60.40 ? 164 ILE B CA 1 
ATOM 553  C CA . THR B 1 165 ? -9.205  5.136   -40.042 1.00 55.87 ? 165 THR B CA 1 
ATOM 554  C CA . PRO B 1 166 ? -11.841 2.559   -39.178 1.00 52.97 ? 166 PRO B CA 1 
ATOM 555  C CA . GLN B 1 167 ? -13.622 4.655   -41.546 1.00 59.86 ? 167 GLN B CA 1 
ATOM 556  C CA . SER B 1 168 ? -11.942 5.554   -44.350 1.00 63.19 ? 168 SER B CA 1 
ATOM 557  C CA . SER B 1 169 ? -10.196 2.213   -44.540 1.00 63.73 ? 169 SER B CA 1 
ATOM 558  C CA . ILE B 1 170 ? -7.138  0.081   -45.121 1.00 64.15 ? 170 ILE B CA 1 
ATOM 559  C CA . THR B 1 171 ? -3.904  1.996   -44.574 1.00 58.93 ? 171 THR B CA 1 
ATOM 560  C CA . GLU B 1 172 ? -0.744  1.607   -46.668 1.00 45.00 ? 172 GLU B CA 1 
ATOM 561  C CA . ALA B 1 173 ? 2.802   2.440   -45.538 1.00 48.59 ? 173 ALA B CA 1 
ATOM 562  C CA . GLU B 1 174 ? 6.022   3.805   -46.920 1.00 59.32 ? 174 GLU B CA 1 
ATOM 563  C CA . LEU B 1 175 ? 8.905   2.166   -45.115 1.00 62.58 ? 175 LEU B CA 1 
ATOM 564  C CA . THR B 1 176 ? 11.735  4.178   -46.625 1.00 64.88 ? 176 THR B CA 1 
ATOM 565  C CA . GLY B 1 177 ? 14.471  2.030   -48.115 1.00 62.82 ? 177 GLY B CA 1 
ATOM 566  C CA . TYR B 1 178 ? 12.392  -1.025  -47.245 1.00 50.36 ? 178 TYR B CA 1 
ATOM 567  C CA . GLY B 1 179 ? 9.367   -0.617  -49.450 1.00 51.52 ? 179 GLY B CA 1 
ATOM 568  C CA . THR B 1 180 ? 5.752   -0.692  -48.489 1.00 54.21 ? 180 THR B CA 1 
ATOM 569  C CA . VAL B 1 181 ? 3.592   -2.560  -46.025 1.00 52.94 ? 181 VAL B CA 1 
ATOM 570  C CA . THR B 1 182 ? -0.188  -2.720  -45.580 1.00 45.45 ? 182 THR B CA 1 
ATOM 571  C CA . MET B 1 183 ? -2.632  -2.765  -42.693 1.00 52.91 ? 183 MET B CA 1 
ATOM 572  C CA . GLU B 1 184 ? -6.222  -3.804  -42.084 1.00 52.47 ? 184 GLU B CA 1 
ATOM 573  C CA . CYS B 1 185 ? -7.343  -3.693  -38.471 1.00 52.79 ? 185 CYS B CA 1 
ATOM 574  C CA . SER B 1 186 ? -10.452 -4.426  -36.480 1.00 66.15 ? 186 SER B CA 1 
ATOM 575  C CA . PRO B 1 187 ? -11.344 -2.489  -33.314 1.00 57.86 ? 187 PRO B CA 1 
ATOM 576  C CA . ARG B 1 188 ? -11.809 -5.173  -30.723 1.00 70.05 ? 188 ARG B CA 1 
ATOM 577  C CA . THR B 1 189 ? -12.817 -5.129  -27.033 1.00 75.49 ? 189 THR B CA 1 
ATOM 578  C CA . GLY B 1 190 ? -14.826 -6.949  -24.452 1.00 79.33 ? 190 GLY B CA 1 
ATOM 579  C CA . LEU B 1 191 ? -15.703 -1.631  -24.922 1.00 84.03 ? 191 LEU B CA 1 
ATOM 580  C CA . ASP B 1 192 ? -18.813 -0.841  -26.920 1.00 73.88 ? 192 ASP B CA 1 
ATOM 581  C CA . PHE B 1 193 ? -19.071 2.918   -26.827 1.00 63.17 ? 193 PHE B CA 1 
ATOM 582  C CA . ASN B 1 194 ? -22.729 3.469   -27.493 1.00 63.79 ? 194 ASN B CA 1 
ATOM 583  C CA . GLU B 1 195 ? -23.535 1.628   -24.318 1.00 62.11 ? 195 GLU B CA 1 
ATOM 584  C CA . MET B 1 196 ? -20.987 3.568   -22.334 1.00 48.44 ? 196 MET B CA 1 
ATOM 585  C CA . VAL B 1 197 ? -20.876 7.134   -21.075 1.00 48.52 ? 197 VAL B CA 1 
ATOM 586  C CA . LEU B 1 198 ? -18.161 9.622   -20.244 1.00 58.63 ? 198 LEU B CA 1 
ATOM 587  C CA . LEU B 1 199 ? -18.830 10.705  -16.660 1.00 55.34 ? 199 LEU B CA 1 
ATOM 588  C CA . GLN B 1 200 ? -17.033 13.886  -15.582 1.00 44.12 ? 200 GLN B CA 1 
ATOM 589  C CA . MET B 1 201 ? -16.507 15.022  -12.005 1.00 46.77 ? 201 MET B CA 1 
ATOM 590  C CA . LYS B 1 202 ? -14.295 18.034  -12.178 1.00 51.44 ? 202 LYS B CA 1 
ATOM 591  C CA . ASP B 1 203 ? -10.858 16.952  -13.309 1.00 52.59 ? 203 ASP B CA 1 
ATOM 592  C CA . LYS B 1 204 ? -11.658 13.238  -13.151 1.00 45.27 ? 204 LYS B CA 1 
ATOM 593  C CA . ALA B 1 205 ? -13.746 11.185  -15.609 1.00 39.59 ? 205 ALA B CA 1 
ATOM 594  C CA . TRP B 1 206 ? -14.521 7.536   -16.293 1.00 45.28 ? 206 TRP B CA 1 
ATOM 595  C CA . LEU B 1 207 ? -16.368 5.631   -18.987 1.00 63.64 ? 207 LEU B CA 1 
ATOM 596  C CA . VAL B 1 208 ? -19.475 4.007   -17.544 1.00 58.71 ? 208 VAL B CA 1 
ATOM 597  C CA . HIS B 1 209 ? -22.495 2.091   -18.854 1.00 45.10 ? 209 HIS B CA 1 
ATOM 598  C CA . ARG B 1 210 ? -25.751 3.769   -19.775 1.00 49.80 ? 210 ARG B CA 1 
ATOM 599  C CA . GLN B 1 211 ? -28.256 2.107   -17.377 1.00 55.66 ? 211 GLN B CA 1 
ATOM 600  C CA . TRP B 1 212 ? -25.854 2.257   -14.502 1.00 44.07 ? 212 TRP B CA 1 
ATOM 601  C CA . PHE B 1 213 ? -25.478 5.982   -15.130 1.00 35.79 ? 213 PHE B CA 1 
ATOM 602  C CA . LEU B 1 214 ? -29.194 6.531   -15.510 1.00 48.83 ? 214 LEU B CA 1 
ATOM 603  C CA . ASP B 1 215 ? -30.036 4.441   -12.461 1.00 59.91 ? 215 ASP B CA 1 
ATOM 604  C CA . LEU B 1 216 ? -28.016 6.839   -10.377 1.00 58.18 ? 216 LEU B CA 1 
ATOM 605  C CA . PRO B 1 217 ? -30.092 7.741   -7.262  1.00 69.33 ? 217 PRO B CA 1 
ATOM 606  C CA . LEU B 1 218 ? -29.441 11.448  -7.480  1.00 53.46 ? 218 LEU B CA 1 
ATOM 607  C CA . PRO B 1 219 ? -31.105 14.701  -8.461  1.00 35.61 ? 219 PRO B CA 1 
ATOM 608  C CA . TRP B 1 220 ? -30.730 15.463  -12.152 1.00 29.57 ? 220 TRP B CA 1 
ATOM 609  C CA . LEU B 1 221 ? -31.296 17.796  -15.066 1.00 27.50 ? 221 LEU B CA 1 
ATOM 610  C CA . PRO B 1 222 ? -32.026 16.631  -18.643 1.00 57.83 ? 222 PRO B CA 1 
ATOM 611  C CA . GLY B 1 223 ? -29.070 16.552  -21.030 1.00 61.68 ? 223 GLY B CA 1 
ATOM 612  C CA . ALA B 1 224 ? -31.238 19.071  -22.860 1.00 69.16 ? 224 ALA B CA 1 
ATOM 613  C CA . GLY B 1 228 ? -31.313 24.810  -14.114 1.00 52.99 ? 228 GLY B CA 1 
ATOM 614  C CA . SER B 1 229 ? -34.794 23.843  -15.149 1.00 55.96 ? 229 SER B CA 1 
ATOM 615  C CA . ASN B 1 230 ? -35.724 22.289  -11.872 1.00 52.40 ? 230 ASN B CA 1 
ATOM 616  C CA . TRP B 1 231 ? -33.817 19.295  -10.717 1.00 37.28 ? 231 TRP B CA 1 
ATOM 617  C CA . ILE B 1 232 ? -35.606 16.001  -10.842 1.00 49.23 ? 232 ILE B CA 1 
ATOM 618  C CA . GLN B 1 233 ? -35.781 13.614  -7.901  1.00 57.35 ? 233 GLN B CA 1 
ATOM 619  C CA . LYS B 1 234 ? -34.495 16.062  -5.299  1.00 44.28 ? 234 LYS B CA 1 
ATOM 620  C CA . GLU B 1 235 ? -35.878 13.921  -2.482  1.00 60.80 ? 235 GLU B CA 1 
ATOM 621  C CA . THR B 1 236 ? -33.020 11.542  -3.067  1.00 70.35 ? 236 THR B CA 1 
ATOM 622  C CA . LEU B 1 237 ? -30.992 14.150  -1.178  1.00 64.25 ? 237 LEU B CA 1 
ATOM 623  C CA . VAL B 1 238 ? -33.657 15.576  1.100   1.00 60.05 ? 238 VAL B CA 1 
ATOM 624  C CA . THR B 1 239 ? -35.133 14.265  4.338   1.00 62.39 ? 239 THR B CA 1 
ATOM 625  C CA . PHE B 1 240 ? -38.082 15.285  6.510   1.00 65.41 ? 240 PHE B CA 1 
ATOM 626  C CA . LYS B 1 241 ? -38.512 14.575  10.200  1.00 64.08 ? 241 LYS B CA 1 
ATOM 627  C CA . ASN B 1 242 ? -41.334 14.982  12.727  1.00 58.98 ? 242 ASN B CA 1 
ATOM 628  C CA . PRO B 1 243 ? -40.410 12.802  15.750  1.00 56.59 ? 243 PRO B CA 1 
ATOM 629  C CA . HIS B 1 244 ? -42.744 14.199  18.411  1.00 52.78 ? 244 HIS B CA 1 
ATOM 630  C CA . ALA B 1 245 ? -45.563 15.748  16.403  1.00 58.91 ? 245 ALA B CA 1 
ATOM 631  C CA . LYS B 1 246 ? -44.248 19.207  17.319  1.00 56.93 ? 246 LYS B CA 1 
ATOM 632  C CA . LYS B 1 247 ? -42.744 20.551  14.133  1.00 63.78 ? 247 LYS B CA 1 
ATOM 633  C CA . GLN B 1 248 ? -41.245 19.148  10.986  1.00 58.65 ? 248 GLN B CA 1 
ATOM 634  C CA . ASP B 1 249 ? -37.656 19.686  9.943   1.00 52.82 ? 249 ASP B CA 1 
ATOM 635  C CA . VAL B 1 250 ? -35.987 19.112  6.588   1.00 57.44 ? 250 VAL B CA 1 
ATOM 636  C CA . VAL B 1 251 ? -32.346 18.406  5.870   1.00 52.57 ? 251 VAL B CA 1 
ATOM 637  C CA . VAL B 1 252 ? -30.063 17.586  2.968   1.00 54.48 ? 252 VAL B CA 1 
ATOM 638  C CA . LEU B 1 253 ? -27.702 14.604  2.819   1.00 67.91 ? 253 LEU B CA 1 
ATOM 639  C CA . GLY B 1 254 ? -24.300 16.000  2.079   1.00 58.70 ? 254 GLY B CA 1 
ATOM 640  C CA . SER B 1 255 ? -21.848 15.506  -0.722  1.00 51.46 ? 255 SER B CA 1 
ATOM 641  C CA . GLN B 1 256 ? -22.121 12.221  -2.507  1.00 59.97 ? 256 GLN B CA 1 
ATOM 642  C CA . GLU B 1 257 ? -18.761 12.987  -4.117  1.00 43.09 ? 257 GLU B CA 1 
ATOM 643  C CA . GLY B 1 258 ? -16.794 10.450  -2.107  1.00 42.91 ? 258 GLY B CA 1 
ATOM 644  C CA . ALA B 1 259 ? -19.722 8.101   -2.438  1.00 54.30 ? 259 ALA B CA 1 
ATOM 645  C CA . MET B 1 260 ? -19.555 8.301   -6.243  1.00 55.68 ? 260 MET B CA 1 
ATOM 646  C CA . HIS B 1 261 ? -15.807 7.667   -6.407  1.00 42.29 ? 261 HIS B CA 1 
ATOM 647  C CA . THR B 1 262 ? -16.353 4.544   -4.364  1.00 46.61 ? 262 THR B CA 1 
ATOM 648  C CA . ALA B 1 263 ? -18.905 3.363   -6.899  1.00 42.63 ? 263 ALA B CA 1 
ATOM 649  C CA . LEU B 1 264 ? -16.492 4.168   -9.682  1.00 45.11 ? 264 LEU B CA 1 
ATOM 650  C CA . THR B 1 265 ? -13.850 1.949   -8.110  1.00 49.59 ? 265 THR B CA 1 
ATOM 651  C CA . GLY B 1 266 ? -11.096 1.941   -10.667 1.00 52.72 ? 266 GLY B CA 1 
ATOM 652  C CA . ALA B 1 267 ? -13.626 1.526   -13.489 1.00 51.69 ? 267 ALA B CA 1 
ATOM 653  C CA . THR B 1 268 ? -12.542 2.655   -16.873 1.00 63.86 ? 268 THR B CA 1 
ATOM 654  C CA . GLU B 1 269 ? -10.955 5.891   -15.698 1.00 52.10 ? 269 GLU B CA 1 
ATOM 655  C CA . ILE B 1 270 ? -9.908  8.450   -18.315 1.00 43.43 ? 270 ILE B CA 1 
ATOM 656  C CA . GLN B 1 271 ? -9.574  11.469  -16.199 1.00 47.72 ? 271 GLN B CA 1 
ATOM 657  C CA . MET B 1 272 ? -6.818  13.702  -17.102 1.00 64.06 ? 272 MET B CA 1 
ATOM 658  C CA . SER B 1 273 ? -3.718  14.010  -18.997 1.00 72.51 ? 273 SER B CA 1 
ATOM 659  C CA . SER B 1 274 ? -3.307  17.742  -18.514 1.00 91.69 ? 274 SER B CA 1 
ATOM 660  C CA . GLY B 1 275 ? -7.007  18.644  -18.468 1.00 81.73 ? 275 GLY B CA 1 
ATOM 661  C CA . ASN B 1 276 ? -5.585  11.983  -25.098 1.00 54.36 ? 276 ASN B CA 1 
ATOM 662  C CA . LEU B 1 277 ? -7.422  8.680   -24.898 1.00 48.57 ? 277 LEU B CA 1 
ATOM 663  C CA . LEU B 1 278 ? -6.205  5.411   -23.456 1.00 52.05 ? 278 LEU B CA 1 
ATOM 664  C CA . PHE B 1 279 ? -8.180  2.979   -25.657 1.00 55.78 ? 279 PHE B CA 1 
ATOM 665  C CA . THR B 1 280 ? -9.743  0.206   -23.551 1.00 64.47 ? 280 THR B CA 1 
ATOM 666  C CA . GLY B 1 281 ? -9.128  -3.008  -25.398 1.00 63.15 ? 281 GLY B CA 1 
ATOM 667  C CA . HIS B 1 282 ? -7.492  -4.362  -28.517 1.00 64.97 ? 282 HIS B CA 1 
ATOM 668  C CA . LEU B 1 283 ? -7.027  -3.703  -32.195 1.00 58.20 ? 283 LEU B CA 1 
ATOM 669  C CA . LYS B 1 284 ? -6.602  -6.863  -34.276 1.00 60.67 ? 284 LYS B CA 1 
ATOM 670  C CA . CYS B 1 285 ? -4.722  -6.298  -37.484 1.00 58.33 ? 285 CYS B CA 1 
ATOM 671  C CA . ARG B 1 286 ? -3.534  -8.121  -40.570 1.00 54.29 ? 286 ARG B CA 1 
ATOM 672  C CA . LEU B 1 287 ? -0.267  -7.115  -42.268 1.00 60.84 ? 287 LEU B CA 1 
ATOM 673  C CA . ARG B 1 288 ? 0.854   -7.921  -45.800 1.00 52.70 ? 288 ARG B CA 1 
ATOM 674  C CA . MET B 1 289 ? 4.596   -7.586  -46.515 1.00 63.64 ? 289 MET B CA 1 
ATOM 675  C CA . ASP B 1 290 ? 4.890   -8.819  -50.118 1.00 67.32 ? 290 ASP B CA 1 
ATOM 676  C CA . LYS B 1 291 ? 5.721   -5.287  -51.190 1.00 55.15 ? 291 LYS B CA 1 
ATOM 677  C CA . LEU B 1 292 ? 8.506   -5.084  -48.600 1.00 50.51 ? 292 LEU B CA 1 
ATOM 678  C CA . GLN B 1 293 ? 12.128  -6.135  -48.927 1.00 56.66 ? 293 GLN B CA 1 
ATOM 679  C CA . LEU B 1 294 ? 15.283  -6.525  -46.873 1.00 53.17 ? 294 LEU B CA 1 
ATOM 680  C CA . LYS B 1 295 ? 17.794  -3.723  -47.086 1.00 58.03 ? 295 LYS B CA 1 
ATOM 681  C CA . GLY B 1 296 ? 21.243  -4.302  -48.522 1.00 58.04 ? 296 GLY B CA 1 
ATOM 682  C CA . MET B 1 297 ? 21.013  -7.784  -50.007 1.00 54.37 ? 297 MET B CA 1 
ATOM 683  C CA . SER B 1 298 ? 23.810  -7.170  -52.423 1.00 62.29 ? 298 SER B CA 1 
ATOM 684  C CA . TYR B 1 299 ? 26.132  -5.805  -49.855 1.00 58.89 ? 299 TYR B CA 1 
ATOM 685  C CA . SER B 1 300 ? 29.480  -7.321  -49.332 1.00 56.05 ? 300 SER B CA 1 
ATOM 686  C CA . MET B 1 301 ? 30.338  -9.360  -46.299 1.00 56.44 ? 301 MET B CA 1 
ATOM 687  C CA . CYS B 1 302 ? 32.201  -7.128  -43.851 1.00 51.91 ? 302 CYS B CA 1 
ATOM 688  C CA . THR B 1 303 ? 35.776  -8.353  -43.830 1.00 63.49 ? 303 THR B CA 1 
ATOM 689  C CA . GLY B 1 304 ? 37.244  -5.952  -41.277 1.00 65.05 ? 304 GLY B CA 1 
ATOM 690  C CA . LYS B 1 305 ? 37.022  -6.301  -37.500 1.00 62.55 ? 305 LYS B CA 1 
ATOM 691  C CA . PHE B 1 306 ? 34.456  -5.114  -35.005 1.00 54.01 ? 306 PHE B CA 1 
ATOM 692  C CA . LYS B 1 307 ? 34.627  -3.735  -31.514 1.00 56.26 ? 307 LYS B CA 1 
ATOM 693  C CA . VAL B 1 308 ? 31.965  -4.014  -28.839 1.00 58.92 ? 308 VAL B CA 1 
ATOM 694  C CA . VAL B 1 309 ? 30.851  -0.450  -28.245 1.00 48.48 ? 309 VAL B CA 1 
ATOM 695  C CA . LYS B 1 310 ? 28.082  -1.287  -25.815 1.00 44.48 ? 310 LYS B CA 1 
ATOM 696  C CA . GLU B 1 311 ? 27.675  -4.643  -24.123 1.00 51.02 ? 311 GLU B CA 1 
ATOM 697  C CA . ILE B 1 312 ? 25.534  -7.717  -24.658 1.00 49.77 ? 312 ILE B CA 1 
ATOM 698  C CA . ALA B 1 313 ? 22.567  -7.039  -22.399 1.00 49.29 ? 313 ALA B CA 1 
ATOM 699  C CA . GLU B 1 314 ? 19.631  -9.390  -21.974 1.00 58.79 ? 314 GLU B CA 1 
ATOM 700  C CA . THR B 1 315 ? 16.025  -8.227  -22.525 1.00 63.75 ? 315 THR B CA 1 
ATOM 701  C CA . GLN B 1 316 ? 13.089  -9.420  -20.483 1.00 62.04 ? 316 GLN B CA 1 
ATOM 702  C CA . HIS B 1 317 ? 12.318  -12.031 -23.124 1.00 67.13 ? 317 HIS B CA 1 
ATOM 703  C CA . GLY B 1 318 ? 15.512  -13.966 -23.413 1.00 69.61 ? 318 GLY B CA 1 
ATOM 704  C CA . THR B 1 319 ? 16.871  -11.969 -26.319 1.00 63.35 ? 319 THR B CA 1 
ATOM 705  C CA . ILE B 1 320 ? 20.256  -10.188 -26.158 1.00 61.82 ? 320 ILE B CA 1 
ATOM 706  C CA . VAL B 1 321 ? 21.164  -6.792  -27.600 1.00 52.57 ? 321 VAL B CA 1 
ATOM 707  C CA . ILE B 1 322 ? 24.707  -5.826  -28.599 1.00 45.41 ? 322 ILE B CA 1 
ATOM 708  C CA . ARG B 1 323 ? 26.186  -2.726  -30.188 1.00 36.19 ? 323 ARG B CA 1 
ATOM 709  C CA . VAL B 1 324 ? 29.302  -3.039  -32.233 1.00 49.76 ? 324 VAL B CA 1 
ATOM 710  C CA . GLN B 1 325 ? 31.416  -0.727  -34.306 1.00 49.71 ? 325 GLN B CA 1 
ATOM 711  C CA . TYR B 1 326 ? 33.030  -1.642  -37.615 1.00 54.33 ? 326 TYR B CA 1 
ATOM 712  C CA . GLU B 1 327 ? 36.637  -0.734  -38.118 1.00 54.72 ? 327 GLU B CA 1 
ATOM 713  C CA . GLY B 1 328 ? 37.176  -2.510  -41.403 1.00 57.98 ? 328 GLY B CA 1 
ATOM 714  C CA . ASP B 1 329 ? 37.376  -0.836  -44.807 1.00 68.61 ? 329 ASP B CA 1 
ATOM 715  C CA . GLY B 1 330 ? 34.422  -2.278  -46.744 1.00 71.79 ? 330 GLY B CA 1 
ATOM 716  C CA . SER B 1 331 ? 31.259  -0.295  -45.800 1.00 64.73 ? 331 SER B CA 1 
ATOM 717  C CA . PRO B 1 332 ? 28.465  -0.532  -46.851 1.00 56.43 ? 332 PRO B CA 1 
ATOM 718  C CA . CYS B 1 333 ? 28.553  -4.204  -45.923 1.00 42.97 ? 333 CYS B CA 1 
ATOM 719  C CA . LYS B 1 334 ? 26.692  -7.050  -44.150 1.00 45.24 ? 334 LYS B CA 1 
ATOM 720  C CA . ILE B 1 335 ? 27.757  -8.010  -40.637 1.00 53.10 ? 335 ILE B CA 1 
ATOM 721  C CA . PRO B 1 336 ? 28.939  -11.653 -40.250 1.00 53.44 ? 336 PRO B CA 1 
ATOM 722  C CA . PHE B 1 337 ? 26.807  -12.779 -37.315 1.00 56.85 ? 337 PHE B CA 1 
ATOM 723  C CA . GLU B 1 338 ? 26.328  -16.286 -35.983 1.00 66.39 ? 338 GLU B CA 1 
ATOM 724  C CA . ILE B 1 339 ? 25.519  -17.925 -32.665 1.00 56.98 ? 339 ILE B CA 1 
ATOM 725  C CA . MET B 1 340 ? 27.237  -21.263 -32.063 1.00 56.89 ? 340 MET B CA 1 
ATOM 726  C CA . ASP B 1 341 ? 27.315  -23.933 -29.392 1.00 66.64 ? 341 ASP B CA 1 
ATOM 727  C CA . LEU B 1 342 ? 30.198  -25.065 -27.190 1.00 71.33 ? 342 LEU B CA 1 
ATOM 728  C CA . GLU B 1 343 ? 32.000  -27.599 -29.555 1.00 68.65 ? 343 GLU B CA 1 
ATOM 729  C CA . LYS B 1 344 ? 32.395  -24.699 -31.944 1.00 52.32 ? 344 LYS B CA 1 
ATOM 730  C CA . ARG B 1 345 ? 30.295  -26.065 -34.830 1.00 57.70 ? 345 ARG B CA 1 
ATOM 731  C CA . HIS B 1 346 ? 26.494  -26.065 -34.995 1.00 59.24 ? 346 HIS B CA 1 
ATOM 732  C CA . VAL B 1 347 ? 24.510  -22.761 -35.229 1.00 65.64 ? 347 VAL B CA 1 
ATOM 733  C CA . LEU B 1 348 ? 22.055  -22.484 -32.304 1.00 65.24 ? 348 LEU B CA 1 
ATOM 734  C CA . GLY B 1 349 ? 20.504  -19.054 -32.530 1.00 57.85 ? 349 GLY B CA 1 
ATOM 735  C CA . ARG B 1 350 ? 18.367  -16.825 -34.684 1.00 61.97 ? 350 ARG B CA 1 
ATOM 736  C CA . LEU B 1 351 ? 18.666  -13.111 -35.338 1.00 58.02 ? 351 LEU B CA 1 
ATOM 737  C CA . ILE B 1 352 ? 15.800  -10.830 -34.452 1.00 62.80 ? 352 ILE B CA 1 
ATOM 738  C CA . THR B 1 353 ? 17.477  -7.842  -36.116 1.00 53.35 ? 353 THR B CA 1 
ATOM 739  C CA . VAL B 1 354 ? 17.769  -9.624  -39.436 1.00 70.99 ? 354 VAL B CA 1 
ATOM 740  C CA . ASN B 1 355 ? 20.374  -8.794  -42.072 1.00 69.59 ? 355 ASN B CA 1 
ATOM 741  C CA . PRO B 1 356 ? 22.652  -6.616  -39.893 1.00 58.04 ? 356 PRO B CA 1 
ATOM 742  C CA . ILE B 1 357 ? 24.652  -4.153  -42.033 1.00 51.48 ? 357 ILE B CA 1 
ATOM 743  C CA . VAL B 1 358 ? 27.285  -1.470  -41.471 1.00 59.65 ? 358 VAL B CA 1 
ATOM 744  C CA . THR B 1 359 ? 26.307  1.794   -43.112 1.00 64.57 ? 359 THR B CA 1 
ATOM 745  C CA . GLU B 1 360 ? 29.112  4.112   -41.959 1.00 65.92 ? 360 GLU B CA 1 
ATOM 746  C CA . LYS B 1 361 ? 32.531  3.359   -40.464 1.00 63.45 ? 361 LYS B CA 1 
ATOM 747  C CA . ASP B 1 362 ? 31.942  5.354   -37.296 1.00 62.90 ? 362 ASP B CA 1 
ATOM 748  C CA . SER B 1 363 ? 28.214  4.741   -36.738 1.00 61.17 ? 363 SER B CA 1 
ATOM 749  C CA . PRO B 1 364 ? 27.579  1.832   -34.331 1.00 56.36 ? 364 PRO B CA 1 
ATOM 750  C CA . VAL B 1 365 ? 25.073  -0.886  -35.138 1.00 57.34 ? 365 VAL B CA 1 
ATOM 751  C CA . ASN B 1 366 ? 22.646  -2.503  -32.720 1.00 46.42 ? 366 ASN B CA 1 
ATOM 752  C CA . ILE B 1 367 ? 21.734  -6.162  -33.138 1.00 52.16 ? 367 ILE B CA 1 
ATOM 753  C CA . GLU B 1 368 ? 19.145  -8.167  -31.242 1.00 51.88 ? 368 GLU B CA 1 
ATOM 754  C CA . ALA B 1 369 ? 19.442  -11.907 -31.300 1.00 59.35 ? 369 ALA B CA 1 
ATOM 755  C CA . GLU B 1 370 ? 17.801  -14.855 -29.652 1.00 62.26 ? 370 GLU B CA 1 
ATOM 756  C CA . PRO B 1 371 ? 20.507  -17.142 -28.218 1.00 65.45 ? 371 PRO B CA 1 
ATOM 757  C CA . PRO B 1 372 ? 19.666  -20.695 -27.154 1.00 67.36 ? 372 PRO B CA 1 
ATOM 758  C CA . PHE B 1 373 ? 19.197  -21.547 -23.490 1.00 66.85 ? 373 PHE B CA 1 
ATOM 759  C CA . GLY B 1 374 ? 22.378  -21.917 -21.536 1.00 62.22 ? 374 GLY B CA 1 
ATOM 760  C CA . ASP B 1 375 ? 25.890  -21.657 -22.972 1.00 66.65 ? 375 ASP B CA 1 
ATOM 761  C CA . SER B 1 376 ? 26.320  -20.235 -26.425 1.00 63.32 ? 376 SER B CA 1 
ATOM 762  C CA . TYR B 1 377 ? 28.688  -18.193 -28.588 1.00 53.00 ? 377 TYR B CA 1 
ATOM 763  C CA . ILE B 1 378 ? 28.279  -14.847 -30.231 1.00 47.94 ? 378 ILE B CA 1 
ATOM 764  C CA . ILE B 1 379 ? 30.701  -14.690 -33.132 1.00 39.14 ? 379 ILE B CA 1 
ATOM 765  C CA . ILE B 1 380 ? 30.870  -11.283 -34.773 1.00 41.56 ? 380 ILE B CA 1 
ATOM 766  C CA . GLY B 1 381 ? 32.824  -10.775 -37.965 1.00 50.27 ? 381 GLY B CA 1 
ATOM 767  C CA . VAL B 1 382 ? 35.258  -13.119 -39.622 1.00 63.55 ? 382 VAL B CA 1 
ATOM 768  C CA . GLU B 1 383 ? 38.825  -13.991 -38.682 1.00 63.87 ? 383 GLU B CA 1 
ATOM 769  C CA . PRO B 1 384 ? 41.264  -12.155 -38.279 1.00 68.03 ? 384 PRO B CA 1 
ATOM 770  C CA . GLY B 1 385 ? 40.168  -10.612 -34.963 1.00 66.35 ? 385 GLY B CA 1 
ATOM 771  C CA . GLN B 1 386 ? 36.768  -12.189 -35.077 1.00 53.66 ? 386 GLN B CA 1 
ATOM 772  C CA . LEU B 1 387 ? 34.781  -11.458 -31.896 1.00 50.13 ? 387 LEU B CA 1 
ATOM 773  C CA . LYS B 1 388 ? 33.816  -14.585 -29.947 1.00 48.44 ? 388 LYS B CA 1 
ATOM 774  C CA . LEU B 1 389 ? 31.627  -13.601 -27.056 1.00 58.11 ? 389 LEU B CA 1 
ATOM 775  C CA . ASP B 1 390 ? 30.408  -16.191 -24.554 1.00 61.52 ? 390 ASP B CA 1 
ATOM 776  C CA . TRP B 1 391 ? 26.839  -15.974 -23.279 1.00 56.57 ? 391 TRP B CA 1 
ATOM 777  C CA . PHE B 1 392 ? 24.708  -17.951 -20.831 1.00 51.93 ? 392 PHE B CA 1 
ATOM 778  C CA . LYS B 1 393 ? 20.951  -17.902 -20.933 1.00 64.54 ? 393 LYS B CA 1 
ATOM 779  C CA . LYS B 1 394 ? 18.515  -18.067 -18.047 1.00 76.35 ? 394 LYS B CA 1 
ATOM 780  C CA . GLY B 1 395 ? 16.891  -20.598 -16.632 1.00 19.84 ? 395 GLY B CA 1 
ATOM 781  C CA . MET C 1 1   ? -53.272 21.620  34.985  1.00 64.73 ? 1   MET C CA 1 
ATOM 782  C CA . ARG C 1 2   ? -50.344 21.729  32.577  1.00 56.23 ? 2   ARG C CA 1 
ATOM 783  C CA . CYS C 1 3   ? -50.827 18.143  31.327  1.00 52.89 ? 3   CYS C CA 1 
ATOM 784  C CA . ILE C 1 4   ? -54.196 18.945  29.863  1.00 56.04 ? 4   ILE C CA 1 
ATOM 785  C CA . GLY C 1 5   ? -53.867 19.146  26.097  1.00 57.95 ? 5   GLY C CA 1 
ATOM 786  C CA . ILE C 1 6   ? -50.656 16.673  25.668  1.00 54.37 ? 6   ILE C CA 1 
ATOM 787  C CA . SER C 1 7   ? -51.166 13.602  24.258  1.00 58.02 ? 7   SER C CA 1 
ATOM 788  C CA . ASN C 1 8   ? -48.478 11.531  25.877  1.00 51.46 ? 8   ASN C CA 1 
ATOM 789  C CA . ARG C 1 9   ? -49.930 11.975  29.615  1.00 50.29 ? 9   ARG C CA 1 
ATOM 790  C CA . ASP C 1 10  ? -50.366 9.509   31.855  1.00 54.23 ? 10  ASP C CA 1 
ATOM 791  C CA . PHE C 1 11  ? -52.969 9.086   34.625  1.00 58.02 ? 11  PHE C CA 1 
ATOM 792  C CA . VAL C 1 12  ? -51.755 7.654   37.925  1.00 62.15 ? 12  VAL C CA 1 
ATOM 793  C CA . GLU C 1 13  ? -54.022 7.220   41.036  1.00 68.59 ? 13  GLU C CA 1 
ATOM 794  C CA . GLY C 1 14  ? -52.335 7.230   44.599  1.00 66.70 ? 14  GLY C CA 1 
ATOM 795  C CA . VAL C 1 15  ? -53.367 4.982   47.489  1.00 76.69 ? 15  VAL C CA 1 
ATOM 796  C CA . SER C 1 16  ? -54.431 5.710   51.066  1.00 94.99 ? 16  SER C CA 1 
ATOM 797  C CA . SER C 1 19  ? -49.251 8.079   50.927  1.00 63.95 ? 19  SER C CA 1 
ATOM 798  C CA . TRP C 1 20  ? -47.159 6.602   48.101  1.00 48.78 ? 20  TRP C CA 1 
ATOM 799  C CA . VAL C 1 21  ? -47.340 6.785   44.387  1.00 63.36 ? 21  VAL C CA 1 
ATOM 800  C CA . ASP C 1 22  ? -45.232 5.658   41.629  1.00 58.93 ? 22  ASP C CA 1 
ATOM 801  C CA . ILE C 1 23  ? -44.638 7.686   38.458  1.00 68.53 ? 23  ILE C CA 1 
ATOM 802  C CA . VAL C 1 24  ? -42.365 7.775   35.403  1.00 55.77 ? 24  VAL C CA 1 
ATOM 803  C CA . LEU C 1 25  ? -41.296 10.970  33.718  1.00 56.39 ? 25  LEU C CA 1 
ATOM 804  C CA . GLU C 1 26  ? -39.597 11.593  30.385  1.00 54.89 ? 26  GLU C CA 1 
ATOM 805  C CA . HIS C 1 27  ? -39.190 14.629  28.127  1.00 52.18 ? 27  HIS C CA 1 
ATOM 806  C CA . GLY C 1 28  ? -42.440 15.112  26.237  1.00 61.76 ? 28  GLY C CA 1 
ATOM 807  C CA . SER C 1 29  ? -44.511 12.994  28.615  1.00 56.99 ? 29  SER C CA 1 
ATOM 808  C CA . CYS C 1 30  ? -46.657 14.309  31.450  1.00 60.44 ? 30  CYS C CA 1 
ATOM 809  C CA . VAL C 1 31  ? -48.268 12.707  34.446  1.00 52.36 ? 31  VAL C CA 1 
ATOM 810  C CA . THR C 1 32  ? -51.400 13.521  36.408  1.00 39.51 ? 32  THR C CA 1 
ATOM 811  C CA . THR C 1 33  ? -51.558 12.027  39.892  1.00 48.18 ? 33  THR C CA 1 
ATOM 812  C CA . MET C 1 34  ? -54.566 11.437  42.010  1.00 60.03 ? 34  MET C CA 1 
ATOM 813  C CA . ALA C 1 35  ? -54.811 10.361  45.610  1.00 62.96 ? 35  ALA C CA 1 
ATOM 814  C CA . LYS C 1 36  ? -58.142 10.974  47.329  1.00 70.17 ? 36  LYS C CA 1 
ATOM 815  C CA . ASN C 1 37  ? -58.534 13.598  50.011  1.00 67.39 ? 37  ASN C CA 1 
ATOM 816  C CA . LYS C 1 38  ? -55.485 14.835  48.216  1.00 61.44 ? 38  LYS C CA 1 
ATOM 817  C CA . PRO C 1 39  ? -54.900 17.407  45.422  1.00 67.22 ? 39  PRO C CA 1 
ATOM 818  C CA . THR C 1 40  ? -54.513 16.405  41.819  1.00 61.01 ? 40  THR C CA 1 
ATOM 819  C CA . LEU C 1 41  ? -51.064 17.125  40.484  1.00 42.63 ? 41  LEU C CA 1 
ATOM 820  C CA . ASP C 1 42  ? -49.445 17.419  37.096  1.00 33.41 ? 42  ASP C CA 1 
ATOM 821  C CA . PHE C 1 43  ? -45.836 16.345  36.725  1.00 48.49 ? 43  PHE C CA 1 
ATOM 822  C CA . GLU C 1 44  ? -43.459 17.132  33.907  1.00 59.48 ? 44  GLU C CA 1 
ATOM 823  C CA . LEU C 1 45  ? -39.716 16.709  33.384  1.00 51.66 ? 45  LEU C CA 1 
ATOM 824  C CA . ILE C 1 46  ? -38.705 20.006  31.898  1.00 47.12 ? 46  ILE C CA 1 
ATOM 825  C CA . LYS C 1 47  ? -34.835 19.789  31.881  1.00 46.48 ? 47  LYS C CA 1 
ATOM 826  C CA . THR C 1 48  ? -31.821 17.514  32.341  1.00 56.77 ? 48  THR C CA 1 
ATOM 827  C CA . GLU C 1 49  ? -28.515 19.227  33.115  1.00 57.35 ? 49  GLU C CA 1 
ATOM 828  C CA . ALA C 1 50  ? -24.995 17.830  33.035  1.00 64.03 ? 50  ALA C CA 1 
ATOM 829  C CA . LYS C 1 51  ? -22.911 19.614  35.628  1.00 61.74 ? 51  LYS C CA 1 
ATOM 830  C CA . GLN C 1 52  ? -15.435 22.250  28.740  1.00 76.35 ? 52  GLN C CA 1 
ATOM 831  C CA . PRO C 1 53  ? -15.636 18.374  28.766  1.00 62.90 ? 53  PRO C CA 1 
ATOM 832  C CA . ALA C 1 54  ? -12.927 16.243  27.160  1.00 61.73 ? 54  ALA C CA 1 
ATOM 833  C CA . THR C 1 55  ? -11.880 15.013  23.801  1.00 50.61 ? 55  THR C CA 1 
ATOM 834  C CA . LEU C 1 56  ? -11.619 11.222  23.700  1.00 60.81 ? 56  LEU C CA 1 
ATOM 835  C CA . ARG C 1 57  ? -10.501 11.434  20.100  1.00 55.06 ? 57  ARG C CA 1 
ATOM 836  C CA . LYS C 1 58  ? -10.613 13.643  16.997  1.00 48.03 ? 58  LYS C CA 1 
ATOM 837  C CA . TYR C 1 59  ? -11.425 12.299  13.496  1.00 45.46 ? 59  TYR C CA 1 
ATOM 838  C CA . CYS C 1 60  ? -10.447 13.799  10.154  1.00 43.49 ? 60  CYS C CA 1 
ATOM 839  C CA . ILE C 1 61  ? -13.365 13.562  7.747   1.00 60.63 ? 61  ILE C CA 1 
ATOM 840  C CA . GLU C 1 62  ? -11.933 15.514  4.835   1.00 56.17 ? 62  GLU C CA 1 
ATOM 841  C CA . ALA C 1 63  ? -8.316  15.646  3.692   1.00 53.82 ? 63  ALA C CA 1 
ATOM 842  C CA . LYS C 1 64  ? -5.876  17.226  1.253   1.00 49.71 ? 64  LYS C CA 1 
ATOM 843  C CA . LEU C 1 65  ? -2.933  15.659  -0.572  1.00 60.02 ? 65  LEU C CA 1 
ATOM 844  C CA . THR C 1 66  ? -0.203  17.940  -1.739  1.00 62.11 ? 66  THR C CA 1 
ATOM 845  C CA . ASN C 1 67  ? 3.516   18.461  -2.122  1.00 55.55 ? 67  ASN C CA 1 
ATOM 846  C CA . THR C 1 68  ? 3.976   15.085  -3.822  1.00 62.88 ? 68  THR C CA 1 
ATOM 847  C CA . THR C 1 69  ? 7.532   13.929  -4.043  1.00 61.14 ? 69  THR C CA 1 
ATOM 848  C CA . THR C 1 70  ? 9.043   10.708  -5.275  1.00 61.76 ? 70  THR C CA 1 
ATOM 849  C CA . ASP C 1 71  ? 12.318  8.813   -5.502  1.00 61.99 ? 71  ASP C CA 1 
ATOM 850  C CA . SER C 1 72  ? 12.950  6.211   -8.182  1.00 58.82 ? 72  SER C CA 1 
ATOM 851  C CA . ARG C 1 73  ? 16.028  4.053   -8.538  1.00 50.16 ? 73  ARG C CA 1 
ATOM 852  C CA . CYS C 1 74  ? 17.459  2.269   -11.581 1.00 53.62 ? 74  CYS C CA 1 
ATOM 853  C CA . PRO C 1 75  ? 17.093  -1.534  -11.992 1.00 48.58 ? 75  PRO C CA 1 
ATOM 854  C CA . THR C 1 76  ? 20.485  -1.881  -10.331 1.00 65.27 ? 76  THR C CA 1 
ATOM 855  C CA . GLN C 1 77  ? 20.556  1.029   -7.843  1.00 64.93 ? 77  GLN C CA 1 
ATOM 856  C CA . GLY C 1 78  ? 18.530  -0.880  -5.252  1.00 53.26 ? 78  GLY C CA 1 
ATOM 857  C CA . GLU C 1 79  ? 15.895  0.629   -2.909  1.00 55.12 ? 79  GLU C CA 1 
ATOM 858  C CA . PRO C 1 80  ? 14.201  4.070   -3.019  1.00 55.13 ? 80  PRO C CA 1 
ATOM 859  C CA . THR C 1 81  ? 14.411  6.571   -0.163  1.00 63.14 ? 81  THR C CA 1 
ATOM 860  C CA . LEU C 1 82  ? 12.718  9.817   0.695   1.00 57.24 ? 82  LEU C CA 1 
ATOM 861  C CA . ASN C 1 83  ? 13.300  11.813  3.789   1.00 54.77 ? 83  ASN C CA 1 
ATOM 862  C CA . GLU C 1 84  ? 9.577   12.447  3.607   1.00 51.87 ? 84  GLU C CA 1 
ATOM 863  C CA . GLU C 1 85  ? 9.300   8.826   4.764   1.00 62.67 ? 85  GLU C CA 1 
ATOM 864  C CA . GLN C 1 86  ? 10.104  10.153  8.233   1.00 55.68 ? 86  GLN C CA 1 
ATOM 865  C CA . ASP C 1 87  ? 7.926   13.241  8.144   1.00 49.21 ? 87  ASP C CA 1 
ATOM 866  C CA . LYS C 1 88  ? 4.858   11.880  9.858   1.00 52.49 ? 88  LYS C CA 1 
ATOM 867  C CA . ARG C 1 89  ? 2.753   14.358  7.895   1.00 47.20 ? 89  ARG C CA 1 
ATOM 868  C CA . PHE C 1 90  ? 3.502   12.421  4.740   1.00 50.40 ? 90  PHE C CA 1 
ATOM 869  C CA . VAL C 1 91  ? 1.884   9.241   3.563   1.00 67.05 ? 91  VAL C CA 1 
ATOM 870  C CA . CYS C 1 92  ? 4.050   6.864   1.477   1.00 63.25 ? 92  CYS C CA 1 
ATOM 871  C CA . LYS C 1 93  ? 4.058   3.675   -0.571  1.00 60.61 ? 93  LYS C CA 1 
ATOM 872  C CA . HIS C 1 94  ? 6.679   1.615   -2.449  1.00 60.55 ? 94  HIS C CA 1 
ATOM 873  C CA . SER C 1 95  ? 6.129   0.236   -5.942  1.00 65.09 ? 95  SER C CA 1 
ATOM 874  C CA . MET C 1 96  ? 8.195   -0.840  -8.973  1.00 60.25 ? 96  MET C CA 1 
ATOM 875  C CA . VAL C 1 97  ? 8.292   0.718   -12.460 1.00 55.80 ? 97  VAL C CA 1 
ATOM 876  C CA . ASP C 1 98  ? 9.937   -0.145  -15.737 1.00 60.62 ? 98  ASP C CA 1 
ATOM 877  C CA . ARG C 1 99  ? 13.299  1.513   -16.269 1.00 52.98 ? 99  ARG C CA 1 
ATOM 878  C CA . GLY C 1 100 ? 15.758  1.667   -19.181 1.00 43.04 ? 100 GLY C CA 1 
ATOM 879  C CA . TRP C 1 101 ? 17.821  3.860   -21.480 1.00 48.46 ? 101 TRP C CA 1 
ATOM 880  C CA . GLY C 1 102 ? 14.616  5.735   -22.380 1.00 65.95 ? 102 GLY C CA 1 
ATOM 881  C CA . ASN C 1 103 ? 14.197  7.145   -18.905 1.00 74.43 ? 103 ASN C CA 1 
ATOM 882  C CA . GLY C 1 104 ? 17.695  7.361   -17.444 1.00 77.92 ? 104 GLY C CA 1 
ATOM 883  C CA . CYS C 1 105 ? 19.163  3.947   -16.741 1.00 61.74 ? 105 CYS C CA 1 
ATOM 884  C CA . GLY C 1 106 ? 21.903  1.949   -18.422 1.00 57.95 ? 106 GLY C CA 1 
ATOM 885  C CA . LEU C 1 107 ? 20.088  -1.202  -17.471 1.00 48.84 ? 107 LEU C CA 1 
ATOM 886  C CA . PHE C 1 108 ? 16.629  -2.464  -18.269 1.00 45.19 ? 108 PHE C CA 1 
ATOM 887  C CA . GLY C 1 109 ? 14.215  -3.777  -15.661 1.00 54.63 ? 109 GLY C CA 1 
ATOM 888  C CA . LYS C 1 110 ? 12.083  -2.863  -12.696 1.00 57.20 ? 110 LYS C CA 1 
ATOM 889  C CA . GLY C 1 111 ? 13.539  -0.041  -10.679 1.00 46.82 ? 111 GLY C CA 1 
ATOM 890  C CA . GLY C 1 112 ? 11.969  0.697   -7.346  1.00 52.09 ? 112 GLY C CA 1 
ATOM 891  C CA . ILE C 1 113 ? 10.028  3.819   -6.463  1.00 48.40 ? 113 ILE C CA 1 
ATOM 892  C CA . VAL C 1 114 ? 8.523   5.377   -3.403  1.00 42.21 ? 114 VAL C CA 1 
ATOM 893  C CA . THR C 1 115 ? 5.953   8.135   -3.627  1.00 46.13 ? 115 THR C CA 1 
ATOM 894  C CA . CYS C 1 116 ? 4.997   10.329  -0.674  1.00 50.86 ? 116 CYS C CA 1 
ATOM 895  C CA . ALA C 1 117 ? 2.541   13.205  -0.238  1.00 54.50 ? 117 ALA C CA 1 
ATOM 896  C CA . MET C 1 118 ? 1.742   15.499  2.652   1.00 48.06 ? 118 MET C CA 1 
ATOM 897  C CA . PHE C 1 119 ? -1.642  14.778  4.201   1.00 57.00 ? 119 PHE C CA 1 
ATOM 898  C CA . THR C 1 120 ? -3.622  17.733  5.489   1.00 59.06 ? 120 THR C CA 1 
ATOM 899  C CA . CYS C 1 121 ? -6.924  17.624  7.314   1.00 55.83 ? 121 CYS C CA 1 
ATOM 900  C CA . LYS C 1 122 ? -9.535  20.058  5.927   1.00 46.26 ? 122 LYS C CA 1 
ATOM 901  C CA . LYS C 1 123 ? -12.531 19.312  8.165   1.00 53.86 ? 123 LYS C CA 1 
ATOM 902  C CA . ASN C 1 124 ? -13.034 17.269  11.371  1.00 48.07 ? 124 ASN C CA 1 
ATOM 903  C CA . MET C 1 125 ? -15.351 15.936  14.093  1.00 61.21 ? 125 MET C CA 1 
ATOM 904  C CA . GLU C 1 126 ? -14.586 15.357  17.786  1.00 49.65 ? 126 GLU C CA 1 
ATOM 905  C CA . GLY C 1 127 ? -15.750 12.781  20.282  1.00 46.07 ? 127 GLY C CA 1 
ATOM 906  C CA . LYS C 1 128 ? -16.299 14.031  23.814  1.00 48.59 ? 128 LYS C CA 1 
ATOM 907  C CA . ILE C 1 129 ? -16.743 12.382  27.155  1.00 60.58 ? 129 ILE C CA 1 
ATOM 908  C CA . VAL C 1 130 ? -19.810 13.598  28.969  1.00 66.87 ? 130 VAL C CA 1 
ATOM 909  C CA . GLN C 1 131 ? -20.595 13.631  32.733  1.00 61.67 ? 131 GLN C CA 1 
ATOM 910  C CA . PRO C 1 132 ? -24.114 14.586  33.836  1.00 67.04 ? 132 PRO C CA 1 
ATOM 911  C CA . GLU C 1 133 ? -26.638 9.588   38.806  1.00 62.75 ? 133 GLU C CA 1 
ATOM 912  C CA . ASN C 1 134 ? -24.725 12.849  38.570  1.00 56.83 ? 134 ASN C CA 1 
ATOM 913  C CA . LEU C 1 135 ? -27.162 14.607  36.134  1.00 61.53 ? 135 LEU C CA 1 
ATOM 914  C CA . GLU C 1 136 ? -29.529 17.159  37.559  1.00 51.63 ? 136 GLU C CA 1 
ATOM 915  C CA . TYR C 1 137 ? -33.179 17.013  36.697  1.00 58.95 ? 137 TYR C CA 1 
ATOM 916  C CA . THR C 1 138 ? -35.731 19.777  36.745  1.00 44.81 ? 138 THR C CA 1 
ATOM 917  C CA . VAL C 1 139 ? -39.398 18.857  37.263  1.00 50.46 ? 139 VAL C CA 1 
ATOM 918  C CA . VAL C 1 140 ? -42.482 21.027  37.299  1.00 42.94 ? 140 VAL C CA 1 
ATOM 919  C CA . ILE C 1 141 ? -45.387 20.241  39.573  1.00 48.88 ? 141 ILE C CA 1 
ATOM 920  C CA . THR C 1 142 ? -48.633 22.013  38.708  1.00 45.97 ? 142 THR C CA 1 
ATOM 921  C CA . PRO C 1 143 ? -51.569 21.342  41.081  1.00 52.21 ? 143 PRO C CA 1 
ATOM 922  C CA . HIS C 1 144 ? -55.094 21.242  39.596  1.00 62.10 ? 144 HIS C CA 1 
ATOM 923  C CA . SER C 1 145 ? -56.131 24.477  41.268  1.00 61.82 ? 145 SER C CA 1 
ATOM 924  C CA . GLY C 1 146 ? -58.597 25.280  38.484  1.00 60.34 ? 146 GLY C CA 1 
ATOM 925  C CA . GLU C 1 147 ? -57.178 28.777  37.954  1.00 60.15 ? 147 GLU C CA 1 
ATOM 926  C CA . GLU C 1 148 ? -58.671 30.661  34.960  1.00 52.37 ? 148 GLU C CA 1 
ATOM 927  C CA . HIS C 1 149 ? -55.421 30.253  33.045  1.00 41.64 ? 149 HIS C CA 1 
ATOM 928  C CA . ALA C 1 150 ? -54.008 27.009  34.511  1.00 52.66 ? 150 ALA C CA 1 
ATOM 929  C CA . VAL C 1 151 ? -55.082 24.582  31.721  1.00 49.49 ? 151 VAL C CA 1 
ATOM 930  C CA . GLY C 1 152 ? -52.043 23.393  29.782  1.00 42.18 ? 152 GLY C CA 1 
ATOM 931  C CA . ASN C 1 153 ? -50.190 26.598  30.570  1.00 47.42 ? 153 ASN C CA 1 
ATOM 932  C CA . ASP C 1 154 ? -46.646 25.988  29.295  1.00 57.80 ? 154 ASP C CA 1 
ATOM 933  C CA . THR C 1 155 ? -45.023 28.835  31.194  1.00 58.72 ? 155 THR C CA 1 
ATOM 934  C CA . GLY C 1 156 ? -44.230 27.501  34.628  1.00 61.36 ? 156 GLY C CA 1 
ATOM 935  C CA . LYS C 1 157 ? -45.784 30.182  36.774  1.00 65.11 ? 157 LYS C CA 1 
ATOM 936  C CA . HIS C 1 158 ? -48.616 27.901  37.806  1.00 67.97 ? 158 HIS C CA 1 
ATOM 937  C CA . GLY C 1 159 ? -46.126 25.420  39.118  1.00 53.51 ? 159 GLY C CA 1 
ATOM 938  C CA . LYS C 1 160 ? -43.132 24.799  41.294  1.00 58.49 ? 160 LYS C CA 1 
ATOM 939  C CA . GLU C 1 161 ? -39.888 23.837  39.657  1.00 53.58 ? 161 GLU C CA 1 
ATOM 940  C CA . VAL C 1 162 ? -37.966 21.177  41.473  1.00 59.57 ? 162 VAL C CA 1 
ATOM 941  C CA . LYS C 1 163 ? -34.401 20.023  40.898  1.00 55.38 ? 163 LYS C CA 1 
ATOM 942  C CA . ILE C 1 164 ? -33.751 16.410  41.651  1.00 60.66 ? 164 ILE C CA 1 
ATOM 943  C CA . THR C 1 165 ? -30.134 15.960  42.336  1.00 50.90 ? 165 THR C CA 1 
ATOM 944  C CA . PRO C 1 166 ? -29.257 12.313  41.815  1.00 57.21 ? 166 PRO C CA 1 
ATOM 945  C CA . GLN C 1 167 ? -26.561 13.409  43.984  1.00 64.74 ? 167 GLN C CA 1 
ATOM 946  C CA . SER C 1 168 ? -27.424 15.337  46.635  1.00 59.09 ? 168 SER C CA 1 
ATOM 947  C CA . SER C 1 169 ? -30.645 13.436  47.143  1.00 60.48 ? 169 SER C CA 1 
ATOM 948  C CA . ILE C 1 170 ? -34.344 13.284  47.879  1.00 62.76 ? 170 ILE C CA 1 
ATOM 949  C CA . THR C 1 171 ? -36.126 16.533  47.053  1.00 60.18 ? 171 THR C CA 1 
ATOM 950  C CA . GLU C 1 172 ? -38.949 18.068  49.102  1.00 57.70 ? 172 GLU C CA 1 
ATOM 951  C CA . ALA C 1 173 ? -41.581 20.505  47.805  1.00 59.71 ? 173 ALA C CA 1 
ATOM 952  C CA . GLU C 1 174 ? -43.569 23.482  48.957  1.00 62.07 ? 174 GLU C CA 1 
ATOM 953  C CA . LEU C 1 175 ? -46.947 23.408  47.272  1.00 60.13 ? 175 LEU C CA 1 
ATOM 954  C CA . THR C 1 176 ? -48.260 26.743  48.490  1.00 60.78 ? 176 THR C CA 1 
ATOM 955  C CA . GLY C 1 177 ? -51.658 26.504  50.138  1.00 66.22 ? 177 GLY C CA 1 
ATOM 956  C CA . TYR C 1 178 ? -51.504 22.742  49.651  1.00 54.92 ? 178 TYR C CA 1 
ATOM 957  C CA . GLY C 1 179 ? -48.633 21.741  51.870  1.00 55.89 ? 179 GLY C CA 1 
ATOM 958  C CA . THR C 1 180 ? -45.623 19.694  51.006  1.00 52.19 ? 180 THR C CA 1 
ATOM 959  C CA . VAL C 1 181 ? -44.839 16.730  48.809  1.00 51.67 ? 181 VAL C CA 1 
ATOM 960  C CA . THR C 1 182 ? -41.714 14.579  48.473  1.00 44.63 ? 182 THR C CA 1 
ATOM 961  C CA . MET C 1 183 ? -39.756 12.967  45.665  1.00 43.73 ? 183 MET C CA 1 
ATOM 962  C CA . GLU C 1 184 ? -37.256 10.154  45.257  1.00 48.27 ? 184 GLU C CA 1 
ATOM 963  C CA . CYS C 1 185 ? -36.372 9.288   41.680  1.00 54.26 ? 185 CYS C CA 1 
ATOM 964  C CA . SER C 1 186 ? -34.173 6.840   39.852  1.00 64.58 ? 186 SER C CA 1 
ATOM 965  C CA . PRO C 1 187 ? -32.518 7.687   36.518  1.00 57.68 ? 187 PRO C CA 1 
ATOM 966  C CA . ARG C 1 188 ? -33.613 4.902   34.243  1.00 72.34 ? 188 ARG C CA 1 
ATOM 967  C CA . THR C 1 189 ? -32.864 4.029   30.594  1.00 73.26 ? 189 THR C CA 1 
ATOM 968  C CA . GLY C 1 190 ? -32.189 1.172   28.272  1.00 72.80 ? 190 GLY C CA 1 
ATOM 969  C CA . LEU C 1 191 ? -28.658 5.270   28.187  1.00 79.77 ? 191 LEU C CA 1 
ATOM 970  C CA . ASP C 1 192 ? -25.521 4.527   30.160  1.00 79.65 ? 192 ASP C CA 1 
ATOM 971  C CA . PHE C 1 193 ? -23.348 7.567   29.670  1.00 67.90 ? 193 PHE C CA 1 
ATOM 972  C CA . ASN C 1 194 ? -19.916 6.197   30.358  1.00 67.03 ? 194 ASN C CA 1 
ATOM 973  C CA . GLU C 1 195 ? -20.301 3.888   27.419  1.00 71.54 ? 195 GLU C CA 1 
ATOM 974  C CA . MET C 1 196 ? -21.538 6.652   25.179  1.00 46.89 ? 196 MET C CA 1 
ATOM 975  C CA . VAL C 1 197 ? -19.822 9.601   23.542  1.00 43.72 ? 197 VAL C CA 1 
ATOM 976  C CA . LEU C 1 198 ? -20.876 13.037  22.384  1.00 48.34 ? 198 LEU C CA 1 
ATOM 977  C CA . LEU C 1 199 ? -19.871 13.232  18.721  1.00 51.24 ? 199 LEU C CA 1 
ATOM 978  C CA . GLN C 1 200 ? -19.789 16.752  17.266  1.00 60.02 ? 200 GLN C CA 1 
ATOM 979  C CA . MET C 1 201 ? -19.776 17.615  13.577  1.00 68.73 ? 201 MET C CA 1 
ATOM 980  C CA . LYS C 1 202 ? -20.088 21.337  13.371  1.00 60.22 ? 202 LYS C CA 1 
ATOM 981  C CA . ASP C 1 203 ? -23.544 22.329  14.533  1.00 55.86 ? 203 ASP C CA 1 
ATOM 982  C CA . LYS C 1 204 ? -24.799 18.750  14.793  1.00 49.20 ? 204 LYS C CA 1 
ATOM 983  C CA . ALA C 1 205 ? -23.995 16.178  17.506  1.00 44.93 ? 205 ALA C CA 1 
ATOM 984  C CA . TRP C 1 206 ? -25.208 12.754  18.596  1.00 45.96 ? 206 TRP C CA 1 
ATOM 985  C CA . LEU C 1 207 ? -24.527 10.459  21.523  1.00 60.98 ? 207 LEU C CA 1 
ATOM 986  C CA . VAL C 1 208 ? -22.772 7.314   20.336  1.00 55.24 ? 208 VAL C CA 1 
ATOM 987  C CA . HIS C 1 209 ? -21.146 4.253   21.915  1.00 50.65 ? 209 HIS C CA 1 
ATOM 988  C CA . ARG C 1 210 ? -17.461 4.074   22.725  1.00 60.63 ? 210 ARG C CA 1 
ATOM 989  C CA . GLN C 1 211 ? -16.275 1.111   20.580  1.00 60.65 ? 211 GLN C CA 1 
ATOM 990  C CA . TRP C 1 212 ? -18.351 2.192   17.649  1.00 50.67 ? 212 TRP C CA 1 
ATOM 991  C CA . PHE C 1 213 ? -16.711 5.608   17.865  1.00 43.86 ? 213 PHE C CA 1 
ATOM 992  C CA . LEU C 1 214 ? -13.241 4.177   18.270  1.00 49.98 ? 214 LEU C CA 1 
ATOM 993  C CA . ASP C 1 215 ? -13.720 1.651   15.485  1.00 60.68 ? 215 ASP C CA 1 
ATOM 994  C CA . LEU C 1 216 ? -14.271 4.518   13.108  1.00 58.74 ? 216 LEU C CA 1 
ATOM 995  C CA . PRO C 1 217 ? -12.143 3.876   9.963   1.00 70.47 ? 217 PRO C CA 1 
ATOM 996  C CA . LEU C 1 218 ? -10.763 7.379   9.766   1.00 61.29 ? 218 LEU C CA 1 
ATOM 997  C CA . PRO C 1 219 ? -7.616  9.370   10.429  1.00 40.89 ? 219 PRO C CA 1 
ATOM 998  C CA . TRP C 1 220 ? -7.404  10.595  14.008  1.00 36.38 ? 220 TRP C CA 1 
ATOM 999  C CA . LEU C 1 221 ? -5.602  12.579  16.665  1.00 42.25 ? 221 LEU C CA 1 
ATOM 1000 C CA . PRO C 1 222 ? -5.456  11.583  20.363  1.00 48.27 ? 222 PRO C CA 1 
ATOM 1001 C CA . GLY C 1 223 ? -7.933  13.304  22.676  1.00 48.40 ? 223 GLY C CA 1 
ATOM 1002 C CA . ALA C 1 224 ? -4.707  14.499  24.274  1.00 54.91 ? 224 ALA C CA 1 
ATOM 1003 C CA . GLY C 1 228 ? -1.973  18.414  14.966  1.00 58.49 ? 228 GLY C CA 1 
ATOM 1004 C CA . SER C 1 229 ? 0.532   15.888  16.180  1.00 59.70 ? 229 SER C CA 1 
ATOM 1005 C CA . ASN C 1 230 ? 0.398   13.747  13.112  1.00 50.95 ? 230 ASN C CA 1 
ATOM 1006 C CA . TRP C 1 231 ? -2.830  12.083  12.241  1.00 36.17 ? 231 TRP C CA 1 
ATOM 1007 C CA . ILE C 1 232 ? -3.012  8.374   12.762  1.00 47.42 ? 232 ILE C CA 1 
ATOM 1008 C CA . GLN C 1 233 ? -4.211  5.954   10.099  1.00 53.92 ? 233 GLN C CA 1 
ATOM 1009 C CA . LYS C 1 234 ? -4.129  8.427   7.221   1.00 46.11 ? 234 LYS C CA 1 
ATOM 1010 C CA . GLU C 1 235 ? -4.165  5.600   4.683   1.00 66.27 ? 235 GLU C CA 1 
ATOM 1011 C CA . THR C 1 236 ? -7.820  5.135   5.454   1.00 64.98 ? 236 THR C CA 1 
ATOM 1012 C CA . LEU C 1 237 ? -8.261  8.204   3.247   1.00 59.68 ? 237 LEU C CA 1 
ATOM 1013 C CA . VAL C 1 238 ? -5.328  7.787   0.892   1.00 55.13 ? 238 VAL C CA 1 
ATOM 1014 C CA . THR C 1 239 ? -4.868  5.572   -2.150  1.00 62.52 ? 239 THR C CA 1 
ATOM 1015 C CA . PHE C 1 240 ? -1.900  4.672   -4.350  1.00 69.09 ? 240 PHE C CA 1 
ATOM 1016 C CA . LYS C 1 241 ? -2.036  3.463   -7.930  1.00 68.85 ? 241 LYS C CA 1 
ATOM 1017 C CA . ASN C 1 242 ? 0.491   2.075   -10.420 1.00 71.30 ? 242 ASN C CA 1 
ATOM 1018 C CA . PRO C 1 243 ? -1.539  0.395   -13.212 1.00 62.30 ? 243 PRO C CA 1 
ATOM 1019 C CA . HIS C 1 244 ? 1.081   0.086   -15.952 1.00 57.78 ? 244 HIS C CA 1 
ATOM 1020 C CA . ALA C 1 245 ? 4.365   0.137   -14.057 1.00 64.71 ? 245 ALA C CA 1 
ATOM 1021 C CA . LYS C 1 246 ? 5.011   3.658   -15.370 1.00 58.43 ? 246 LYS C CA 1 
ATOM 1022 C CA . LYS C 1 247 ? 4.541   5.912   -12.383 1.00 59.25 ? 247 LYS C CA 1 
ATOM 1023 C CA . GLN C 1 248 ? 2.647   5.831   -9.140  1.00 60.80 ? 248 GLN C CA 1 
ATOM 1024 C CA . ASP C 1 249 ? -0.098  8.266   -8.245  1.00 54.67 ? 249 ASP C CA 1 
ATOM 1025 C CA . VAL C 1 250 ? -1.699  8.998   -4.889  1.00 54.29 ? 250 VAL C CA 1 
ATOM 1026 C CA . VAL C 1 251 ? -5.147  10.371  -4.184  1.00 49.14 ? 251 VAL C CA 1 
ATOM 1027 C CA . VAL C 1 252 ? -7.417  11.168  -1.265  1.00 52.07 ? 252 VAL C CA 1 
ATOM 1028 C CA . LEU C 1 253 ? -10.978 9.887   -0.851  1.00 65.87 ? 253 LEU C CA 1 
ATOM 1029 C CA . GLY C 1 254 ? -13.127 12.920  -0.346  1.00 55.09 ? 254 GLY C CA 1 
ATOM 1030 C CA . SER C 1 255 ? -15.375 14.069  2.434   1.00 52.67 ? 255 SER C CA 1 
ATOM 1031 C CA . GLN C 1 256 ? -16.786 11.330  4.569   1.00 65.62 ? 256 GLN C CA 1 
ATOM 1032 C CA . GLU C 1 257 ? -19.196 13.898  6.008   1.00 49.01 ? 257 GLU C CA 1 
ATOM 1033 C CA . GLY C 1 258 ? -22.268 12.564  4.237   1.00 46.20 ? 258 GLY C CA 1 
ATOM 1034 C CA . ALA C 1 259 ? -20.980 9.082   4.887   1.00 52.36 ? 259 ALA C CA 1 
ATOM 1035 C CA . MET C 1 260 ? -20.879 9.736   8.642   1.00 55.44 ? 260 MET C CA 1 
ATOM 1036 C CA . HIS C 1 261 ? -24.401 11.166  8.787   1.00 44.78 ? 261 HIS C CA 1 
ATOM 1037 C CA . THR C 1 262 ? -25.635 8.025   7.105   1.00 53.67 ? 262 THR C CA 1 
ATOM 1038 C CA . ALA C 1 263 ? -23.980 5.958   9.811   1.00 45.10 ? 263 ALA C CA 1 
ATOM 1039 C CA . LEU C 1 264 ? -25.519 8.187   12.435  1.00 47.65 ? 264 LEU C CA 1 
ATOM 1040 C CA . THR C 1 265 ? -28.985 7.521   11.048  1.00 54.41 ? 265 THR C CA 1 
ATOM 1041 C CA . GLY C 1 266 ? -31.246 9.213   13.526  1.00 49.10 ? 266 GLY C CA 1 
ATOM 1042 C CA . ALA C 1 267 ? -29.201 7.838   16.435  1.00 53.03 ? 267 ALA C CA 1 
ATOM 1043 C CA . THR C 1 268 ? -29.415 9.711   19.652  1.00 65.02 ? 268 THR C CA 1 
ATOM 1044 C CA . GLU C 1 269 ? -29.129 13.157  18.099  1.00 46.94 ? 269 GLU C CA 1 
ATOM 1045 C CA . ILE C 1 270 ? -28.596 16.142  20.400  1.00 53.40 ? 270 ILE C CA 1 
ATOM 1046 C CA . GLN C 1 271 ? -27.387 18.654  17.964  1.00 48.19 ? 271 GLN C CA 1 
ATOM 1047 C CA . MET C 1 272 ? -28.545 22.075  18.556  1.00 65.02 ? 272 MET C CA 1 
ATOM 1048 C CA . SER C 1 273 ? -30.960 24.149  20.335  1.00 77.88 ? 273 SER C CA 1 
ATOM 1049 C CA . SER C 1 274 ? -29.387 27.475  19.444  1.00 89.24 ? 274 SER C CA 1 
ATOM 1050 C CA . GLY C 1 275 ? -25.762 26.306  19.387  1.00 74.25 ? 275 GLY C CA 1 
ATOM 1051 C CA . ASN C 1 276 ? -30.201 22.093  26.660  1.00 63.70 ? 276 ASN C CA 1 
ATOM 1052 C CA . LEU C 1 277 ? -30.359 18.317  26.860  1.00 53.57 ? 277 LEU C CA 1 
ATOM 1053 C CA . LEU C 1 278 ? -33.150 16.032  25.750  1.00 51.50 ? 278 LEU C CA 1 
ATOM 1054 C CA . PHE C 1 279 ? -32.651 13.171  28.245  1.00 61.31 ? 279 PHE C CA 1 
ATOM 1055 C CA . THR C 1 280 ? -32.836 9.788   26.487  1.00 69.82 ? 280 THR C CA 1 
ATOM 1056 C CA . GLY C 1 281 ? -34.966 7.579   28.654  1.00 66.35 ? 281 GLY C CA 1 
ATOM 1057 C CA . HIS C 1 282 ? -36.954 7.608   31.861  1.00 62.81 ? 282 HIS C CA 1 
ATOM 1058 C CA . LEU C 1 283 ? -36.875 8.791   35.437  1.00 55.09 ? 283 LEU C CA 1 
ATOM 1059 C CA . LYS C 1 284 ? -38.807 6.552   37.833  1.00 49.92 ? 284 LYS C CA 1 
ATOM 1060 C CA . CYS C 1 285 ? -40.001 8.345   40.917  1.00 47.68 ? 285 CYS C CA 1 
ATOM 1061 C CA . ARG C 1 286 ? -41.850 7.739   44.153  1.00 42.02 ? 286 ARG C CA 1 
ATOM 1062 C CA . LEU C 1 287 ? -44.054 10.470  45.656  1.00 48.35 ? 287 LEU C CA 1 
ATOM 1063 C CA . ARG C 1 288 ? -45.301 10.739  49.227  1.00 53.51 ? 288 ARG C CA 1 
ATOM 1064 C CA . MET C 1 289 ? -48.294 13.046  49.813  1.00 63.89 ? 289 MET C CA 1 
ATOM 1065 C CA . ASP C 1 290 ? -49.056 12.530  53.520  1.00 72.45 ? 290 ASP C CA 1 
ATOM 1066 C CA . LYS C 1 291 ? -47.888 16.066  54.186  1.00 62.93 ? 291 LYS C CA 1 
ATOM 1067 C CA . LEU C 1 292 ? -50.253 17.420  51.525  1.00 54.86 ? 292 LEU C CA 1 
ATOM 1068 C CA . GLN C 1 293 ? -53.877 18.451  51.880  1.00 61.40 ? 293 GLN C CA 1 
ATOM 1069 C CA . LEU C 1 294 ? -56.847 19.550  49.805  1.00 59.02 ? 294 LEU C CA 1 
ATOM 1070 C CA . LYS C 1 295 ? -57.523 23.254  49.656  1.00 56.10 ? 295 LYS C CA 1 
ATOM 1071 C CA . GLY C 1 296 ? -60.717 24.711  51.065  1.00 47.89 ? 296 GLY C CA 1 
ATOM 1072 C CA . MET C 1 297 ? -62.278 21.796  52.922  1.00 69.28 ? 297 MET C CA 1 
ATOM 1073 C CA . SER C 1 298 ? -64.257 24.023  55.191  1.00 57.67 ? 298 SER C CA 1 
ATOM 1074 C CA . TYR C 1 299 ? -65.622 26.122  52.437  1.00 47.41 ? 299 TYR C CA 1 
ATOM 1075 C CA . SER C 1 300 ? -69.287 26.529  52.002  1.00 56.87 ? 300 SER C CA 1 
ATOM 1076 C CA . MET C 1 301 ? -71.188 24.933  49.187  1.00 59.18 ? 301 MET C CA 1 
ATOM 1077 C CA . CYS C 1 302 ? -71.705 27.539  46.470  1.00 58.36 ? 302 CYS C CA 1 
ATOM 1078 C CA . THR C 1 303 ? -75.394 28.363  46.497  1.00 68.13 ? 303 THR C CA 1 
ATOM 1079 C CA . GLY C 1 304 ? -75.490 30.896  43.668  1.00 65.01 ? 304 GLY C CA 1 
ATOM 1080 C CA . LYS C 1 305 ? -75.618 30.092  39.956  1.00 53.55 ? 305 LYS C CA 1 
ATOM 1081 C CA . PHE C 1 306 ? -72.902 29.501  37.409  1.00 46.27 ? 306 PHE C CA 1 
ATOM 1082 C CA . LYS C 1 307 ? -72.457 30.395  33.787  1.00 52.36 ? 307 LYS C CA 1 
ATOM 1083 C CA . VAL C 1 308 ? -70.428 28.493  31.221  1.00 54.62 ? 308 VAL C CA 1 
ATOM 1084 C CA . VAL C 1 309 ? -67.645 30.871  30.272  1.00 51.19 ? 309 VAL C CA 1 
ATOM 1085 C CA . LYS C 1 310 ? -65.805 28.467  28.012  1.00 46.19 ? 310 LYS C CA 1 
ATOM 1086 C CA . GLU C 1 311 ? -67.265 25.236  26.701  1.00 51.63 ? 311 GLU C CA 1 
ATOM 1087 C CA . ILE C 1 312 ? -67.019 21.570  27.613  1.00 52.87 ? 312 ILE C CA 1 
ATOM 1088 C CA . ALA C 1 313 ? -64.216 20.364  25.365  1.00 60.05 ? 313 ALA C CA 1 
ATOM 1089 C CA . GLU C 1 314 ? -62.949 16.799  25.264  1.00 65.02 ? 314 GLU C CA 1 
ATOM 1090 C CA . THR C 1 315 ? -59.247 15.963  25.771  1.00 67.40 ? 315 THR C CA 1 
ATOM 1091 C CA . GLN C 1 316 ? -57.437 13.211  23.939  1.00 64.67 ? 316 GLN C CA 1 
ATOM 1092 C CA . HIS C 1 317 ? -58.042 10.871  26.862  1.00 67.94 ? 317 HIS C CA 1 
ATOM 1093 C CA . GLY C 1 318 ? -61.763 10.927  27.283  1.00 63.75 ? 318 GLY C CA 1 
ATOM 1094 C CA . THR C 1 319 ? -61.779 13.629  29.925  1.00 51.79 ? 319 THR C CA 1 
ATOM 1095 C CA . ILE C 1 320 ? -63.746 16.883  29.495  1.00 53.38 ? 320 ILE C CA 1 
ATOM 1096 C CA . VAL C 1 321 ? -62.702 20.384  30.541  1.00 56.34 ? 321 VAL C CA 1 
ATOM 1097 C CA . ILE C 1 322 ? -65.186 23.152  31.347  1.00 49.97 ? 322 ILE C CA 1 
ATOM 1098 C CA . ARG C 1 323 ? -64.777 26.714  32.558  1.00 40.98 ? 323 ARG C CA 1 
ATOM 1099 C CA . VAL C 1 324 ? -67.524 28.286  34.551  1.00 44.97 ? 324 VAL C CA 1 
ATOM 1100 C CA . GLN C 1 325 ? -68.050 31.561  36.313  1.00 43.49 ? 325 GLN C CA 1 
ATOM 1101 C CA . TYR C 1 326 ? -69.783 31.971  39.662  1.00 51.21 ? 326 TYR C CA 1 
ATOM 1102 C CA . GLU C 1 327 ? -72.371 34.673  39.979  1.00 57.28 ? 327 GLU C CA 1 
ATOM 1103 C CA . GLY C 1 328 ? -73.635 33.789  43.424  1.00 63.57 ? 328 GLY C CA 1 
ATOM 1104 C CA . ASP C 1 329 ? -72.813 35.665  46.622  1.00 73.81 ? 329 ASP C CA 1 
ATOM 1105 C CA . GLY C 1 330 ? -70.972 33.106  48.772  1.00 67.57 ? 330 GLY C CA 1 
ATOM 1106 C CA . SER C 1 331 ? -67.275 33.040  47.694  1.00 59.82 ? 331 SER C CA 1 
ATOM 1107 C CA . PRO C 1 332 ? -64.977 31.493  48.830  1.00 51.14 ? 332 PRO C CA 1 
ATOM 1108 C CA . CYS C 1 333 ? -66.996 28.332  48.301  1.00 42.09 ? 333 CYS C CA 1 
ATOM 1109 C CA . LYS C 1 334 ? -66.954 24.766  46.888  1.00 46.93 ? 334 LYS C CA 1 
ATOM 1110 C CA . ILE C 1 335 ? -68.488 24.143  43.475  1.00 56.14 ? 335 ILE C CA 1 
ATOM 1111 C CA . PRO C 1 336 ? -71.406 21.632  43.455  1.00 60.16 ? 336 PRO C CA 1 
ATOM 1112 C CA . PHE C 1 337 ? -70.279 19.263  40.708  1.00 60.71 ? 337 PHE C CA 1 
ATOM 1113 C CA . GLU C 1 338 ? -71.743 15.903  39.773  1.00 66.86 ? 338 GLU C CA 1 
ATOM 1114 C CA . ILE C 1 339 ? -72.026 13.747  36.670  1.00 58.51 ? 339 ILE C CA 1 
ATOM 1115 C CA . MET C 1 340 ? -75.250 11.752  36.391  1.00 52.05 ? 340 MET C CA 1 
ATOM 1116 C CA . ASP C 1 341 ? -76.803 9.253   34.022  1.00 60.20 ? 341 ASP C CA 1 
ATOM 1117 C CA . LEU C 1 342 ? -79.932 9.567   31.887  1.00 70.08 ? 342 LEU C CA 1 
ATOM 1118 C CA . GLU C 1 343 ? -82.702 8.605   34.469  1.00 69.23 ? 343 GLU C CA 1 
ATOM 1119 C CA . LYS C 1 344 ? -81.444 11.518  36.522  1.00 63.29 ? 344 LYS C CA 1 
ATOM 1120 C CA . ARG C 1 345 ? -80.257 9.565   39.586  1.00 65.95 ? 345 ARG C CA 1 
ATOM 1121 C CA . HIS C 1 346 ? -77.008 7.602   39.840  1.00 65.81 ? 346 HIS C CA 1 
ATOM 1122 C CA . VAL C 1 347 ? -73.589 9.392   39.764  1.00 62.28 ? 347 VAL C CA 1 
ATOM 1123 C CA . LEU C 1 348 ? -71.456 8.043   36.884  1.00 63.98 ? 348 LEU C CA 1 
ATOM 1124 C CA . GLY C 1 349 ? -68.341 10.165  36.775  1.00 64.48 ? 349 GLY C CA 1 
ATOM 1125 C CA . ARG C 1 350 ? -65.279 11.164  38.727  1.00 67.39 ? 350 ARG C CA 1 
ATOM 1126 C CA . LEU C 1 351 ? -63.578 14.534  38.971  1.00 60.03 ? 351 LEU C CA 1 
ATOM 1127 C CA . ILE C 1 352 ? -59.978 14.881  37.911  1.00 58.19 ? 352 ILE C CA 1 
ATOM 1128 C CA . THR C 1 353 ? -59.795 18.458  39.204  1.00 60.90 ? 353 THR C CA 1 
ATOM 1129 C CA . VAL C 1 354 ? -60.851 17.447  42.689  1.00 63.06 ? 354 VAL C CA 1 
ATOM 1130 C CA . ASN C 1 355 ? -62.545 19.782  45.158  1.00 66.01 ? 355 ASN C CA 1 
ATOM 1131 C CA . PRO C 1 356 ? -63.434 22.587  42.705  1.00 61.27 ? 356 PRO C CA 1 
ATOM 1132 C CA . ILE C 1 357 ? -63.782 25.939  44.520  1.00 53.66 ? 357 ILE C CA 1 
ATOM 1133 C CA . VAL C 1 358 ? -64.653 29.523  43.611  1.00 61.35 ? 358 VAL C CA 1 
ATOM 1134 C CA . THR C 1 359 ? -62.061 31.952  44.914  1.00 61.79 ? 359 THR C CA 1 
ATOM 1135 C CA . GLU C 1 360 ? -63.290 35.255  43.454  1.00 62.14 ? 360 GLU C CA 1 
ATOM 1136 C CA . LYS C 1 361 ? -66.653 36.243  41.968  1.00 60.25 ? 361 LYS C CA 1 
ATOM 1137 C CA . ASP C 1 362 ? -65.227 37.297  38.618  1.00 55.25 ? 362 ASP C CA 1 
ATOM 1138 C CA . SER C 1 363 ? -62.386 34.778  38.217  1.00 56.15 ? 363 SER C CA 1 
ATOM 1139 C CA . PRO C 1 364 ? -63.445 31.733  36.152  1.00 46.91 ? 364 PRO C CA 1 
ATOM 1140 C CA . VAL C 1 365 ? -62.692 28.208  37.304  1.00 54.34 ? 365 VAL C CA 1 
ATOM 1141 C CA . ASN C 1 366 ? -61.549 25.322  35.132  1.00 54.03 ? 366 ASN C CA 1 
ATOM 1142 C CA . ILE C 1 367 ? -62.660 21.790  35.964  1.00 64.04 ? 367 ILE C CA 1 
ATOM 1143 C CA . GLU C 1 368 ? -61.563 18.546  34.356  1.00 56.46 ? 368 GLU C CA 1 
ATOM 1144 C CA . ALA C 1 369 ? -63.761 15.538  34.809  1.00 51.24 ? 369 ALA C CA 1 
ATOM 1145 C CA . GLU C 1 370 ? -63.953 12.013  33.527  1.00 48.11 ? 370 GLU C CA 1 
ATOM 1146 C CA . PRO C 1 371 ? -67.504 11.338  32.285  1.00 70.69 ? 371 PRO C CA 1 
ATOM 1147 C CA . PRO C 1 372 ? -68.673 7.778   31.627  1.00 73.93 ? 372 PRO C CA 1 
ATOM 1148 C CA . PHE C 1 373 ? -68.850 6.432   28.090  1.00 69.15 ? 373 PHE C CA 1 
ATOM 1149 C CA . GLY C 1 374 ? -71.827 7.572   26.112  1.00 58.64 ? 374 GLY C CA 1 
ATOM 1150 C CA . ASP C 1 375 ? -74.635 9.772   27.429  1.00 57.57 ? 375 ASP C CA 1 
ATOM 1151 C CA . SER C 1 376 ? -74.138 11.559  30.699  1.00 58.84 ? 376 SER C CA 1 
ATOM 1152 C CA . TYR C 1 377 ? -75.017 14.748  32.573  1.00 50.38 ? 377 TYR C CA 1 
ATOM 1153 C CA . ILE C 1 378 ? -72.869 17.542  33.855  1.00 63.62 ? 378 ILE C CA 1 
ATOM 1154 C CA . ILE C 1 379 ? -74.748 19.237  36.666  1.00 56.34 ? 379 ILE C CA 1 
ATOM 1155 C CA . ILE C 1 380 ? -73.060 22.381  37.925  1.00 59.61 ? 380 ILE C CA 1 
ATOM 1156 C CA . GLY C 1 381 ? -74.348 24.162  40.997  1.00 58.92 ? 381 GLY C CA 1 
ATOM 1157 C CA . VAL C 1 382 ? -77.584 23.617  42.840  1.00 71.72 ? 382 VAL C CA 1 
ATOM 1158 C CA . GLU C 1 383 ? -81.115 24.638  41.916  1.00 64.41 ? 383 GLU C CA 1 
ATOM 1159 C CA . PRO C 1 384 ? -82.255 27.424  41.260  1.00 67.59 ? 384 PRO C CA 1 
ATOM 1160 C CA . GLY C 1 385 ? -80.637 27.815  37.825  1.00 63.42 ? 385 GLY C CA 1 
ATOM 1161 C CA . GLN C 1 386 ? -78.553 24.720  38.187  1.00 59.25 ? 386 GLN C CA 1 
ATOM 1162 C CA . LEU C 1 387 ? -76.593 23.973  34.993  1.00 60.89 ? 387 LEU C CA 1 
ATOM 1163 C CA . LYS C 1 388 ? -77.466 20.618  33.416  1.00 60.26 ? 388 LYS C CA 1 
ATOM 1164 C CA . LEU C 1 389 ? -75.192 20.011  30.488  1.00 64.26 ? 389 LEU C CA 1 
ATOM 1165 C CA . ASP C 1 390 ? -75.589 16.921  28.308  1.00 60.48 ? 390 ASP C CA 1 
ATOM 1166 C CA . TRP C 1 391 ? -72.477 15.112  27.101  1.00 65.38 ? 391 TRP C CA 1 
ATOM 1167 C CA . PHE C 1 392 ? -71.776 12.073  24.931  1.00 59.67 ? 392 PHE C CA 1 
ATOM 1168 C CA . LYS C 1 393 ? -68.542 10.168  25.114  1.00 66.51 ? 393 LYS C CA 1 
ATOM 1169 C CA . LYS C 1 394 ? -66.654 8.458   22.321  1.00 80.96 ? 394 LYS C CA 1 
ATOM 1170 C CA . GLY C 1 395 ? -66.636 5.322   21.225  1.00 19.84 ? 395 GLY C CA 1 
# 
